data_6UFA
# 
_entry.id   6UFA 
# 
_audit_conform.dict_name       mmcif_pdbx.dic 
_audit_conform.dict_version    5.403 
_audit_conform.dict_location   http://mmcif.pdb.org/dictionaries/ascii/mmcif_pdbx.dic 
# 
loop_
_database_2.database_id 
_database_2.database_code 
_database_2.pdbx_database_accession 
_database_2.pdbx_DOI 
PDB   6UFA         pdb_00006ufa 10.2210/pdb6ufa/pdb 
WWPDB D_1000244520 ?            ?                   
# 
loop_
_pdbx_audit_revision_history.ordinal 
_pdbx_audit_revision_history.data_content_type 
_pdbx_audit_revision_history.major_revision 
_pdbx_audit_revision_history.minor_revision 
_pdbx_audit_revision_history.revision_date 
_pdbx_audit_revision_history.part_number 
1 'Structure model' 1 0 2020-12-02 ? 
2 'Structure model' 1 1 2025-04-02 ? 
# 
_pdbx_audit_revision_details.ordinal             1 
_pdbx_audit_revision_details.revision_ordinal    1 
_pdbx_audit_revision_details.data_content_type   'Structure model' 
_pdbx_audit_revision_details.provider            repository 
_pdbx_audit_revision_details.type                'Initial release' 
_pdbx_audit_revision_details.description         ? 
_pdbx_audit_revision_details.details             ? 
# 
loop_
_pdbx_audit_revision_group.ordinal 
_pdbx_audit_revision_group.revision_ordinal 
_pdbx_audit_revision_group.data_content_type 
_pdbx_audit_revision_group.group 
1 2 'Structure model' 'Data collection'     
2 2 'Structure model' 'Database references' 
3 2 'Structure model' 'Structure summary'   
# 
loop_
_pdbx_audit_revision_category.ordinal 
_pdbx_audit_revision_category.revision_ordinal 
_pdbx_audit_revision_category.data_content_type 
_pdbx_audit_revision_category.category 
1 2 'Structure model' chem_comp_atom            
2 2 'Structure model' chem_comp_bond            
3 2 'Structure model' database_2                
4 2 'Structure model' pdbx_entry_details        
5 2 'Structure model' pdbx_modification_feature 
# 
loop_
_pdbx_audit_revision_item.ordinal 
_pdbx_audit_revision_item.revision_ordinal 
_pdbx_audit_revision_item.data_content_type 
_pdbx_audit_revision_item.item 
1 2 'Structure model' '_database_2.pdbx_DOI'                         
2 2 'Structure model' '_database_2.pdbx_database_accession'          
3 2 'Structure model' '_pdbx_entry_details.has_protein_modification' 
# 
_pdbx_database_status.status_code                     REL 
_pdbx_database_status.status_code_sf                  REL 
_pdbx_database_status.status_code_mr                  ? 
_pdbx_database_status.entry_id                        6UFA 
_pdbx_database_status.recvd_initial_deposition_date   2019-09-24 
_pdbx_database_status.SG_entry                        N 
_pdbx_database_status.deposit_site                    RCSB 
_pdbx_database_status.process_site                    RCSB 
_pdbx_database_status.status_code_cs                  ? 
_pdbx_database_status.methods_development_category    ? 
_pdbx_database_status.pdb_format_compatible           Y 
_pdbx_database_status.status_code_nmr_data            ? 
# 
_pdbx_database_related.db_name        PDB 
_pdbx_database_related.details        'same peptide but without zinc' 
_pdbx_database_related.db_id          6UF9 
_pdbx_database_related.content_type   unspecified 
# 
loop_
_audit_author.name 
_audit_author.pdbx_ordinal 
_audit_author.identifier_ORCID 
'Mulligan, V.K.'  1 0000-0001-6038-8922 
'Kang, C.S.'      2 0000-0003-0959-0783 
'Antselovich, I.' 3 0000-0002-2208-9937 
'Sawaya, M.R.'    4 0000-0003-0874-9043 
'Yeates, T.O.'    5 0000-0001-5709-9839 
'Baker, D.'       6 0000-0001-7896-6217 
# 
_citation.abstract                  ? 
_citation.abstract_id_CAS           ? 
_citation.book_id_ISBN              ? 
_citation.book_publisher            ? 
_citation.book_publisher_city       ? 
_citation.book_title                ? 
_citation.coordinate_linkage        ? 
_citation.country                   US 
_citation.database_id_Medline       ? 
_citation.details                   ? 
_citation.id                        primary 
_citation.journal_abbrev            'Protein Sci.' 
_citation.journal_id_ASTM           PRCIEI 
_citation.journal_id_CSD            0795 
_citation.journal_id_ISSN           1469-896X 
_citation.journal_full              ? 
_citation.journal_issue             ? 
_citation.journal_volume            29 
_citation.language                  ? 
_citation.page_first                2433 
_citation.page_last                 2445 
_citation.title                     'Computational design of mixed chirality peptide macrocycles with internal symmetry.' 
_citation.year                      2020 
_citation.database_id_CSD           ? 
_citation.pdbx_database_id_DOI      10.1002/pro.3974 
_citation.pdbx_database_id_PubMed   33058266 
_citation.unpublished_flag          ? 
# 
loop_
_citation_author.citation_id 
_citation_author.name 
_citation_author.ordinal 
_citation_author.identifier_ORCID 
primary 'Mulligan, V.K.'  1  0000-0001-6038-8922 
primary 'Kang, C.S.'      2  0000-0003-0959-0783 
primary 'Sawaya, M.R.'    3  ?                   
primary 'Rettie, S.'      4  ?                   
primary 'Li, X.'          5  ?                   
primary 'Antselovich, I.' 6  ?                   
primary 'Craven, T.W.'    7  ?                   
primary 'Watkins, A.M.'   8  ?                   
primary 'Labonte, J.W.'   9  ?                   
primary 'DiMaio, F.'      10 ?                   
primary 'Yeates, T.O.'    11 0000-0001-5709-9839 
primary 'Baker, D.'       12 ?                   
# 
loop_
_entity.id 
_entity.type 
_entity.src_method 
_entity.pdbx_description 
_entity.formula_weight 
_entity.pdbx_number_of_molecules 
_entity.pdbx_ec 
_entity.pdbx_mutation 
_entity.pdbx_fragment 
_entity.details 
1 polymer     syn 'S4-1, Tim, Zinc-bound form' 2907.329 1  ? ? ? ? 
2 non-polymer syn 'ZINC ION'                   65.409   1  ? ? ? ? 
3 water       nat water                        18.015   35 ? ? ? ? 
# 
_entity_poly.entity_id                      1 
_entity_poly.type                           'polypeptide(L)' 
_entity_poly.nstd_linkage                   no 
_entity_poly.nstd_monomer                   yes 
_entity_poly.pdbx_seq_one_letter_code       'KL(DGN)(DGL)(AIB)H(DLY)(DLE)QE(AIB)(DHI)KL(DGN)(DGL)(AIB)H(DLY)(DLE)QE(AIB)(DHI)' 
_entity_poly.pdbx_seq_one_letter_code_can   KLQEAHKLQEAHKLQEAHKLQEAH 
_entity_poly.pdbx_strand_id                 A 
_entity_poly.pdbx_target_identifier         ? 
# 
loop_
_pdbx_entity_nonpoly.entity_id 
_pdbx_entity_nonpoly.name 
_pdbx_entity_nonpoly.comp_id 
2 'ZINC ION' ZN  
3 water      HOH 
# 
loop_
_entity_poly_seq.entity_id 
_entity_poly_seq.num 
_entity_poly_seq.mon_id 
_entity_poly_seq.hetero 
1 1  LYS n 
1 2  LEU n 
1 3  DGN n 
1 4  DGL n 
1 5  AIB n 
1 6  HIS n 
1 7  DLY n 
1 8  DLE n 
1 9  GLN n 
1 10 GLU n 
1 11 AIB n 
1 12 DHI n 
1 13 LYS n 
1 14 LEU n 
1 15 DGN n 
1 16 DGL n 
1 17 AIB n 
1 18 HIS n 
1 19 DLY n 
1 20 DLE n 
1 21 GLN n 
1 22 GLU n 
1 23 AIB n 
1 24 DHI n 
# 
_pdbx_entity_src_syn.entity_id              1 
_pdbx_entity_src_syn.pdbx_src_id            1 
_pdbx_entity_src_syn.pdbx_alt_source_flag   sample 
_pdbx_entity_src_syn.pdbx_beg_seq_num       1 
_pdbx_entity_src_syn.pdbx_end_seq_num       24 
_pdbx_entity_src_syn.organism_scientific    'synthetic construct' 
_pdbx_entity_src_syn.organism_common_name   ? 
_pdbx_entity_src_syn.ncbi_taxonomy_id       32630 
_pdbx_entity_src_syn.details                'ab initio design' 
# 
loop_
_chem_comp.id 
_chem_comp.type 
_chem_comp.mon_nstd_flag 
_chem_comp.name 
_chem_comp.pdbx_synonyms 
_chem_comp.formula 
_chem_comp.formula_weight 
AIB 'L-peptide linking' n 'ALPHA-AMINOISOBUTYRIC ACID' ? 'C4 H9 N O2'     103.120 
DGL 'D-peptide linking' . 'D-GLUTAMIC ACID'            ? 'C5 H9 N O4'     147.129 
DGN 'D-peptide linking' . D-GLUTAMINE                  ? 'C5 H10 N2 O3'   146.144 
DHI 'D-peptide linking' . D-HISTIDINE                  ? 'C6 H10 N3 O2 1' 156.162 
DLE 'D-peptide linking' . D-LEUCINE                    ? 'C6 H13 N O2'    131.173 
DLY 'D-peptide linking' . D-LYSINE                     ? 'C6 H14 N2 O2'   146.188 
GLN 'L-peptide linking' y GLUTAMINE                    ? 'C5 H10 N2 O3'   146.144 
GLU 'L-peptide linking' y 'GLUTAMIC ACID'              ? 'C5 H9 N O4'     147.129 
HIS 'L-peptide linking' y HISTIDINE                    ? 'C6 H10 N3 O2 1' 156.162 
HOH non-polymer         . WATER                        ? 'H2 O'           18.015  
LEU 'L-peptide linking' y LEUCINE                      ? 'C6 H13 N O2'    131.173 
LYS 'L-peptide linking' y LYSINE                       ? 'C6 H15 N2 O2 1' 147.195 
ZN  non-polymer         . 'ZINC ION'                   ? 'Zn 2'           65.409  
# 
loop_
_pdbx_poly_seq_scheme.asym_id 
_pdbx_poly_seq_scheme.entity_id 
_pdbx_poly_seq_scheme.seq_id 
_pdbx_poly_seq_scheme.mon_id 
_pdbx_poly_seq_scheme.ndb_seq_num 
_pdbx_poly_seq_scheme.pdb_seq_num 
_pdbx_poly_seq_scheme.auth_seq_num 
_pdbx_poly_seq_scheme.pdb_mon_id 
_pdbx_poly_seq_scheme.auth_mon_id 
_pdbx_poly_seq_scheme.pdb_strand_id 
_pdbx_poly_seq_scheme.pdb_ins_code 
_pdbx_poly_seq_scheme.hetero 
A 1 1  LYS 1  1  1  LYS LYS A . n 
A 1 2  LEU 2  2  2  LEU LEU A . n 
A 1 3  DGN 3  3  3  DGN DGN A . n 
A 1 4  DGL 4  4  4  DGL DGL A . n 
A 1 5  AIB 5  5  5  AIB AIB A . n 
A 1 6  HIS 6  6  6  HIS HIS A . n 
A 1 7  DLY 7  7  7  DLY DLY A . n 
A 1 8  DLE 8  8  8  DLE DLE A . n 
A 1 9  GLN 9  9  9  GLN GLN A . n 
A 1 10 GLU 10 10 10 GLU GLU A . n 
A 1 11 AIB 11 11 11 AIB AIB A . n 
A 1 12 DHI 12 12 12 DHI DHI A . n 
A 1 13 LYS 13 13 13 LYS LYS A . n 
A 1 14 LEU 14 14 14 LEU LEU A . n 
A 1 15 DGN 15 15 15 DGN DGN A . n 
A 1 16 DGL 16 16 16 DGL DGL A . n 
A 1 17 AIB 17 17 17 AIB AIB A . n 
A 1 18 HIS 18 18 18 HIS HIS A . n 
A 1 19 DLY 19 19 19 DLY DLY A . n 
A 1 20 DLE 20 20 20 DLE DLE A . n 
A 1 21 GLN 21 21 21 GLN GLN A . n 
A 1 22 GLU 22 22 22 GLU GLU A . n 
A 1 23 AIB 23 23 23 AIB AIB A . n 
A 1 24 DHI 24 24 24 DHI DHI A . n 
# 
loop_
_pdbx_nonpoly_scheme.asym_id 
_pdbx_nonpoly_scheme.entity_id 
_pdbx_nonpoly_scheme.mon_id 
_pdbx_nonpoly_scheme.ndb_seq_num 
_pdbx_nonpoly_scheme.pdb_seq_num 
_pdbx_nonpoly_scheme.auth_seq_num 
_pdbx_nonpoly_scheme.pdb_mon_id 
_pdbx_nonpoly_scheme.auth_mon_id 
_pdbx_nonpoly_scheme.pdb_strand_id 
_pdbx_nonpoly_scheme.pdb_ins_code 
B 2 ZN  1  101 26 ZN  ZN  A . 
C 3 HOH 1  201 52 HOH HOH A . 
C 3 HOH 2  202 61 HOH HOH A . 
C 3 HOH 3  203 37 HOH HOH A . 
C 3 HOH 4  204 38 HOH HOH A . 
C 3 HOH 5  205 60 HOH HOH A . 
C 3 HOH 6  206 33 HOH HOH A . 
C 3 HOH 7  207 32 HOH HOH A . 
C 3 HOH 8  208 27 HOH HOH A . 
C 3 HOH 9  209 47 HOH HOH A . 
C 3 HOH 10 210 57 HOH HOH A . 
C 3 HOH 11 211 46 HOH HOH A . 
C 3 HOH 12 212 29 HOH HOH A . 
C 3 HOH 13 213 30 HOH HOH A . 
C 3 HOH 14 214 40 HOH HOH A . 
C 3 HOH 15 215 39 HOH HOH A . 
C 3 HOH 16 216 28 HOH HOH A . 
C 3 HOH 17 217 34 HOH HOH A . 
C 3 HOH 18 218 45 HOH HOH A . 
C 3 HOH 19 219 44 HOH HOH A . 
C 3 HOH 20 220 35 HOH HOH A . 
C 3 HOH 21 221 42 HOH HOH A . 
C 3 HOH 22 222 49 HOH HOH A . 
C 3 HOH 23 223 31 HOH HOH A . 
C 3 HOH 24 224 59 HOH HOH A . 
C 3 HOH 25 225 51 HOH HOH A . 
C 3 HOH 26 226 36 HOH HOH A . 
C 3 HOH 27 227 55 HOH HOH A . 
C 3 HOH 28 228 43 HOH HOH A . 
C 3 HOH 29 229 48 HOH HOH A . 
C 3 HOH 30 230 54 HOH HOH A . 
C 3 HOH 31 231 50 HOH HOH A . 
C 3 HOH 32 232 56 HOH HOH A . 
C 3 HOH 33 233 53 HOH HOH A . 
C 3 HOH 34 234 41 HOH HOH A . 
C 3 HOH 35 235 58 HOH HOH A . 
# 
loop_
_software.citation_id 
_software.classification 
_software.compiler_name 
_software.compiler_version 
_software.contact_author 
_software.contact_author_email 
_software.date 
_software.description 
_software.dependencies 
_software.hardware 
_software.language 
_software.location 
_software.mods 
_software.name 
_software.os 
_software.os_version 
_software.type 
_software.version 
_software.pdbx_ordinal 
? refinement        ? ? ? ? ? ? ? ? ? ? ? REFMAC      ? ? ? 5.8.0253 1 
? 'data reduction'  ? ? ? ? ? ? ? ? ? ? ? XDS         ? ? ? 20180126 2 
? 'data scaling'    ? ? ? ? ? ? ? ? ? ? ? XSCALE      ? ? ? 20180126 3 
? 'data extraction' ? ? ? ? ? ? ? ? ? ? ? PDB_EXTRACT ? ? ? 3.25     4 
? phasing           ? ? ? ? ? ? ? ? ? ? ? SHELXT      ? ? ? .        5 
# 
_cell.angle_alpha                  106.103 
_cell.angle_alpha_esd              ? 
_cell.angle_beta                   94.813 
_cell.angle_beta_esd               ? 
_cell.angle_gamma                  89.429 
_cell.angle_gamma_esd              ? 
_cell.entry_id                     6UFA 
_cell.details                      ? 
_cell.formula_units_Z              ? 
_cell.length_a                     20.960 
_cell.length_a_esd                 ? 
_cell.length_b                     20.980 
_cell.length_b_esd                 ? 
_cell.length_c                     26.880 
_cell.length_c_esd                 ? 
_cell.volume                       ? 
_cell.volume_esd                   ? 
_cell.Z_PDB                        2 
_cell.reciprocal_angle_alpha       ? 
_cell.reciprocal_angle_beta        ? 
_cell.reciprocal_angle_gamma       ? 
_cell.reciprocal_angle_alpha_esd   ? 
_cell.reciprocal_angle_beta_esd    ? 
_cell.reciprocal_angle_gamma_esd   ? 
_cell.reciprocal_length_a          ? 
_cell.reciprocal_length_b          ? 
_cell.reciprocal_length_c          ? 
_cell.reciprocal_length_a_esd      ? 
_cell.reciprocal_length_b_esd      ? 
_cell.reciprocal_length_c_esd      ? 
_cell.pdbx_unique_axis             ? 
# 
_symmetry.entry_id                         6UFA 
_symmetry.cell_setting                     ? 
_symmetry.Int_Tables_number                2 
_symmetry.space_group_name_Hall            ? 
_symmetry.space_group_name_H-M             'P -1' 
_symmetry.pdbx_full_space_group_name_H-M   ? 
# 
_exptl.absorpt_coefficient_mu     ? 
_exptl.absorpt_correction_T_max   ? 
_exptl.absorpt_correction_T_min   ? 
_exptl.absorpt_correction_type    ? 
_exptl.absorpt_process_details    ? 
_exptl.entry_id                   6UFA 
_exptl.crystals_number            1 
_exptl.details                    ? 
_exptl.method                     'X-RAY DIFFRACTION' 
_exptl.method_details             ? 
# 
_exptl_crystal.colour                      ? 
_exptl_crystal.density_diffrn              ? 
_exptl_crystal.density_Matthews            1.95 
_exptl_crystal.density_method              ? 
_exptl_crystal.density_percent_sol         36.79 
_exptl_crystal.description                 'square plate' 
_exptl_crystal.F_000                       ? 
_exptl_crystal.id                          1 
_exptl_crystal.preparation                 ? 
_exptl_crystal.size_max                    ? 
_exptl_crystal.size_mid                    ? 
_exptl_crystal.size_min                    ? 
_exptl_crystal.size_rad                    ? 
_exptl_crystal.colour_lustre               ? 
_exptl_crystal.colour_modifier             ? 
_exptl_crystal.colour_primary              ? 
_exptl_crystal.density_meas                ? 
_exptl_crystal.density_meas_esd            ? 
_exptl_crystal.density_meas_gt             ? 
_exptl_crystal.density_meas_lt             ? 
_exptl_crystal.density_meas_temp           ? 
_exptl_crystal.density_meas_temp_esd       ? 
_exptl_crystal.density_meas_temp_gt        ? 
_exptl_crystal.density_meas_temp_lt        ? 
_exptl_crystal.pdbx_crystal_image_url      ? 
_exptl_crystal.pdbx_crystal_image_format   ? 
_exptl_crystal.pdbx_mosaicity              ? 
_exptl_crystal.pdbx_mosaicity_esd          ? 
# 
_exptl_crystal_grow.apparatus       ? 
_exptl_crystal_grow.atmosphere      ? 
_exptl_crystal_grow.crystal_id      1 
_exptl_crystal_grow.details         ? 
_exptl_crystal_grow.method          'VAPOR DIFFUSION, HANGING DROP' 
_exptl_crystal_grow.method_ref      ? 
_exptl_crystal_grow.pH              7.0 
_exptl_crystal_grow.pressure        ? 
_exptl_crystal_grow.pressure_esd    ? 
_exptl_crystal_grow.seeding         ? 
_exptl_crystal_grow.seeding_ref     ? 
_exptl_crystal_grow.temp            298 
_exptl_crystal_grow.temp_details    ? 
_exptl_crystal_grow.temp_esd        ? 
_exptl_crystal_grow.time            ? 
_exptl_crystal_grow.pdbx_details    '1.1 M sodium malonate, 0.1 M HEPES, pH 7, 0.5% (w/v) Jeffamine ED-2003' 
_exptl_crystal_grow.pdbx_pH_range   ? 
# 
_diffrn.ambient_environment              ? 
_diffrn.ambient_temp                     100 
_diffrn.ambient_temp_details             ? 
_diffrn.ambient_temp_esd                 ? 
_diffrn.crystal_id                       1 
_diffrn.crystal_support                  ? 
_diffrn.crystal_treatment                ? 
_diffrn.details                          ? 
_diffrn.id                               1 
_diffrn.ambient_pressure                 ? 
_diffrn.ambient_pressure_esd             ? 
_diffrn.ambient_pressure_gt              ? 
_diffrn.ambient_pressure_lt              ? 
_diffrn.ambient_temp_gt                  ? 
_diffrn.ambient_temp_lt                  ? 
_diffrn.pdbx_serial_crystal_experiment   N 
# 
_diffrn_detector.details                      ? 
_diffrn_detector.detector                     PIXEL 
_diffrn_detector.diffrn_id                    1 
_diffrn_detector.type                         'DECTRIS PILATUS 6M-F' 
_diffrn_detector.area_resol_mean              ? 
_diffrn_detector.dtime                        ? 
_diffrn_detector.pdbx_frames_total            ? 
_diffrn_detector.pdbx_collection_time_total   ? 
_diffrn_detector.pdbx_collection_date         2018-03-22 
_diffrn_detector.pdbx_frequency               ? 
# 
_diffrn_radiation.collimation                      ? 
_diffrn_radiation.diffrn_id                        1 
_diffrn_radiation.filter_edge                      ? 
_diffrn_radiation.inhomogeneity                    ? 
_diffrn_radiation.monochromator                    'Si (111)' 
_diffrn_radiation.polarisn_norm                    ? 
_diffrn_radiation.polarisn_ratio                   ? 
_diffrn_radiation.probe                            ? 
_diffrn_radiation.type                             ? 
_diffrn_radiation.xray_symbol                      ? 
_diffrn_radiation.wavelength_id                    1 
_diffrn_radiation.pdbx_monochromatic_or_laue_m_l   M 
_diffrn_radiation.pdbx_wavelength_list             ? 
_diffrn_radiation.pdbx_wavelength                  ? 
_diffrn_radiation.pdbx_diffrn_protocol             'SINGLE WAVELENGTH' 
_diffrn_radiation.pdbx_analyzer                    ? 
_diffrn_radiation.pdbx_scattering_type             x-ray 
# 
_diffrn_radiation_wavelength.id           1 
_diffrn_radiation_wavelength.wavelength   0.729300 
_diffrn_radiation_wavelength.wt           1.0 
# 
_diffrn_source.current                     ? 
_diffrn_source.details                     ? 
_diffrn_source.diffrn_id                   1 
_diffrn_source.power                       ? 
_diffrn_source.size                        ? 
_diffrn_source.source                      SYNCHROTRON 
_diffrn_source.target                      ? 
_diffrn_source.type                        'APS BEAMLINE 24-ID-C' 
_diffrn_source.voltage                     ? 
_diffrn_source.take-off_angle              ? 
_diffrn_source.pdbx_wavelength_list        0.729300 
_diffrn_source.pdbx_wavelength             ? 
_diffrn_source.pdbx_synchrotron_beamline   24-ID-C 
_diffrn_source.pdbx_synchrotron_site       APS 
# 
_reflns.B_iso_Wilson_estimate            7.559 
_reflns.entry_id                         6UFA 
_reflns.data_reduction_details           ? 
_reflns.data_reduction_method            ? 
_reflns.d_resolution_high                0.770 
_reflns.d_resolution_low                 20.88 
_reflns.details                          ? 
_reflns.limit_h_max                      ? 
_reflns.limit_h_min                      ? 
_reflns.limit_k_max                      ? 
_reflns.limit_k_min                      ? 
_reflns.limit_l_max                      ? 
_reflns.limit_l_min                      ? 
_reflns.number_all                       ? 
_reflns.number_obs                       46103 
_reflns.observed_criterion               ? 
_reflns.observed_criterion_F_max         ? 
_reflns.observed_criterion_F_min         ? 
_reflns.observed_criterion_I_max         ? 
_reflns.observed_criterion_I_min         ? 
_reflns.observed_criterion_sigma_F       ? 
_reflns.observed_criterion_sigma_I       ? 
_reflns.percent_possible_obs             88.700 
_reflns.R_free_details                   ? 
_reflns.Rmerge_F_all                     ? 
_reflns.Rmerge_F_obs                     ? 
_reflns.Friedel_coverage                 ? 
_reflns.number_gt                        ? 
_reflns.threshold_expression             ? 
_reflns.pdbx_redundancy                  3.597 
_reflns.pdbx_Rmerge_I_obs                0.039 
_reflns.pdbx_Rmerge_I_all                ? 
_reflns.pdbx_Rsym_value                  ? 
_reflns.pdbx_netI_over_av_sigmaI         ? 
_reflns.pdbx_netI_over_sigmaI            15.300 
_reflns.pdbx_res_netI_over_av_sigmaI_2   ? 
_reflns.pdbx_res_netI_over_sigmaI_2      ? 
_reflns.pdbx_chi_squared                 1.093 
_reflns.pdbx_scaling_rejects             ? 
_reflns.pdbx_d_res_high_opt              ? 
_reflns.pdbx_d_res_low_opt               ? 
_reflns.pdbx_d_res_opt_method            ? 
_reflns.phase_calculation_details        ? 
_reflns.pdbx_Rrim_I_all                  0.046 
_reflns.pdbx_Rpim_I_all                  ? 
_reflns.pdbx_d_opt                       ? 
_reflns.pdbx_number_measured_all         ? 
_reflns.pdbx_diffrn_id                   1 
_reflns.pdbx_ordinal                     1 
_reflns.pdbx_CC_half                     0.999 
_reflns.pdbx_R_split                     ? 
_reflns.pdbx_CC_star                     ? 
# 
loop_
_reflns_shell.d_res_high 
_reflns_shell.d_res_low 
_reflns_shell.meanI_over_sigI_all 
_reflns_shell.meanI_over_sigI_obs 
_reflns_shell.number_measured_all 
_reflns_shell.number_measured_obs 
_reflns_shell.number_possible 
_reflns_shell.number_unique_all 
_reflns_shell.number_unique_obs 
_reflns_shell.percent_possible_all 
_reflns_shell.percent_possible_obs 
_reflns_shell.Rmerge_F_all 
_reflns_shell.Rmerge_F_obs 
_reflns_shell.Rmerge_I_all 
_reflns_shell.Rmerge_I_obs 
_reflns_shell.meanI_over_sigI_gt 
_reflns_shell.meanI_over_uI_all 
_reflns_shell.meanI_over_uI_gt 
_reflns_shell.number_measured_gt 
_reflns_shell.number_unique_gt 
_reflns_shell.percent_possible_gt 
_reflns_shell.Rmerge_F_gt 
_reflns_shell.Rmerge_I_gt 
_reflns_shell.pdbx_redundancy 
_reflns_shell.pdbx_Rsym_value 
_reflns_shell.pdbx_chi_squared 
_reflns_shell.pdbx_netI_over_sigmaI_all 
_reflns_shell.pdbx_netI_over_sigmaI_obs 
_reflns_shell.pdbx_Rrim_I_all 
_reflns_shell.pdbx_Rpim_I_all 
_reflns_shell.pdbx_rejects 
_reflns_shell.pdbx_ordinal 
_reflns_shell.pdbx_diffrn_id 
_reflns_shell.pdbx_CC_half 
_reflns_shell.pdbx_R_split 
_reflns_shell.pdbx_CC_star 
0.770 0.790 ? 3.950  ? ? ? ? 2954 77.200 ? ? ? ? 0.236 ? ? ? ? ? ? ? ? 3.244 ? ? ? ? 0.283 ? ? 1  1 0.962 ? ? 
0.790 0.810 ? 5.050  ? ? ? ? 3320 87.900 ? ? ? ? 0.202 ? ? ? ? ? ? ? ? 3.631 ? ? ? ? 0.236 ? ? 2  1 0.974 ? ? 
0.810 0.840 ? 6.170  ? ? ? ? 3240 88.600 ? ? ? ? 0.159 ? ? ? ? ? ? ? ? 3.564 ? ? ? ? 0.186 ? ? 3  1 0.982 ? ? 
0.840 0.860 ? 6.630  ? ? ? ? 3109 88.600 ? ? ? ? 0.141 ? ? ? ? ? ? ? ? 3.405 ? ? ? ? 0.167 ? ? 4  1 0.985 ? ? 
0.860 0.890 ? 8.380  ? ? ? ? 3092 89.900 ? ? ? ? 0.117 ? ? ? ? ? ? ? ? 3.707 ? ? ? ? 0.137 ? ? 5  1 0.991 ? ? 
0.890 0.920 ? 10.630 ? ? ? ? 2949 89.500 ? ? ? ? 0.089 ? ? ? ? ? ? ? ? 3.696 ? ? ? ? 0.104 ? ? 6  1 0.994 ? ? 
0.920 0.960 ? 12.330 ? ? ? ? 2886 88.900 ? ? ? ? 0.073 ? ? ? ? ? ? ? ? 3.567 ? ? ? ? 0.085 ? ? 7  1 0.995 ? ? 
0.960 0.990 ? 14.200 ? ? ? ? 2745 89.100 ? ? ? ? 0.065 ? ? ? ? ? ? ? ? 3.554 ? ? ? ? 0.077 ? ? 8  1 0.996 ? ? 
0.990 1.040 ? 15.880 ? ? ? ? 2660 90.600 ? ? ? ? 0.061 ? ? ? ? ? ? ? ? 3.771 ? ? ? ? 0.071 ? ? 9  1 0.997 ? ? 
1.040 1.090 ? 17.550 ? ? ? ? 2561 90.800 ? ? ? ? 0.054 ? ? ? ? ? ? ? ? 3.711 ? ? ? ? 0.063 ? ? 10 1 0.997 ? ? 
1.090 1.150 ? 19.460 ? ? ? ? 2383 88.900 ? ? ? ? 0.048 ? ? ? ? ? ? ? ? 3.643 ? ? ? ? 0.056 ? ? 11 1 0.997 ? ? 
1.150 1.220 ? 21.620 ? ? ? ? 2201 87.200 ? ? ? ? 0.043 ? ? ? ? ? ? ? ? 3.591 ? ? ? ? 0.051 ? ? 12 1 0.998 ? ? 
1.220 1.300 ? 22.950 ? ? ? ? 2241 93.100 ? ? ? ? 0.042 ? ? ? ? ? ? ? ? 3.768 ? ? ? ? 0.048 ? ? 13 1 0.998 ? ? 
1.300 1.410 ? 24.800 ? ? ? ? 2036 91.100 ? ? ? ? 0.039 ? ? ? ? ? ? ? ? 3.728 ? ? ? ? 0.046 ? ? 14 1 0.998 ? ? 
1.410 1.540 ? 25.710 ? ? ? ? 1824 90.400 ? ? ? ? 0.038 ? ? ? ? ? ? ? ? 3.637 ? ? ? ? 0.044 ? ? 15 1 0.998 ? ? 
1.540 1.720 ? 27.090 ? ? ? ? 1579 85.500 ? ? ? ? 0.035 ? ? ? ? ? ? ? ? 3.523 ? ? ? ? 0.041 ? ? 16 1 0.998 ? ? 
1.720 1.990 ? 29.200 ? ? ? ? 1529 94.600 ? ? ? ? 0.034 ? ? ? ? ? ? ? ? 3.581 ? ? ? ? 0.039 ? ? 17 1 0.998 ? ? 
1.990 2.430 ? 30.700 ? ? ? ? 1286 92.500 ? ? ? ? 0.035 ? ? ? ? ? ? ? ? 3.530 ? ? ? ? 0.041 ? ? 18 1 0.998 ? ? 
2.430 3.440 ? 31.130 ? ? ? ? 918  86.300 ? ? ? ? 0.033 ? ? ? ? ? ? ? ? 3.415 ? ? ? ? 0.038 ? ? 19 1 0.998 ? ? 
3.440 20.88 ? 32.860 ? ? ? ? 573  98.300 ? ? ? ? 0.035 ? ? ? ? ? ? ? ? 3.611 ? ? ? ? 0.041 ? ? 20 1 0.997 ? ? 
# 
_refine.aniso_B[1][1]                            -0.086 
_refine.aniso_B[1][2]                            0.006 
_refine.aniso_B[1][3]                            -0.031 
_refine.aniso_B[2][2]                            0.049 
_refine.aniso_B[2][3]                            -0.005 
_refine.aniso_B[3][3]                            0.039 
_refine.B_iso_max                                ? 
_refine.B_iso_mean                               8.627 
_refine.B_iso_min                                ? 
_refine.correlation_coeff_Fo_to_Fc               0.979 
_refine.correlation_coeff_Fo_to_Fc_free          0.979 
_refine.details                                  'Hydrogens have been added in their riding positions' 
_refine.diff_density_max                         ? 
_refine.diff_density_max_esd                     ? 
_refine.diff_density_min                         ? 
_refine.diff_density_min_esd                     ? 
_refine.diff_density_rms                         ? 
_refine.diff_density_rms_esd                     ? 
_refine.entry_id                                 6UFA 
_refine.pdbx_refine_id                           'X-RAY DIFFRACTION' 
_refine.ls_abs_structure_details                 ? 
_refine.ls_abs_structure_Flack                   ? 
_refine.ls_abs_structure_Flack_esd               ? 
_refine.ls_abs_structure_Rogers                  ? 
_refine.ls_abs_structure_Rogers_esd              ? 
_refine.ls_d_res_high                            0.770 
_refine.ls_d_res_low                             20.001 
_refine.ls_extinction_coef                       ? 
_refine.ls_extinction_coef_esd                   ? 
_refine.ls_extinction_expression                 ? 
_refine.ls_extinction_method                     ? 
_refine.ls_goodness_of_fit_all                   ? 
_refine.ls_goodness_of_fit_all_esd               ? 
_refine.ls_goodness_of_fit_obs                   ? 
_refine.ls_goodness_of_fit_obs_esd               ? 
_refine.ls_hydrogen_treatment                    ? 
_refine.ls_matrix_type                           ? 
_refine.ls_number_constraints                    ? 
_refine.ls_number_parameters                     ? 
_refine.ls_number_reflns_all                     ? 
_refine.ls_number_reflns_obs                     46103 
_refine.ls_number_reflns_R_free                  4610 
_refine.ls_number_reflns_R_work                  41493 
_refine.ls_number_restraints                     ? 
_refine.ls_percent_reflns_obs                    88.789 
_refine.ls_percent_reflns_R_free                 9.999 
_refine.ls_R_factor_all                          0.127 
_refine.ls_R_factor_obs                          ? 
_refine.ls_R_factor_R_free                       0.1318 
_refine.ls_R_factor_R_free_error                 ? 
_refine.ls_R_factor_R_free_error_details         ? 
_refine.ls_R_factor_R_work                       0.1263 
_refine.ls_R_Fsqd_factor_obs                     ? 
_refine.ls_R_I_factor_obs                        ? 
_refine.ls_redundancy_reflns_all                 ? 
_refine.ls_redundancy_reflns_obs                 ? 
_refine.ls_restrained_S_all                      ? 
_refine.ls_restrained_S_obs                      ? 
_refine.ls_shift_over_esd_max                    ? 
_refine.ls_shift_over_esd_mean                   ? 
_refine.ls_structure_factor_coef                 ? 
_refine.ls_weighting_details                     ? 
_refine.ls_weighting_scheme                      ? 
_refine.ls_wR_factor_all                         ? 
_refine.ls_wR_factor_obs                         ? 
_refine.ls_wR_factor_R_free                      0.137 
_refine.ls_wR_factor_R_work                      0.130 
_refine.occupancy_max                            ? 
_refine.occupancy_min                            ? 
_refine.solvent_model_details                    'MASK BULK SOLVENT' 
_refine.solvent_model_param_bsol                 ? 
_refine.solvent_model_param_ksol                 ? 
_refine.ls_R_factor_gt                           ? 
_refine.ls_goodness_of_fit_gt                    ? 
_refine.ls_goodness_of_fit_ref                   ? 
_refine.ls_shift_over_su_max                     ? 
_refine.ls_shift_over_su_max_lt                  ? 
_refine.ls_shift_over_su_mean                    ? 
_refine.ls_shift_over_su_mean_lt                 ? 
_refine.pdbx_ls_sigma_I                          ? 
_refine.pdbx_ls_sigma_F                          ? 
_refine.pdbx_ls_sigma_Fsqd                       ? 
_refine.pdbx_data_cutoff_high_absF               ? 
_refine.pdbx_data_cutoff_high_rms_absF           ? 
_refine.pdbx_data_cutoff_low_absF                ? 
_refine.pdbx_isotropic_thermal_model             ? 
_refine.pdbx_ls_cross_valid_method               'FREE R-VALUE' 
_refine.pdbx_method_to_determine_struct          'AB INITIO PHASING' 
_refine.pdbx_starting_model                      ? 
_refine.pdbx_stereochemistry_target_values       ? 
_refine.pdbx_R_Free_selection_details            ? 
_refine.pdbx_stereochem_target_val_spec_case     ? 
_refine.pdbx_overall_ESU_R                       0.008 
_refine.pdbx_overall_ESU_R_Free                  0.009 
_refine.pdbx_solvent_vdw_probe_radii             1.200 
_refine.pdbx_solvent_ion_probe_radii             0.800 
_refine.pdbx_solvent_shrinkage_radii             0.800 
_refine.pdbx_real_space_R                        ? 
_refine.pdbx_density_correlation                 ? 
_refine.pdbx_pd_number_of_powder_patterns        ? 
_refine.pdbx_pd_number_of_points                 ? 
_refine.pdbx_pd_meas_number_of_points            ? 
_refine.pdbx_pd_proc_ls_prof_R_factor            ? 
_refine.pdbx_pd_proc_ls_prof_wR_factor           ? 
_refine.pdbx_pd_Marquardt_correlation_coeff      ? 
_refine.pdbx_pd_Fsqrd_R_factor                   ? 
_refine.pdbx_pd_ls_matrix_band_width             ? 
_refine.pdbx_overall_phase_error                 ? 
_refine.pdbx_overall_SU_R_free_Cruickshank_DPI   ? 
_refine.pdbx_overall_SU_R_free_Blow_DPI          ? 
_refine.pdbx_overall_SU_R_Blow_DPI               ? 
_refine.pdbx_TLS_residual_ADP_flag               ? 
_refine.pdbx_diffrn_id                           1 
_refine.overall_SU_B                             0.080 
_refine.overall_SU_ML                            0.003 
_refine.overall_SU_R_Cruickshank_DPI             ? 
_refine.overall_SU_R_free                        ? 
_refine.overall_FOM_free_R_set                   ? 
_refine.overall_FOM_work_R_set                   ? 
_refine.pdbx_average_fsc_overall                 ? 
_refine.pdbx_average_fsc_work                    0.9917 
_refine.pdbx_average_fsc_free                    0.9909 
# 
_refine_hist.pdbx_refine_id                   'X-RAY DIFFRACTION' 
_refine_hist.cycle_id                         LAST 
_refine_hist.details                          ? 
_refine_hist.d_res_high                       0.770 
_refine_hist.d_res_low                        20.001 
_refine_hist.number_atoms_solvent             35 
_refine_hist.number_atoms_total               240 
_refine_hist.number_reflns_all                ? 
_refine_hist.number_reflns_obs                ? 
_refine_hist.number_reflns_R_free             ? 
_refine_hist.number_reflns_R_work             ? 
_refine_hist.R_factor_all                     ? 
_refine_hist.R_factor_obs                     ? 
_refine_hist.R_factor_R_free                  ? 
_refine_hist.R_factor_R_work                  ? 
_refine_hist.pdbx_number_residues_total       ? 
_refine_hist.pdbx_B_iso_mean_ligand           ? 
_refine_hist.pdbx_B_iso_mean_solvent          ? 
_refine_hist.pdbx_number_atoms_protein        204 
_refine_hist.pdbx_number_atoms_nucleic_acid   0 
_refine_hist.pdbx_number_atoms_ligand         1 
_refine_hist.pdbx_number_atoms_lipid          ? 
_refine_hist.pdbx_number_atoms_carb           ? 
_refine_hist.pdbx_pseudo_atom_details         ? 
# 
loop_
_refine_ls_restr.pdbx_refine_id 
_refine_ls_restr.criterion 
_refine_ls_restr.dev_ideal 
_refine_ls_restr.dev_ideal_target 
_refine_ls_restr.number 
_refine_ls_restr.rejects 
_refine_ls_restr.type 
_refine_ls_restr.weight 
_refine_ls_restr.pdbx_restraint_function 
'X-RAY DIFFRACTION' ? 0.006  0.012  222 ? r_bond_refined_d               ? ? 
'X-RAY DIFFRACTION' ? 0.002  0.017  218 ? r_bond_other_d                 ? ? 
'X-RAY DIFFRACTION' ? 1.594  1.646  306 ? r_angle_refined_deg            ? ? 
'X-RAY DIFFRACTION' ? 0.499  1.574  504 ? r_angle_other_deg              ? ? 
'X-RAY DIFFRACTION' ? 2.619  5.000  28  ? r_dihedral_angle_1_deg         ? ? 
'X-RAY DIFFRACTION' ? 53.282 27.143 7   ? r_dihedral_angle_2_deg         ? ? 
'X-RAY DIFFRACTION' ? 1.017  10.000 2   ? r_dihedral_angle_other_2_deg   ? ? 
'X-RAY DIFFRACTION' ? 8.120  15.000 24  ? r_dihedral_angle_3_deg         ? ? 
'X-RAY DIFFRACTION' ? 0.085  0.200  22  ? r_chiral_restr                 ? ? 
'X-RAY DIFFRACTION' ? 0.004  0.020  268 ? r_gen_planes_refined           ? ? 
'X-RAY DIFFRACTION' ? 0.002  0.020  46  ? r_gen_planes_other             ? ? 
'X-RAY DIFFRACTION' ? 0.252  0.200  65  ? r_nbd_refined                  ? ? 
'X-RAY DIFFRACTION' ? 0.238  0.200  196 ? r_symmetry_nbd_other           ? ? 
'X-RAY DIFFRACTION' ? 0.172  0.200  104 ? r_nbtor_refined                ? ? 
'X-RAY DIFFRACTION' ? 0.076  0.200  103 ? r_symmetry_nbtor_other         ? ? 
'X-RAY DIFFRACTION' ? 0.147  0.200  11  ? r_xyhbond_nbd_refined          ? ? 
'X-RAY DIFFRACTION' ? 0.040  0.200  4   ? r_metal_ion_refined            ? ? 
'X-RAY DIFFRACTION' ? 0.085  0.200  5   ? r_symmetry_nbd_refined         ? ? 
'X-RAY DIFFRACTION' ? 0.115  0.200  13  ? r_nbd_other                    ? ? 
'X-RAY DIFFRACTION' ? 0.055  0.200  9   ? r_symmetry_xyhbond_nbd_refined ? ? 
'X-RAY DIFFRACTION' ? 0.639  0.540  100 ? r_mcbond_it                    ? ? 
'X-RAY DIFFRACTION' ? 0.638  0.539  100 ? r_mcbond_other                 ? ? 
'X-RAY DIFFRACTION' ? 0.944  0.818  126 ? r_mcangle_it                   ? ? 
'X-RAY DIFFRACTION' ? 0.940  0.817  127 ? r_mcangle_other                ? ? 
'X-RAY DIFFRACTION' ? 1.552  0.878  120 ? r_scbond_it                    ? ? 
'X-RAY DIFFRACTION' ? 1.546  0.875  121 ? r_scbond_other                 ? ? 
'X-RAY DIFFRACTION' ? 2.138  1.191  178 ? r_scangle_it                   ? ? 
'X-RAY DIFFRACTION' ? 2.132  1.187  179 ? r_scangle_other                ? ? 
'X-RAY DIFFRACTION' ? 1.874  8.181  239 ? r_lrange_it                    ? ? 
'X-RAY DIFFRACTION' ? 1.776  7.839  234 ? r_lrange_other                 ? ? 
'X-RAY DIFFRACTION' ? 1.231  3.000  438 ? r_rigid_bond_restr             ? ? 
# 
loop_
_refine_ls_shell.pdbx_refine_id 
_refine_ls_shell.d_res_high 
_refine_ls_shell.d_res_low 
_refine_ls_shell.number_reflns_all 
_refine_ls_shell.number_reflns_obs 
_refine_ls_shell.number_reflns_R_free 
_refine_ls_shell.number_reflns_R_work 
_refine_ls_shell.percent_reflns_obs 
_refine_ls_shell.percent_reflns_R_free 
_refine_ls_shell.R_factor_all 
_refine_ls_shell.R_factor_obs 
_refine_ls_shell.R_factor_R_free 
_refine_ls_shell.R_factor_R_free_error 
_refine_ls_shell.R_factor_R_work 
_refine_ls_shell.redundancy_reflns_all 
_refine_ls_shell.redundancy_reflns_obs 
_refine_ls_shell.wR_factor_all 
_refine_ls_shell.wR_factor_obs 
_refine_ls_shell.wR_factor_R_free 
_refine_ls_shell.wR_factor_R_work 
_refine_ls_shell.pdbx_total_number_of_bins_used 
_refine_ls_shell.pdbx_phase_error 
_refine_ls_shell.pdbx_fsc_work 
_refine_ls_shell.pdbx_fsc_free 
'X-RAY DIFFRACTION' 0.770 0.790  3823 . 295 2653 77.1122 . 0.181 . 0.189 . 0.180 . . . . . 0.134 20 . 0.980 0.976 
'X-RAY DIFFRACTION' 0.790 0.812  3764 . 331 2986 88.1243 . 0.146 . 0.155 . 0.145 . . . . . 0.110 20 . 0.986 0.986 
'X-RAY DIFFRACTION' 0.812 0.835  3653 . 324 2914 88.6395 . 0.129 . 0.133 . 0.129 . . . . . 0.097 20 . 0.989 0.989 
'X-RAY DIFFRACTION' 0.835 0.861  3496 . 310 2785 88.5297 . 0.126 . 0.137 . 0.125 . . . . . 0.095 20 . 0.990 0.989 
'X-RAY DIFFRACTION' 0.861 0.889  3435 . 309 2786 90.1019 . 0.107 . 0.120 . 0.106 . . . . . 0.083 20 . 0.993 0.991 
'X-RAY DIFFRACTION' 0.889 0.920  3289 . 295 2650 89.5409 . 0.090 . 0.094 . 0.089 . . . . . 0.073 20 . 0.995 0.995 
'X-RAY DIFFRACTION' 0.920 0.955  3233 . 288 2595 89.1741 . 0.087 . 0.094 . 0.086 . . . . . 0.073 20 . 0.996 0.995 
'X-RAY DIFFRACTION' 0.955 0.994  3075 . 274 2469 89.2032 . 0.080 . 0.083 . 0.079 . . . . . 0.071 20 . 0.996 0.996 
'X-RAY DIFFRACTION' 0.994 1.038  2938 . 266 2390 90.4016 . 0.080 . 0.087 . 0.079 . . . . . 0.074 20 . 0.997 0.996 
'X-RAY DIFFRACTION' 1.038 1.088  2816 . 256 2306 90.9801 . 0.082 . 0.080 . 0.083 . . . . . 0.082 20 . 0.996 0.996 
'X-RAY DIFFRACTION' 1.088 1.147  2674 . 239 2152 89.4166 . 0.084 . 0.100 . 0.082 . . . . . 0.086 20 . 0.996 0.995 
'X-RAY DIFFRACTION' 1.147 1.216  2527 . 220 1976 86.9015 . 0.086 . 0.090 . 0.086 . . . . . 0.097 20 . 0.996 0.996 
'X-RAY DIFFRACTION' 1.216 1.300  2400 . 223 2012 93.1250 . 0.092 . 0.096 . 0.092 . . . . . 0.106 20 . 0.996 0.995 
'X-RAY DIFFRACTION' 1.300 1.403  2227 . 204 1834 91.5132 . 0.093 . 0.099 . 0.093 . . . . . 0.113 20 . 0.995 0.995 
'X-RAY DIFFRACTION' 1.403 1.537  2017 . 182 1640 90.3322 . 0.107 . 0.101 . 0.108 . . . . . 0.140 20 . 0.994 0.994 
'X-RAY DIFFRACTION' 1.537 1.717  1854 . 158 1421 85.1672 . 0.127 . 0.130 . 0.127 . . . . . 0.170 20 . 0.991 0.991 
'X-RAY DIFFRACTION' 1.717 1.980  1629 . 155 1396 95.2118 . 0.151 . 0.153 . 0.151 . . . . . 0.211 20 . 0.987 0.986 
'X-RAY DIFFRACTION' 1.980 2.419  1377 . 128 1146 92.5200 . 0.164 . 0.177 . 0.163 . . . . . 0.234 20 . 0.985 0.984 
'X-RAY DIFFRACTION' 2.419 3.396  1083 . 93  845  86.6113 . 0.193 . 0.226 . 0.189 . . . . . 0.292 20 . 0.977 0.971 
'X-RAY DIFFRACTION' 3.396 20.001 597  . 59  532  98.9950 . 0.202 . 0.160 . 0.206 . . . . . 0.348 20 . 0.975 0.983 
# 
_struct.entry_id                     6UFA 
_struct.title                        'S4 symmetric peptide design number 1, Tim zinc-bound form' 
_struct.pdbx_model_details           'S2 symmetric cyclic peptide' 
_struct.pdbx_formula_weight          ? 
_struct.pdbx_formula_weight_method   ? 
_struct.pdbx_model_type_details      ? 
_struct.pdbx_CASP_flag               N 
# 
_struct_keywords.entry_id        6UFA 
_struct_keywords.text            'cyclic peptide, centrosymmetric macrocycle, L and D-amino acids, DE NOVO PROTEIN' 
_struct_keywords.pdbx_keywords   'DE NOVO PROTEIN' 
# 
loop_
_struct_asym.id 
_struct_asym.pdbx_blank_PDB_chainid_flag 
_struct_asym.pdbx_modified 
_struct_asym.entity_id 
_struct_asym.details 
A N N 1 ? 
B N N 2 ? 
C N N 3 ? 
# 
_struct_ref.id                         1 
_struct_ref.db_name                    PDB 
_struct_ref.db_code                    6UFA 
_struct_ref.pdbx_db_accession          6UFA 
_struct_ref.pdbx_db_isoform            ? 
_struct_ref.entity_id                  1 
_struct_ref.pdbx_seq_one_letter_code   ? 
_struct_ref.pdbx_align_begin           1 
# 
_struct_ref_seq.align_id                      1 
_struct_ref_seq.ref_id                        1 
_struct_ref_seq.pdbx_PDB_id_code              6UFA 
_struct_ref_seq.pdbx_strand_id                A 
_struct_ref_seq.seq_align_beg                 1 
_struct_ref_seq.pdbx_seq_align_beg_ins_code   ? 
_struct_ref_seq.seq_align_end                 24 
_struct_ref_seq.pdbx_seq_align_end_ins_code   ? 
_struct_ref_seq.pdbx_db_accession             6UFA 
_struct_ref_seq.db_align_beg                  1 
_struct_ref_seq.pdbx_db_align_beg_ins_code    ? 
_struct_ref_seq.db_align_end                  24 
_struct_ref_seq.pdbx_db_align_end_ins_code    ? 
_struct_ref_seq.pdbx_auth_seq_align_beg       1 
_struct_ref_seq.pdbx_auth_seq_align_end       24 
# 
_pdbx_struct_assembly.id                   1 
_pdbx_struct_assembly.details              author_and_software_defined_assembly 
_pdbx_struct_assembly.method_details       PISA 
_pdbx_struct_assembly.oligomeric_details   monomeric 
_pdbx_struct_assembly.oligomeric_count     1 
# 
_pdbx_struct_assembly_gen.assembly_id       1 
_pdbx_struct_assembly_gen.oper_expression   1 
_pdbx_struct_assembly_gen.asym_id_list      A,B,C 
# 
_pdbx_struct_assembly_auth_evidence.id                     1 
_pdbx_struct_assembly_auth_evidence.assembly_id            1 
_pdbx_struct_assembly_auth_evidence.experimental_support   none 
_pdbx_struct_assembly_auth_evidence.details                ? 
# 
_pdbx_struct_oper_list.id                   1 
_pdbx_struct_oper_list.type                 'identity operation' 
_pdbx_struct_oper_list.name                 1_555 
_pdbx_struct_oper_list.symmetry_operation   x,y,z 
_pdbx_struct_oper_list.matrix[1][1]         1.0000000000 
_pdbx_struct_oper_list.matrix[1][2]         0.0000000000 
_pdbx_struct_oper_list.matrix[1][3]         0.0000000000 
_pdbx_struct_oper_list.vector[1]            0.0000000000 
_pdbx_struct_oper_list.matrix[2][1]         0.0000000000 
_pdbx_struct_oper_list.matrix[2][2]         1.0000000000 
_pdbx_struct_oper_list.matrix[2][3]         0.0000000000 
_pdbx_struct_oper_list.vector[2]            0.0000000000 
_pdbx_struct_oper_list.matrix[3][1]         0.0000000000 
_pdbx_struct_oper_list.matrix[3][2]         0.0000000000 
_pdbx_struct_oper_list.matrix[3][3]         1.0000000000 
_pdbx_struct_oper_list.vector[3]            0.0000000000 
# 
_struct_conf.conf_type_id            HELX_P 
_struct_conf.id                      HELX_P1 
_struct_conf.pdbx_PDB_helix_id       AA1 
_struct_conf.beg_label_comp_id       DGN 
_struct_conf.beg_label_asym_id       A 
_struct_conf.beg_label_seq_id        3 
_struct_conf.pdbx_beg_PDB_ins_code   ? 
_struct_conf.end_label_comp_id       GLN 
_struct_conf.end_label_asym_id       A 
_struct_conf.end_label_seq_id        21 
_struct_conf.pdbx_end_PDB_ins_code   ? 
_struct_conf.beg_auth_comp_id        DGN 
_struct_conf.beg_auth_asym_id        A 
_struct_conf.beg_auth_seq_id         3 
_struct_conf.end_auth_comp_id        GLN 
_struct_conf.end_auth_asym_id        A 
_struct_conf.end_auth_seq_id         21 
_struct_conf.pdbx_PDB_helix_class    5 
_struct_conf.details                 ? 
_struct_conf.pdbx_PDB_helix_length   19 
# 
_struct_conf_type.id          HELX_P 
_struct_conf_type.criteria    ? 
_struct_conf_type.reference   ? 
# 
loop_
_struct_conn.id 
_struct_conn.conn_type_id 
_struct_conn.pdbx_leaving_atom_flag 
_struct_conn.pdbx_PDB_id 
_struct_conn.ptnr1_label_asym_id 
_struct_conn.ptnr1_label_comp_id 
_struct_conn.ptnr1_label_seq_id 
_struct_conn.ptnr1_label_atom_id 
_struct_conn.pdbx_ptnr1_label_alt_id 
_struct_conn.pdbx_ptnr1_PDB_ins_code 
_struct_conn.pdbx_ptnr1_standard_comp_id 
_struct_conn.ptnr1_symmetry 
_struct_conn.ptnr2_label_asym_id 
_struct_conn.ptnr2_label_comp_id 
_struct_conn.ptnr2_label_seq_id 
_struct_conn.ptnr2_label_atom_id 
_struct_conn.pdbx_ptnr2_label_alt_id 
_struct_conn.pdbx_ptnr2_PDB_ins_code 
_struct_conn.ptnr1_auth_asym_id 
_struct_conn.ptnr1_auth_comp_id 
_struct_conn.ptnr1_auth_seq_id 
_struct_conn.ptnr2_auth_asym_id 
_struct_conn.ptnr2_auth_comp_id 
_struct_conn.ptnr2_auth_seq_id 
_struct_conn.ptnr2_symmetry 
_struct_conn.pdbx_ptnr3_label_atom_id 
_struct_conn.pdbx_ptnr3_label_seq_id 
_struct_conn.pdbx_ptnr3_label_comp_id 
_struct_conn.pdbx_ptnr3_label_asym_id 
_struct_conn.pdbx_ptnr3_label_alt_id 
_struct_conn.pdbx_ptnr3_PDB_ins_code 
_struct_conn.details 
_struct_conn.pdbx_dist_value 
_struct_conn.pdbx_value_order 
_struct_conn.pdbx_role 
covale1  covale both ? A LYS 1  N   ? ? ? 1_555 A DHI 24 C  ? ? A LYS 1  A DHI 24  1_555 ? ? ? ? ? ? ? 1.342 ? ? 
covale2  covale both ? A LEU 2  C   ? ? ? 1_555 A DGN 3  N  ? ? A LEU 2  A DGN 3   1_555 ? ? ? ? ? ? ? 1.335 ? ? 
covale3  covale both ? A DGN 3  C   ? ? ? 1_555 A DGL 4  N  ? ? A DGN 3  A DGL 4   1_555 ? ? ? ? ? ? ? 1.341 ? ? 
covale4  covale both ? A DGL 4  C   ? ? ? 1_555 A AIB 5  N  ? ? A DGL 4  A AIB 5   1_555 ? ? ? ? ? ? ? 1.339 ? ? 
covale5  covale both ? A AIB 5  C   ? ? ? 1_555 A HIS 6  N  ? ? A AIB 5  A HIS 6   1_555 ? ? ? ? ? ? ? 1.341 ? ? 
covale6  covale both ? A HIS 6  C   ? ? ? 1_555 A DLY 7  N  ? ? A HIS 6  A DLY 7   1_555 ? ? ? ? ? ? ? 1.341 ? ? 
covale7  covale both ? A DLY 7  C   ? ? ? 1_555 A DLE 8  N  ? ? A DLY 7  A DLE 8   1_555 ? ? ? ? ? ? ? 1.338 ? ? 
covale8  covale both ? A DLE 8  C   ? ? ? 1_555 A GLN 9  N  ? ? A DLE 8  A GLN 9   1_555 ? ? ? ? ? ? ? 1.338 ? ? 
covale9  covale both ? A GLU 10 C   ? ? ? 1_555 A AIB 11 N  ? ? A GLU 10 A AIB 11  1_555 ? ? ? ? ? ? ? 1.338 ? ? 
covale10 covale both ? A AIB 11 C   ? ? ? 1_555 A DHI 12 N  ? ? A AIB 11 A DHI 12  1_555 ? ? ? ? ? ? ? 1.341 ? ? 
covale11 covale both ? A DHI 12 C   ? ? ? 1_555 A LYS 13 N  ? ? A DHI 12 A LYS 13  1_555 ? ? ? ? ? ? ? 1.344 ? ? 
covale12 covale both ? A LEU 14 C   ? ? ? 1_555 A DGN 15 N  ? ? A LEU 14 A DGN 15  1_555 ? ? ? ? ? ? ? 1.338 ? ? 
covale13 covale both ? A DGN 15 C   ? ? ? 1_555 A DGL 16 N  ? ? A DGN 15 A DGL 16  1_555 ? ? ? ? ? ? ? 1.329 ? ? 
covale14 covale both ? A DGL 16 C   ? ? ? 1_555 A AIB 17 N  ? ? A DGL 16 A AIB 17  1_555 ? ? ? ? ? ? ? 1.343 ? ? 
covale15 covale both ? A AIB 17 C   ? ? ? 1_555 A HIS 18 N  ? ? A AIB 17 A HIS 18  1_555 ? ? ? ? ? ? ? 1.340 ? ? 
covale16 covale both ? A HIS 18 C   ? ? ? 1_555 A DLY 19 N  ? ? A HIS 18 A DLY 19  1_555 ? ? ? ? ? ? ? 1.334 ? ? 
covale17 covale both ? A DLY 19 C   ? ? ? 1_555 A DLE 20 N  ? ? A DLY 19 A DLE 20  1_555 ? ? ? ? ? ? ? 1.337 ? ? 
covale18 covale both ? A DLE 20 C   ? ? ? 1_555 A GLN 21 N  ? ? A DLE 20 A GLN 21  1_555 ? ? ? ? ? ? ? 1.337 ? ? 
covale19 covale both ? A GLU 22 C   ? ? ? 1_555 A AIB 23 N  ? ? A GLU 22 A AIB 23  1_555 ? ? ? ? ? ? ? 1.339 ? ? 
covale20 covale both ? A AIB 23 C   ? ? ? 1_555 A DHI 24 N  ? ? A AIB 23 A DHI 24  1_555 ? ? ? ? ? ? ? 1.340 ? ? 
metalc1  metalc ?    ? A HIS 6  ND1 ? ? ? 1_555 B ZN  .  ZN ? ? A HIS 6  A ZN  101 1_555 ? ? ? ? ? ? ? 2.019 ? ? 
metalc2  metalc ?    ? A DHI 12 ND1 ? ? ? 1_555 B ZN  .  ZN ? ? A DHI 12 A ZN  101 1_555 ? ? ? ? ? ? ? 2.021 ? ? 
metalc3  metalc ?    ? A HIS 18 ND1 ? ? ? 1_555 B ZN  .  ZN ? ? A HIS 18 A ZN  101 1_555 ? ? ? ? ? ? ? 2.020 ? ? 
metalc4  metalc ?    ? A DHI 24 ND1 ? ? ? 1_555 B ZN  .  ZN ? ? A DHI 24 A ZN  101 1_555 ? ? ? ? ? ? ? 2.017 ? ? 
# 
loop_
_struct_conn_type.id 
_struct_conn_type.criteria 
_struct_conn_type.reference 
covale ? ? 
metalc ? ? 
# 
loop_
_pdbx_struct_conn_angle.id 
_pdbx_struct_conn_angle.ptnr1_label_atom_id 
_pdbx_struct_conn_angle.ptnr1_label_alt_id 
_pdbx_struct_conn_angle.ptnr1_label_asym_id 
_pdbx_struct_conn_angle.ptnr1_label_comp_id 
_pdbx_struct_conn_angle.ptnr1_label_seq_id 
_pdbx_struct_conn_angle.ptnr1_auth_atom_id 
_pdbx_struct_conn_angle.ptnr1_auth_asym_id 
_pdbx_struct_conn_angle.ptnr1_auth_comp_id 
_pdbx_struct_conn_angle.ptnr1_auth_seq_id 
_pdbx_struct_conn_angle.ptnr1_PDB_ins_code 
_pdbx_struct_conn_angle.ptnr1_symmetry 
_pdbx_struct_conn_angle.ptnr2_label_atom_id 
_pdbx_struct_conn_angle.ptnr2_label_alt_id 
_pdbx_struct_conn_angle.ptnr2_label_asym_id 
_pdbx_struct_conn_angle.ptnr2_label_comp_id 
_pdbx_struct_conn_angle.ptnr2_label_seq_id 
_pdbx_struct_conn_angle.ptnr2_auth_atom_id 
_pdbx_struct_conn_angle.ptnr2_auth_asym_id 
_pdbx_struct_conn_angle.ptnr2_auth_comp_id 
_pdbx_struct_conn_angle.ptnr2_auth_seq_id 
_pdbx_struct_conn_angle.ptnr2_PDB_ins_code 
_pdbx_struct_conn_angle.ptnr2_symmetry 
_pdbx_struct_conn_angle.ptnr3_label_atom_id 
_pdbx_struct_conn_angle.ptnr3_label_alt_id 
_pdbx_struct_conn_angle.ptnr3_label_asym_id 
_pdbx_struct_conn_angle.ptnr3_label_comp_id 
_pdbx_struct_conn_angle.ptnr3_label_seq_id 
_pdbx_struct_conn_angle.ptnr3_auth_atom_id 
_pdbx_struct_conn_angle.ptnr3_auth_asym_id 
_pdbx_struct_conn_angle.ptnr3_auth_comp_id 
_pdbx_struct_conn_angle.ptnr3_auth_seq_id 
_pdbx_struct_conn_angle.ptnr3_PDB_ins_code 
_pdbx_struct_conn_angle.ptnr3_symmetry 
_pdbx_struct_conn_angle.value 
_pdbx_struct_conn_angle.value_esd 
1 ND1 ? A HIS 6  ? A HIS 6  ? 1_555 ZN ? B ZN . ? A ZN 101 ? 1_555 ND1 ? A DHI 12 ? A DHI 12 ? 1_555 112.1 ? 
2 ND1 ? A HIS 6  ? A HIS 6  ? 1_555 ZN ? B ZN . ? A ZN 101 ? 1_555 ND1 ? A HIS 18 ? A HIS 18 ? 1_555 107.5 ? 
3 ND1 ? A DHI 12 ? A DHI 12 ? 1_555 ZN ? B ZN . ? A ZN 101 ? 1_555 ND1 ? A HIS 18 ? A HIS 18 ? 1_555 110.1 ? 
4 ND1 ? A HIS 6  ? A HIS 6  ? 1_555 ZN ? B ZN . ? A ZN 101 ? 1_555 ND1 ? A DHI 24 ? A DHI 24 ? 1_555 111.1 ? 
5 ND1 ? A DHI 12 ? A DHI 12 ? 1_555 ZN ? B ZN . ? A ZN 101 ? 1_555 ND1 ? A DHI 24 ? A DHI 24 ? 1_555 106.8 ? 
6 ND1 ? A HIS 18 ? A HIS 18 ? 1_555 ZN ? B ZN . ? A ZN 101 ? 1_555 ND1 ? A DHI 24 ? A DHI 24 ? 1_555 109.3 ? 
# 
loop_
_pdbx_modification_feature.ordinal 
_pdbx_modification_feature.label_comp_id 
_pdbx_modification_feature.label_asym_id 
_pdbx_modification_feature.label_seq_id 
_pdbx_modification_feature.label_alt_id 
_pdbx_modification_feature.modified_residue_label_comp_id 
_pdbx_modification_feature.modified_residue_label_asym_id 
_pdbx_modification_feature.modified_residue_label_seq_id 
_pdbx_modification_feature.modified_residue_label_alt_id 
_pdbx_modification_feature.auth_comp_id 
_pdbx_modification_feature.auth_asym_id 
_pdbx_modification_feature.auth_seq_id 
_pdbx_modification_feature.PDB_ins_code 
_pdbx_modification_feature.symmetry 
_pdbx_modification_feature.modified_residue_auth_comp_id 
_pdbx_modification_feature.modified_residue_auth_asym_id 
_pdbx_modification_feature.modified_residue_auth_seq_id 
_pdbx_modification_feature.modified_residue_PDB_ins_code 
_pdbx_modification_feature.modified_residue_symmetry 
_pdbx_modification_feature.comp_id_linking_atom 
_pdbx_modification_feature.modified_residue_id_linking_atom 
_pdbx_modification_feature.modified_residue_id 
_pdbx_modification_feature.ref_pcm_id 
_pdbx_modification_feature.ref_comp_id 
_pdbx_modification_feature.type 
_pdbx_modification_feature.category 
1 AIB A 5  ? .   . .  . AIB A 5  ? 1_555 .   . .  . .     . . ALA 1 AIB Methylation 'Named protein modification' 
2 AIB A 11 ? .   . .  . AIB A 11 ? 1_555 .   . .  . .     . . ALA 1 AIB Methylation 'Named protein modification' 
3 AIB A 17 ? .   . .  . AIB A 17 ? 1_555 .   . .  . .     . . ALA 1 AIB Methylation 'Named protein modification' 
4 AIB A 23 ? .   . .  . AIB A 23 ? 1_555 .   . .  . .     . . ALA 1 AIB Methylation 'Named protein modification' 
5 LYS A 1  ? DHI A 24 ? LYS A 1  ? 1_555 DHI A 24 ? 1_555 N C .   . .   None        'Non-standard linkage'       
# 
_pdbx_entry_details.entry_id                   6UFA 
_pdbx_entry_details.has_ligand_of_interest     N 
_pdbx_entry_details.compound_details           ? 
_pdbx_entry_details.source_details             ? 
_pdbx_entry_details.nonpolymer_details         ? 
_pdbx_entry_details.sequence_details           ? 
_pdbx_entry_details.has_protein_modification   Y 
# 
loop_
_chem_comp_atom.comp_id 
_chem_comp_atom.atom_id 
_chem_comp_atom.type_symbol 
_chem_comp_atom.pdbx_aromatic_flag 
_chem_comp_atom.pdbx_stereo_config 
_chem_comp_atom.pdbx_ordinal 
AIB N    N  N N 1   
AIB CA   C  N N 2   
AIB C    C  N N 3   
AIB O    O  N N 4   
AIB OXT  O  N N 5   
AIB CB1  C  N N 6   
AIB CB2  C  N N 7   
AIB H    H  N N 8   
AIB H2   H  N N 9   
AIB HXT  H  N N 10  
AIB HB11 H  N N 11  
AIB HB12 H  N N 12  
AIB HB13 H  N N 13  
AIB HB21 H  N N 14  
AIB HB22 H  N N 15  
AIB HB23 H  N N 16  
DGL N    N  N N 17  
DGL CA   C  N R 18  
DGL C    C  N N 19  
DGL O    O  N N 20  
DGL CB   C  N N 21  
DGL CG   C  N N 22  
DGL CD   C  N N 23  
DGL OE1  O  N N 24  
DGL OE2  O  N N 25  
DGL OXT  O  N N 26  
DGL H    H  N N 27  
DGL H2   H  N N 28  
DGL HA   H  N N 29  
DGL HB2  H  N N 30  
DGL HB3  H  N N 31  
DGL HG2  H  N N 32  
DGL HG3  H  N N 33  
DGL HE2  H  N N 34  
DGL HXT  H  N N 35  
DGN N    N  N N 36  
DGN CA   C  N R 37  
DGN C    C  N N 38  
DGN O    O  N N 39  
DGN OXT  O  N N 40  
DGN CB   C  N N 41  
DGN CG   C  N N 42  
DGN CD   C  N N 43  
DGN OE1  O  N N 44  
DGN NE2  N  N N 45  
DGN H    H  N N 46  
DGN H2   H  N N 47  
DGN HA   H  N N 48  
DGN HXT  H  N N 49  
DGN HB2  H  N N 50  
DGN HB3  H  N N 51  
DGN HG2  H  N N 52  
DGN HG3  H  N N 53  
DGN HE21 H  N N 54  
DGN HE22 H  N N 55  
DHI N    N  N N 56  
DHI CA   C  N R 57  
DHI C    C  N N 58  
DHI O    O  N N 59  
DHI CB   C  N N 60  
DHI CG   C  Y N 61  
DHI ND1  N  Y N 62  
DHI CD2  C  Y N 63  
DHI CE1  C  Y N 64  
DHI NE2  N  Y N 65  
DHI OXT  O  N N 66  
DHI H    H  N N 67  
DHI H2   H  N N 68  
DHI HA   H  N N 69  
DHI HB2  H  N N 70  
DHI HB3  H  N N 71  
DHI HD1  H  N N 72  
DHI HD2  H  N N 73  
DHI HE1  H  N N 74  
DHI HE2  H  N N 75  
DHI HXT  H  N N 76  
DLE N    N  N N 77  
DLE CA   C  N R 78  
DLE CB   C  N N 79  
DLE CG   C  N N 80  
DLE CD1  C  N N 81  
DLE CD2  C  N N 82  
DLE C    C  N N 83  
DLE O    O  N N 84  
DLE OXT  O  N N 85  
DLE H    H  N N 86  
DLE H2   H  N N 87  
DLE HA   H  N N 88  
DLE HB2  H  N N 89  
DLE HB3  H  N N 90  
DLE HG   H  N N 91  
DLE HD11 H  N N 92  
DLE HD12 H  N N 93  
DLE HD13 H  N N 94  
DLE HD21 H  N N 95  
DLE HD22 H  N N 96  
DLE HD23 H  N N 97  
DLE HXT  H  N N 98  
DLY N    N  N N 99  
DLY CA   C  N R 100 
DLY C    C  N N 101 
DLY O    O  N N 102 
DLY CB   C  N N 103 
DLY CG   C  N N 104 
DLY CD   C  N N 105 
DLY CE   C  N N 106 
DLY NZ   N  N N 107 
DLY OXT  O  N N 108 
DLY H    H  N N 109 
DLY H2   H  N N 110 
DLY HA   H  N N 111 
DLY HB2  H  N N 112 
DLY HB3  H  N N 113 
DLY HG2  H  N N 114 
DLY HG3  H  N N 115 
DLY HD2  H  N N 116 
DLY HD3  H  N N 117 
DLY HE2  H  N N 118 
DLY HE3  H  N N 119 
DLY HZ1  H  N N 120 
DLY HZ2  H  N N 121 
DLY HXT  H  N N 122 
GLN N    N  N N 123 
GLN CA   C  N S 124 
GLN C    C  N N 125 
GLN O    O  N N 126 
GLN CB   C  N N 127 
GLN CG   C  N N 128 
GLN CD   C  N N 129 
GLN OE1  O  N N 130 
GLN NE2  N  N N 131 
GLN OXT  O  N N 132 
GLN H    H  N N 133 
GLN H2   H  N N 134 
GLN HA   H  N N 135 
GLN HB2  H  N N 136 
GLN HB3  H  N N 137 
GLN HG2  H  N N 138 
GLN HG3  H  N N 139 
GLN HE21 H  N N 140 
GLN HE22 H  N N 141 
GLN HXT  H  N N 142 
GLU N    N  N N 143 
GLU CA   C  N S 144 
GLU C    C  N N 145 
GLU O    O  N N 146 
GLU CB   C  N N 147 
GLU CG   C  N N 148 
GLU CD   C  N N 149 
GLU OE1  O  N N 150 
GLU OE2  O  N N 151 
GLU OXT  O  N N 152 
GLU H    H  N N 153 
GLU H2   H  N N 154 
GLU HA   H  N N 155 
GLU HB2  H  N N 156 
GLU HB3  H  N N 157 
GLU HG2  H  N N 158 
GLU HG3  H  N N 159 
GLU HE2  H  N N 160 
GLU HXT  H  N N 161 
HIS N    N  N N 162 
HIS CA   C  N S 163 
HIS C    C  N N 164 
HIS O    O  N N 165 
HIS CB   C  N N 166 
HIS CG   C  Y N 167 
HIS ND1  N  Y N 168 
HIS CD2  C  Y N 169 
HIS CE1  C  Y N 170 
HIS NE2  N  Y N 171 
HIS OXT  O  N N 172 
HIS H    H  N N 173 
HIS H2   H  N N 174 
HIS HA   H  N N 175 
HIS HB2  H  N N 176 
HIS HB3  H  N N 177 
HIS HD1  H  N N 178 
HIS HD2  H  N N 179 
HIS HE1  H  N N 180 
HIS HE2  H  N N 181 
HIS HXT  H  N N 182 
HOH O    O  N N 183 
HOH H1   H  N N 184 
HOH H2   H  N N 185 
LEU N    N  N N 186 
LEU CA   C  N S 187 
LEU C    C  N N 188 
LEU O    O  N N 189 
LEU CB   C  N N 190 
LEU CG   C  N N 191 
LEU CD1  C  N N 192 
LEU CD2  C  N N 193 
LEU OXT  O  N N 194 
LEU H    H  N N 195 
LEU H2   H  N N 196 
LEU HA   H  N N 197 
LEU HB2  H  N N 198 
LEU HB3  H  N N 199 
LEU HG   H  N N 200 
LEU HD11 H  N N 201 
LEU HD12 H  N N 202 
LEU HD13 H  N N 203 
LEU HD21 H  N N 204 
LEU HD22 H  N N 205 
LEU HD23 H  N N 206 
LEU HXT  H  N N 207 
LYS N    N  N N 208 
LYS CA   C  N S 209 
LYS C    C  N N 210 
LYS O    O  N N 211 
LYS CB   C  N N 212 
LYS CG   C  N N 213 
LYS CD   C  N N 214 
LYS CE   C  N N 215 
LYS NZ   N  N N 216 
LYS OXT  O  N N 217 
LYS H    H  N N 218 
LYS H2   H  N N 219 
LYS HA   H  N N 220 
LYS HB2  H  N N 221 
LYS HB3  H  N N 222 
LYS HG2  H  N N 223 
LYS HG3  H  N N 224 
LYS HD2  H  N N 225 
LYS HD3  H  N N 226 
LYS HE2  H  N N 227 
LYS HE3  H  N N 228 
LYS HZ1  H  N N 229 
LYS HZ2  H  N N 230 
LYS HZ3  H  N N 231 
LYS HXT  H  N N 232 
ZN  ZN   ZN N N 233 
# 
loop_
_chem_comp_bond.comp_id 
_chem_comp_bond.atom_id_1 
_chem_comp_bond.atom_id_2 
_chem_comp_bond.value_order 
_chem_comp_bond.pdbx_aromatic_flag 
_chem_comp_bond.pdbx_stereo_config 
_chem_comp_bond.pdbx_ordinal 
AIB N   CA   sing N N 1   
AIB N   H    sing N N 2   
AIB N   H2   sing N N 3   
AIB CA  C    sing N N 4   
AIB CA  CB1  sing N N 5   
AIB CA  CB2  sing N N 6   
AIB C   O    doub N N 7   
AIB C   OXT  sing N N 8   
AIB OXT HXT  sing N N 9   
AIB CB1 HB11 sing N N 10  
AIB CB1 HB12 sing N N 11  
AIB CB1 HB13 sing N N 12  
AIB CB2 HB21 sing N N 13  
AIB CB2 HB22 sing N N 14  
AIB CB2 HB23 sing N N 15  
DGL N   CA   sing N N 16  
DGL N   H    sing N N 17  
DGL N   H2   sing N N 18  
DGL CA  C    sing N N 19  
DGL CA  CB   sing N N 20  
DGL CA  HA   sing N N 21  
DGL C   O    doub N N 22  
DGL C   OXT  sing N N 23  
DGL CB  CG   sing N N 24  
DGL CB  HB2  sing N N 25  
DGL CB  HB3  sing N N 26  
DGL CG  CD   sing N N 27  
DGL CG  HG2  sing N N 28  
DGL CG  HG3  sing N N 29  
DGL CD  OE1  doub N N 30  
DGL CD  OE2  sing N N 31  
DGL OE2 HE2  sing N N 32  
DGL OXT HXT  sing N N 33  
DGN N   CA   sing N N 34  
DGN N   H    sing N N 35  
DGN N   H2   sing N N 36  
DGN CA  C    sing N N 37  
DGN CA  CB   sing N N 38  
DGN CA  HA   sing N N 39  
DGN C   O    doub N N 40  
DGN C   OXT  sing N N 41  
DGN OXT HXT  sing N N 42  
DGN CB  CG   sing N N 43  
DGN CB  HB2  sing N N 44  
DGN CB  HB3  sing N N 45  
DGN CG  CD   sing N N 46  
DGN CG  HG2  sing N N 47  
DGN CG  HG3  sing N N 48  
DGN CD  OE1  doub N N 49  
DGN CD  NE2  sing N N 50  
DGN NE2 HE21 sing N N 51  
DGN NE2 HE22 sing N N 52  
DHI N   CA   sing N N 53  
DHI N   H    sing N N 54  
DHI N   H2   sing N N 55  
DHI CA  C    sing N N 56  
DHI CA  CB   sing N N 57  
DHI CA  HA   sing N N 58  
DHI C   O    doub N N 59  
DHI C   OXT  sing N N 60  
DHI CB  CG   sing N N 61  
DHI CB  HB2  sing N N 62  
DHI CB  HB3  sing N N 63  
DHI CG  ND1  sing Y N 64  
DHI CG  CD2  doub Y N 65  
DHI ND1 CE1  doub Y N 66  
DHI ND1 HD1  sing N N 67  
DHI CD2 NE2  sing Y N 68  
DHI CD2 HD2  sing N N 69  
DHI CE1 NE2  sing Y N 70  
DHI CE1 HE1  sing N N 71  
DHI NE2 HE2  sing N N 72  
DHI OXT HXT  sing N N 73  
DLE N   CA   sing N N 74  
DLE N   H    sing N N 75  
DLE N   H2   sing N N 76  
DLE CA  CB   sing N N 77  
DLE CA  C    sing N N 78  
DLE CA  HA   sing N N 79  
DLE CB  CG   sing N N 80  
DLE CB  HB2  sing N N 81  
DLE CB  HB3  sing N N 82  
DLE CG  CD1  sing N N 83  
DLE CG  CD2  sing N N 84  
DLE CG  HG   sing N N 85  
DLE CD1 HD11 sing N N 86  
DLE CD1 HD12 sing N N 87  
DLE CD1 HD13 sing N N 88  
DLE CD2 HD21 sing N N 89  
DLE CD2 HD22 sing N N 90  
DLE CD2 HD23 sing N N 91  
DLE C   O    doub N N 92  
DLE C   OXT  sing N N 93  
DLE OXT HXT  sing N N 94  
DLY N   CA   sing N N 95  
DLY N   H    sing N N 96  
DLY N   H2   sing N N 97  
DLY CA  C    sing N N 98  
DLY CA  CB   sing N N 99  
DLY CA  HA   sing N N 100 
DLY C   O    doub N N 101 
DLY C   OXT  sing N N 102 
DLY CB  CG   sing N N 103 
DLY CB  HB2  sing N N 104 
DLY CB  HB3  sing N N 105 
DLY CG  CD   sing N N 106 
DLY CG  HG2  sing N N 107 
DLY CG  HG3  sing N N 108 
DLY CD  CE   sing N N 109 
DLY CD  HD2  sing N N 110 
DLY CD  HD3  sing N N 111 
DLY CE  NZ   sing N N 112 
DLY CE  HE2  sing N N 113 
DLY CE  HE3  sing N N 114 
DLY NZ  HZ1  sing N N 115 
DLY NZ  HZ2  sing N N 116 
DLY OXT HXT  sing N N 117 
GLN N   CA   sing N N 118 
GLN N   H    sing N N 119 
GLN N   H2   sing N N 120 
GLN CA  C    sing N N 121 
GLN CA  CB   sing N N 122 
GLN CA  HA   sing N N 123 
GLN C   O    doub N N 124 
GLN C   OXT  sing N N 125 
GLN CB  CG   sing N N 126 
GLN CB  HB2  sing N N 127 
GLN CB  HB3  sing N N 128 
GLN CG  CD   sing N N 129 
GLN CG  HG2  sing N N 130 
GLN CG  HG3  sing N N 131 
GLN CD  OE1  doub N N 132 
GLN CD  NE2  sing N N 133 
GLN NE2 HE21 sing N N 134 
GLN NE2 HE22 sing N N 135 
GLN OXT HXT  sing N N 136 
GLU N   CA   sing N N 137 
GLU N   H    sing N N 138 
GLU N   H2   sing N N 139 
GLU CA  C    sing N N 140 
GLU CA  CB   sing N N 141 
GLU CA  HA   sing N N 142 
GLU C   O    doub N N 143 
GLU C   OXT  sing N N 144 
GLU CB  CG   sing N N 145 
GLU CB  HB2  sing N N 146 
GLU CB  HB3  sing N N 147 
GLU CG  CD   sing N N 148 
GLU CG  HG2  sing N N 149 
GLU CG  HG3  sing N N 150 
GLU CD  OE1  doub N N 151 
GLU CD  OE2  sing N N 152 
GLU OE2 HE2  sing N N 153 
GLU OXT HXT  sing N N 154 
HIS N   CA   sing N N 155 
HIS N   H    sing N N 156 
HIS N   H2   sing N N 157 
HIS CA  C    sing N N 158 
HIS CA  CB   sing N N 159 
HIS CA  HA   sing N N 160 
HIS C   O    doub N N 161 
HIS C   OXT  sing N N 162 
HIS CB  CG   sing N N 163 
HIS CB  HB2  sing N N 164 
HIS CB  HB3  sing N N 165 
HIS CG  ND1  sing Y N 166 
HIS CG  CD2  doub Y N 167 
HIS ND1 CE1  doub Y N 168 
HIS ND1 HD1  sing N N 169 
HIS CD2 NE2  sing Y N 170 
HIS CD2 HD2  sing N N 171 
HIS CE1 NE2  sing Y N 172 
HIS CE1 HE1  sing N N 173 
HIS NE2 HE2  sing N N 174 
HIS OXT HXT  sing N N 175 
HOH O   H1   sing N N 176 
HOH O   H2   sing N N 177 
LEU N   CA   sing N N 178 
LEU N   H    sing N N 179 
LEU N   H2   sing N N 180 
LEU CA  C    sing N N 181 
LEU CA  CB   sing N N 182 
LEU CA  HA   sing N N 183 
LEU C   O    doub N N 184 
LEU C   OXT  sing N N 185 
LEU CB  CG   sing N N 186 
LEU CB  HB2  sing N N 187 
LEU CB  HB3  sing N N 188 
LEU CG  CD1  sing N N 189 
LEU CG  CD2  sing N N 190 
LEU CG  HG   sing N N 191 
LEU CD1 HD11 sing N N 192 
LEU CD1 HD12 sing N N 193 
LEU CD1 HD13 sing N N 194 
LEU CD2 HD21 sing N N 195 
LEU CD2 HD22 sing N N 196 
LEU CD2 HD23 sing N N 197 
LEU OXT HXT  sing N N 198 
LYS N   CA   sing N N 199 
LYS N   H    sing N N 200 
LYS N   H2   sing N N 201 
LYS CA  C    sing N N 202 
LYS CA  CB   sing N N 203 
LYS CA  HA   sing N N 204 
LYS C   O    doub N N 205 
LYS C   OXT  sing N N 206 
LYS CB  CG   sing N N 207 
LYS CB  HB2  sing N N 208 
LYS CB  HB3  sing N N 209 
LYS CG  CD   sing N N 210 
LYS CG  HG2  sing N N 211 
LYS CG  HG3  sing N N 212 
LYS CD  CE   sing N N 213 
LYS CD  HD2  sing N N 214 
LYS CD  HD3  sing N N 215 
LYS CE  NZ   sing N N 216 
LYS CE  HE2  sing N N 217 
LYS CE  HE3  sing N N 218 
LYS NZ  HZ1  sing N N 219 
LYS NZ  HZ2  sing N N 220 
LYS NZ  HZ3  sing N N 221 
LYS OXT HXT  sing N N 222 
# 
loop_
_pdbx_audit_support.funding_organization 
_pdbx_audit_support.country 
_pdbx_audit_support.grant_number 
_pdbx_audit_support.ordinal 
'Department of Energy (DOE, United States)' 'United States' DE-FC02-02ER63421 1 
'Department of Energy (DOE, United States)' 'United States' DE-AC02-06CH11357 2 
# 
_atom_sites.entry_id                    6UFA 
_atom_sites.Cartn_transf_matrix[1][1]   ? 
_atom_sites.Cartn_transf_matrix[1][2]   ? 
_atom_sites.Cartn_transf_matrix[1][3]   ? 
_atom_sites.Cartn_transf_matrix[2][1]   ? 
_atom_sites.Cartn_transf_matrix[2][2]   ? 
_atom_sites.Cartn_transf_matrix[2][3]   ? 
_atom_sites.Cartn_transf_matrix[3][1]   ? 
_atom_sites.Cartn_transf_matrix[3][2]   ? 
_atom_sites.Cartn_transf_matrix[3][3]   ? 
_atom_sites.Cartn_transf_vector[1]      ? 
_atom_sites.Cartn_transf_vector[2]      ? 
_atom_sites.Cartn_transf_vector[3]      ? 
_atom_sites.fract_transf_matrix[1][1]   -0.00304553 
_atom_sites.fract_transf_matrix[1][2]   -0.00675372 
_atom_sites.fract_transf_matrix[1][3]   0.04730682 
_atom_sites.fract_transf_matrix[2][1]   -0.04650080 
_atom_sites.fract_transf_matrix[2][2]   0.01730240 
_atom_sites.fract_transf_matrix[2][3]   0.00017494 
_atom_sites.fract_transf_matrix[3][1]   -0.02310238 
_atom_sites.fract_transf_matrix[3][2]   -0.03113782 
_atom_sites.fract_transf_matrix[3][3]   -0.00261073 
_atom_sites.fract_transf_vector[1]      0.598123 
_atom_sites.fract_transf_vector[2]      0.494978 
_atom_sites.fract_transf_vector[3]      0.752549 
_atom_sites.solution_primary            ? 
_atom_sites.solution_secondary          ? 
_atom_sites.solution_hydrogens          ? 
_atom_sites.special_details             ? 
# 
loop_
_atom_type.symbol 
C  
H  
N  
O  
ZN 
# 
loop_
_atom_site.group_PDB 
_atom_site.id 
_atom_site.type_symbol 
_atom_site.label_atom_id 
_atom_site.label_alt_id 
_atom_site.label_comp_id 
_atom_site.label_asym_id 
_atom_site.label_entity_id 
_atom_site.label_seq_id 
_atom_site.pdbx_PDB_ins_code 
_atom_site.Cartn_x 
_atom_site.Cartn_y 
_atom_site.Cartn_z 
_atom_site.occupancy 
_atom_site.B_iso_or_equiv 
_atom_site.pdbx_formal_charge 
_atom_site.auth_seq_id 
_atom_site.auth_comp_id 
_atom_site.auth_asym_id 
_atom_site.auth_atom_id 
_atom_site.pdbx_PDB_model_num 
ATOM   1   N  N    . LYS A 1 1  ? -0.889  -3.277  4.594   1.000 4.753  ? 1   LYS A N    1 
ATOM   2   C  CA   . LYS A 1 1  ? -1.708  -4.422  4.980   1.000 5.229  ? 1   LYS A CA   1 
ATOM   3   C  C    . LYS A 1 1  ? -3.100  -4.009  5.462   1.000 5.522  ? 1   LYS A C    1 
ATOM   4   O  O    . LYS A 1 1  ? -4.021  -4.816  5.417   1.000 7.228  ? 1   LYS A O    1 
ATOM   5   C  CB   . LYS A 1 1  ? -0.996  -5.226  6.068   1.000 5.780  ? 1   LYS A CB   1 
ATOM   6   C  CG   . LYS A 1 1  ? 0.241   -5.955  5.569   1.000 6.669  ? 1   LYS A CG   1 
ATOM   7   C  CD   . LYS A 1 1  ? 1.062   -6.536  6.713   1.000 7.366  ? 1   LYS A CD   1 
ATOM   8   C  CE   . LYS A 1 1  ? 2.227   -7.353  6.216   1.000 9.082  ? 1   LYS A CE   1 
ATOM   9   N  NZ   . LYS A 1 1  ? 3.148   -7.721  7.314   1.000 10.136 ? 1   LYS A NZ   1 
ATOM   10  H  H1   . LYS A 1 1  ? -0.025  -3.093  5.083   1.000 4.784  ? 1   LYS A H1   1 
ATOM   11  H  HA   . LYS A 1 1  ? -1.815  -4.999  4.188   1.000 5.208  ? 1   LYS A HA   1 
ATOM   12  H  HB2  . LYS A 1 1  ? -0.735  -4.617  6.791   1.000 5.815  ? 1   LYS A HB2  1 
ATOM   13  H  HB3  . LYS A 1 1  ? -1.622  -5.884  6.437   1.000 5.765  ? 1   LYS A HB3  1 
ATOM   14  H  HG2  . LYS A 1 1  ? -0.034  -6.679  4.968   1.000 6.614  ? 1   LYS A HG2  1 
ATOM   15  H  HG3  . LYS A 1 1  ? 0.797   -5.329  5.057   1.000 6.562  ? 1   LYS A HG3  1 
ATOM   16  H  HD2  . LYS A 1 1  ? 1.399   -5.804  7.272   1.000 7.406  ? 1   LYS A HD2  1 
ATOM   17  H  HD3  . LYS A 1 1  ? 0.486   -7.103  7.268   1.000 7.423  ? 1   LYS A HD3  1 
ATOM   18  H  HE2  . LYS A 1 1  ? 1.897   -8.169  5.792   1.000 8.968  ? 1   LYS A HE2  1 
ATOM   19  H  HE3  . LYS A 1 1  ? 2.720   -6.844  5.547   1.000 9.065  ? 1   LYS A HE3  1 
ATOM   20  H  HZ1  . LYS A 1 1  ? 3.516   -6.971  7.670   1.000 10.073 ? 1   LYS A HZ1  1 
ATOM   21  H  HZ2  . LYS A 1 1  ? 3.808   -8.254  6.997   1.000 10.002 ? 1   LYS A HZ2  1 
ATOM   22  H  HZ3  . LYS A 1 1  ? 2.693   -8.164  7.962   1.000 9.864  ? 1   LYS A HZ3  1 
ATOM   23  N  N    . LEU A 1 2  ? -3.230  -2.772  5.954   1.000 5.211  ? 2   LEU A N    1 
ATOM   24  C  CA   . LEU A 1 2  ? -4.492  -2.279  6.481   1.000 5.643  ? 2   LEU A CA   1 
ATOM   25  C  C    . LEU A 1 2  ? -5.363  -1.605  5.417   1.000 5.721  ? 2   LEU A C    1 
ATOM   26  O  O    . LEU A 1 2  ? -6.478  -1.181  5.730   1.000 7.490  ? 2   LEU A O    1 
ATOM   27  C  CB   . LEU A 1 2  ? -4.242  -1.321  7.648   1.000 6.654  ? 2   LEU A CB   1 
ATOM   28  C  CG   . LEU A 1 2  ? -3.520  -1.955  8.833   1.000 7.814  ? 2   LEU A CG   1 
ATOM   29  C  CD1  . LEU A 1 2  ? -3.304  -0.917  9.920   1.000 9.185  ? 2   LEU A CD1  1 
ATOM   30  C  CD2  . LEU A 1 2  ? -4.288  -3.147  9.387   1.000 9.315  ? 2   LEU A CD2  1 
ATOM   31  H  H    . LEU A 1 2  ? -2.428  -2.164  5.987   1.000 5.298  ? 2   LEU A H    1 
ATOM   32  H  HA   . LEU A 1 2  ? -4.993  -3.055  6.821   1.000 5.799  ? 2   LEU A HA   1 
ATOM   33  H  HB2  . LEU A 1 2  ? -3.710  -0.566  7.324   1.000 6.655  ? 2   LEU A HB2  1 
ATOM   34  H  HB3  . LEU A 1 2  ? -5.102  -0.970  7.956   1.000 6.550  ? 2   LEU A HB3  1 
ATOM   35  H  HG   . LEU A 1 2  ? -2.635  -2.271  8.524   1.000 7.838  ? 2   LEU A HG   1 
ATOM   36  H  HD11 . LEU A 1 2  ? -2.850  -0.143  9.544   1.000 8.911  ? 2   LEU A HD11 1 
ATOM   37  H  HD12 . LEU A 1 2  ? -2.760  -1.299  10.631  1.000 9.105  ? 2   LEU A HD12 1 
ATOM   38  H  HD13 . LEU A 1 2  ? -4.164  -0.642  10.282  1.000 8.985  ? 2   LEU A HD13 1 
ATOM   39  H  HD21 . LEU A 1 2  ? -5.241  -2.951  9.383   1.000 9.146  ? 2   LEU A HD21 1 
ATOM   40  H  HD22 . LEU A 1 2  ? -3.998  -3.325  10.299  1.000 8.851  ? 2   LEU A HD22 1 
ATOM   41  H  HD23 . LEU A 1 2  ? -4.116  -3.930  8.835   1.000 8.990  ? 2   LEU A HD23 1 
HETATM 42  N  N    . DGN A 1 3  ? -4.882  -1.517  4.175   1.000 5.014  ? 3   DGN A N    1 
HETATM 43  C  CA   . DGN A 1 3  ? -5.691  -0.981  3.081   1.000 5.110  ? 3   DGN A CA   1 
HETATM 44  C  C    . DGN A 1 3  ? -5.511  0.531   3.018   1.000 5.454  ? 3   DGN A C    1 
HETATM 45  O  O    . DGN A 1 3  ? -4.484  1.035   2.590   1.000 6.116  ? 3   DGN A O    1 
HETATM 46  C  CB   . DGN A 1 3  ? -5.268  -1.618  1.756   1.000 4.991  ? 3   DGN A CB   1 
HETATM 47  C  CG   . DGN A 1 3  ? -5.477  -3.132  1.746   1.000 5.257  ? 3   DGN A CG   1 
HETATM 48  C  CD   . DGN A 1 3  ? -4.884  -3.721  0.490   1.000 5.222  ? 3   DGN A CD   1 
HETATM 49  O  OE1  . DGN A 1 3  ? -5.549  -3.794  -0.558  1.000 6.418  ? 3   DGN A OE1  1 
HETATM 50  N  NE2  . DGN A 1 3  ? -3.621  -4.121  0.565   1.000 5.709  ? 3   DGN A NE2  1 
HETATM 51  H  H    . DGN A 1 3  ? -3.940  -1.812  3.980   1.000 5.153  ? 3   DGN A H    1 
HETATM 52  H  HA   . DGN A 1 3  ? -6.638  -1.191  3.250   1.000 5.130  ? 3   DGN A HA   1 
HETATM 53  H  HB2  . DGN A 1 3  ? -4.319  -1.421  1.598   1.000 5.084  ? 3   DGN A HB2  1 
HETATM 54  H  HB3  . DGN A 1 3  ? -5.788  -1.213  1.031   1.000 5.018  ? 3   DGN A HB3  1 
HETATM 55  H  HG2  . DGN A 1 3  ? -6.437  -3.334  1.782   1.000 5.166  ? 3   DGN A HG2  1 
HETATM 56  H  HG3  . DGN A 1 3  ? -5.048  -3.533  2.532   1.000 5.241  ? 3   DGN A HG3  1 
HETATM 57  H  HE21 . DGN A 1 3  ? -3.227  -4.482  -0.142  1.000 5.519  ? 3   DGN A HE21 1 
HETATM 58  H  HE22 . DGN A 1 3  ? -3.169  -4.029  1.322   1.000 5.556  ? 3   DGN A HE22 1 
HETATM 59  N  N    . DGL A 1 4  ? -6.540  1.264   3.466   1.000 7.170  ? 4   DGL A N    1 
HETATM 60  C  CA   A DGL A 1 4  ? -6.489  2.722   3.506   0.500 8.667  ? 4   DGL A CA   1 
HETATM 61  C  CA   B DGL A 1 4  ? -6.492  2.715   3.503   0.500 8.599  ? 4   DGL A CA   1 
HETATM 62  C  C    . DGL A 1 4  ? -6.152  3.314   2.136   1.000 6.498  ? 4   DGL A C    1 
HETATM 63  O  O    . DGL A 1 4  ? -5.475  4.342   2.045   1.000 6.582  ? 4   DGL A O    1 
HETATM 64  C  CB   A DGL A 1 4  ? -7.813  3.314   4.012   0.500 12.459 ? 4   DGL A CB   1 
HETATM 65  C  CB   B DGL A 1 4  ? -7.850  3.206   4.013   0.500 12.004 ? 4   DGL A CB   1 
HETATM 66  C  CG   A DGL A 1 4  ? -7.966  3.256   5.526   0.500 16.286 ? 4   DGL A CG   1 
HETATM 67  C  CG   B DGL A 1 4  ? -8.065  4.687   3.864   0.500 14.964 ? 4   DGL A CG   1 
HETATM 68  C  CD   A DGL A 1 4  ? -6.858  3.931   6.322   0.500 20.701 ? 4   DGL A CD   1 
HETATM 69  C  CD   B DGL A 1 4  ? -9.431  5.143   4.333   0.500 18.260 ? 4   DGL A CD   1 
HETATM 70  O  OE1  A DGL A 1 4  ? -6.747  5.172   6.253   0.500 22.178 ? 4   DGL A OE1  1 
HETATM 71  O  OE1  B DGL A 1 4  ? -10.423 4.838   3.643   0.500 22.163 ? 4   DGL A OE1  1 
HETATM 72  O  OE2  A DGL A 1 4  ? -6.097  3.209   7.001   0.500 28.522 ? 4   DGL A OE2  1 
HETATM 73  O  OE2  B DGL A 1 4  ? -9.500  5.789   5.394   0.500 29.032 ? 4   DGL A OE2  1 
HETATM 74  H  H    . DGL A 1 4  ? -7.375  0.797   3.792   1.000 7.070  ? 4   DGL A H    1 
HETATM 75  H  HA   . DGL A 1 4  ? -5.784  2.981   4.139   1.000 8.627  ? 4   DGL A HA   1 
HETATM 76  H  HB2  A DGL A 1 4  ? -8.555  2.824   3.598   0.500 12.030 ? 4   DGL A HB2  1 
HETATM 77  H  HB2  B DGL A 1 4  ? -7.932  2.968   4.962   0.500 11.636 ? 4   DGL A HB2  1 
HETATM 78  H  HB3  A DGL A 1 4  ? -7.871  4.250   3.723   0.500 11.749 ? 4   DGL A HB3  1 
HETATM 79  H  HB3  B DGL A 1 4  ? -8.557  2.734   3.523   0.500 11.513 ? 4   DGL A HB3  1 
HETATM 80  H  HG2  A DGL A 1 4  ? -8.011  2.314   5.802   0.500 15.659 ? 4   DGL A HG2  1 
HETATM 81  H  HG2  B DGL A 1 4  ? -7.963  4.934   2.921   0.500 14.411 ? 4   DGL A HG2  1 
HETATM 82  H  HG3  A DGL A 1 4  ? -8.819  3.675   5.773   0.500 15.991 ? 4   DGL A HG3  1 
HETATM 83  H  HG3  B DGL A 1 4  ? -7.378  5.168   4.377   0.500 14.866 ? 4   DGL A HG3  1 
HETATM 84  N  N    . AIB A 1 5  ? -6.658  2.675   1.073   1.000 6.107  ? 5   AIB A N    1 
HETATM 85  C  CA   . AIB A 1 5  ? -6.464  3.148   -0.297  1.000 6.010  ? 5   AIB A CA   1 
HETATM 86  C  C    . AIB A 1 5  ? -4.973  3.344   -0.602  1.000 5.095  ? 5   AIB A C    1 
HETATM 87  O  O    . AIB A 1 5  ? -4.597  4.152   -1.460  1.000 5.451  ? 5   AIB A O    1 
HETATM 88  C  CB1  . AIB A 1 5  ? -7.224  4.459   -0.528  1.000 7.337  ? 5   AIB A CB1  1 
HETATM 89  C  CB2  . AIB A 1 5  ? -6.969  2.065   -1.248  1.000 7.195  ? 5   AIB A CB2  1 
HETATM 90  H  H    . AIB A 1 5  ? -7.211  1.842   1.216   1.000 6.166  ? 5   AIB A H    1 
HETATM 91  H  HB11 . AIB A 1 5  ? -6.775  5.182   -0.054  1.000 7.121  ? 5   AIB A HB11 1 
HETATM 92  H  HB12 . AIB A 1 5  ? -7.243  4.658   -1.481  1.000 7.200  ? 5   AIB A HB12 1 
HETATM 93  H  HB13 . AIB A 1 5  ? -8.135  4.368   -0.196  1.000 7.029  ? 5   AIB A HB13 1 
HETATM 94  H  HB21 . AIB A 1 5  ? -6.850  2.360   -2.168  1.000 7.182  ? 5   AIB A HB21 1 
HETATM 95  H  HB22 . AIB A 1 5  ? -6.464  1.245   -1.101  1.000 7.319  ? 5   AIB A HB22 1 
HETATM 96  H  HB23 . AIB A 1 5  ? -7.913  1.899   -1.078  1.000 8.234  ? 5   AIB A HB23 1 
ATOM   97  N  N    . HIS A 1 6  ? -4.109  2.565   0.066   1.000 4.699  ? 6   HIS A N    1 
ATOM   98  C  CA   . HIS A 1 6  ? -2.667  2.678   -0.121  1.000 4.564  ? 6   HIS A CA   1 
ATOM   99  C  C    . HIS A 1 6  ? -2.171  4.106   0.079   1.000 4.582  ? 6   HIS A C    1 
ATOM   100 O  O    . HIS A 1 6  ? -1.181  4.520   -0.532  1.000 4.884  ? 6   HIS A O    1 
ATOM   101 C  CB   . HIS A 1 6  ? -2.185  2.164   -1.482  1.000 4.833  ? 6   HIS A CB   1 
ATOM   102 C  CG   . HIS A 1 6  ? -2.501  0.740   -1.734  1.000 4.575  ? 6   HIS A CG   1 
ATOM   103 N  ND1  . HIS A 1 6  ? -1.661  -0.300  -1.343  1.000 4.116  ? 6   HIS A ND1  1 
ATOM   104 C  CD2  . HIS A 1 6  ? -3.560  0.195   -2.386  1.000 5.324  ? 6   HIS A CD2  1 
ATOM   105 C  CE1  . HIS A 1 6  ? -2.228  -1.426  -1.776  1.000 4.446  ? 6   HIS A CE1  1 
ATOM   106 N  NE2  . HIS A 1 6  ? -3.377  -1.161  -2.398  1.000 5.096  ? 6   HIS A NE2  1 
ATOM   107 H  H    . HIS A 1 6  ? -4.457  1.857   0.695   1.000 4.775  ? 6   HIS A H    1 
ATOM   108 H  HA   . HIS A 1 6  ? -2.247  2.123   0.570   1.000 4.601  ? 6   HIS A HA   1 
ATOM   109 H  HB2  . HIS A 1 6  ? -2.594  2.709   -2.191  1.000 4.784  ? 6   HIS A HB2  1 
ATOM   110 H  HB3  . HIS A 1 6  ? -1.211  2.283   -1.539  1.000 4.834  ? 6   HIS A HB3  1 
ATOM   111 H  HD2  . HIS A 1 6  ? -4.283  0.660   -2.765  1.000 5.005  ? 6   HIS A HD2  1 
ATOM   112 H  HE1  . HIS A 1 6  ? -1.879  -2.286  -1.637  1.000 4.527  ? 6   HIS A HE1  1 
ATOM   113 H  HE2  . HIS A 1 6  ? -3.915  -1.748  -2.745  1.000 4.962  ? 6   HIS A HE2  1 
HETATM 114 N  N    . DLY A 1 7  ? -2.831  4.877   0.955   1.000 4.927  ? 7   DLY A N    1 
HETATM 115 C  CA   . DLY A 1 7  ? -2.374  6.233   1.171   1.000 5.351  ? 7   DLY A CA   1 
HETATM 116 C  C    . DLY A 1 7  ? -2.454  7.096   -0.090  1.000 5.375  ? 7   DLY A C    1 
HETATM 117 O  O    . DLY A 1 7  ? -1.799  8.135   -0.158  1.000 6.505  ? 7   DLY A O    1 
HETATM 118 C  CB   . DLY A 1 7  ? -3.137  6.866   2.338   1.000 6.832  ? 7   DLY A CB   1 
HETATM 119 C  CG   . DLY A 1 7  ? -2.821  6.195   3.666   1.000 9.418  ? 7   DLY A CG   1 
HETATM 120 C  CD   . DLY A 1 7  ? -3.645  6.710   4.818   1.000 14.986 ? 7   DLY A CD   1 
HETATM 121 C  CE   . DLY A 1 7  ? -3.347  5.999   6.125   1.000 21.127 ? 7   DLY A CE   1 
HETATM 122 N  NZ   . DLY A 1 7  ? -4.281  6.400   7.203   1.000 28.887 ? 7   DLY A NZ   1 
HETATM 123 H  H    . DLY A 1 7  ? -3.623  4.525   1.471   1.000 4.993  ? 7   DLY A H    1 
HETATM 124 H  HA   . DLY A 1 7  ? -1.425  6.182   1.433   1.000 5.370  ? 7   DLY A HA   1 
HETATM 125 H  HB2  . DLY A 1 7  ? -4.100  6.796   2.165   1.000 6.760  ? 7   DLY A HB2  1 
HETATM 126 H  HB3  . DLY A 1 7  ? -2.903  7.817   2.395   1.000 6.614  ? 7   DLY A HB3  1 
HETATM 127 H  HG2  . DLY A 1 7  ? -1.870  6.333   3.870   1.000 9.278  ? 7   DLY A HG2  1 
HETATM 128 H  HG3  . DLY A 1 7  ? -2.971  5.229   3.577   1.000 9.263  ? 7   DLY A HG3  1 
HETATM 129 H  HD2  . DLY A 1 7  ? -4.598  6.598   4.605   1.000 14.263 ? 7   DLY A HD2  1 
HETATM 130 H  HD3  . DLY A 1 7  ? -3.473  7.670   4.931   1.000 14.325 ? 7   DLY A HD3  1 
HETATM 131 H  HE2  . DLY A 1 7  ? -2.434  6.204   6.406   1.000 20.344 ? 7   DLY A HE2  1 
HETATM 132 H  HE3  . DLY A 1 7  ? -3.412  5.033   5.993   1.000 21.652 ? 7   DLY A HE3  1 
HETATM 133 H  HZ1  . DLY A 1 7  ? -4.092  5.938   7.963   1.000 28.517 ? 7   DLY A HZ1  1 
HETATM 134 H  HZ2  . DLY A 1 7  ? -4.199  7.290   7.366   1.000 27.932 ? 7   DLY A HZ2  1 
HETATM 135 H  HZ3  . DLY A 1 7  ? -5.135  6.221   6.952   1.000 28.224 ? 7   DLY A HZ3  1 
HETATM 136 N  N    . DLE A 1 8  ? -3.254  6.677   -1.078  1.000 5.087  ? 8   DLE A N    1 
HETATM 137 C  CA   . DLE A 1 8  ? -3.361  7.405   -2.333  1.000 5.344  ? 8   DLE A CA   1 
HETATM 138 C  CB   . DLE A 1 8  ? -4.812  7.364   -2.831  1.000 6.836  ? 8   DLE A CB   1 
HETATM 139 C  CG   . DLE A 1 8  ? -5.822  7.914   -1.828  1.000 8.603  ? 8   DLE A CG   1 
HETATM 140 C  CD1  . DLE A 1 8  ? -5.479  9.326   -1.363  1.000 9.857  ? 8   DLE A CD1  1 
HETATM 141 C  CD2  . DLE A 1 8  ? -7.200  7.869   -2.463  1.000 11.126 ? 8   DLE A CD2  1 
HETATM 142 C  C    . DLE A 1 8  ? -2.431  6.876   -3.424  1.000 5.125  ? 8   DLE A C    1 
HETATM 143 O  O    . DLE A 1 8  ? -2.402  7.437   -4.519  1.000 6.274  ? 8   DLE A O    1 
HETATM 144 H  H    . DLE A 1 8  ? -3.820  5.855   -0.950  1.000 5.152  ? 8   DLE A H    1 
HETATM 145 H  HA   . DLE A 1 8  ? -3.116  8.343   -2.160  1.000 5.436  ? 8   DLE A HA   1 
HETATM 146 H  HB2  . DLE A 1 8  ? -5.046  6.436   -3.038  1.000 6.738  ? 8   DLE A HB2  1 
HETATM 147 H  HB3  . DLE A 1 8  ? -4.874  7.882   -3.659  1.000 6.695  ? 8   DLE A HB3  1 
HETATM 148 H  HG   . DLE A 1 8  ? -5.828  7.321   -1.037  1.000 8.446  ? 8   DLE A HG   1 
HETATM 149 H  HD11 . DLE A 1 8  ? -6.268  9.740   -0.971  1.000 9.441  ? 8   DLE A HD11 1 
HETATM 150 H  HD12 . DLE A 1 8  ? -4.770  9.286   -0.697  1.000 9.772  ? 8   DLE A HD12 1 
HETATM 151 H  HD13 . DLE A 1 8  ? -5.180  9.853   -2.124  1.000 9.648  ? 8   DLE A HD13 1 
HETATM 152 H  HD21 . DLE A 1 8  ? -7.233  8.489   -3.213  1.000 10.532 ? 8   DLE A HD21 1 
HETATM 153 H  HD22 . DLE A 1 8  ? -7.382  6.967   -2.780  1.000 10.789 ? 8   DLE A HD22 1 
HETATM 154 H  HD23 . DLE A 1 8  ? -7.870  8.123   -1.803  1.000 10.787 ? 8   DLE A HD23 1 
ATOM   155 N  N    . GLN A 1 9  ? -1.659  5.819   -3.147  1.000 4.730  ? 9   GLN A N    1 
ATOM   156 C  CA   . GLN A 1 9  ? -0.687  5.328   -4.126  1.000 4.667  ? 9   GLN A CA   1 
ATOM   157 C  C    . GLN A 1 9  ? -1.347  4.313   -5.056  1.000 5.107  ? 9   GLN A C    1 
ATOM   158 O  O    . GLN A 1 9  ? -1.608  3.169   -4.685  1.000 5.445  ? 9   GLN A O    1 
ATOM   159 C  CB   . GLN A 1 9  ? 0.513   4.698   -3.418  1.000 4.475  ? 9   GLN A CB   1 
ATOM   160 C  CG   . GLN A 1 9  ? 1.195   5.694   -2.488  1.000 4.659  ? 9   GLN A CG   1 
ATOM   161 C  CD   . GLN A 1 9  ? 2.478   5.133   -1.923  1.000 4.546  ? 9   GLN A CD   1 
ATOM   162 O  OE1  . GLN A 1 9  ? 2.482   4.440   -0.901  1.000 5.248  ? 9   GLN A OE1  1 
ATOM   163 N  NE2  . GLN A 1 9  ? 3.580   5.416   -2.600  1.000 5.421  ? 9   GLN A NE2  1 
ATOM   164 H  H    . GLN A 1 9  ? -1.743  5.345   -2.264  1.000 4.786  ? 9   GLN A H    1 
ATOM   165 H  HA   . GLN A 1 9  ? -0.371  6.091   -4.662  1.000 4.730  ? 9   GLN A HA   1 
ATOM   166 H  HB2  . GLN A 1 9  ? 0.209   3.923   -2.903  1.000 4.518  ? 9   GLN A HB2  1 
ATOM   167 H  HB3  . GLN A 1 9  ? 1.154   4.387   -4.092  1.000 4.497  ? 9   GLN A HB3  1 
ATOM   168 H  HG2  . GLN A 1 9  ? 1.391   6.520   -2.980  1.000 4.661  ? 9   GLN A HG2  1 
ATOM   169 H  HG3  . GLN A 1 9  ? 0.590   5.919   -1.750  1.000 4.630  ? 9   GLN A HG3  1 
ATOM   170 H  HE21 . GLN A 1 9  ? 4.369   5.196   -2.269  1.000 5.167  ? 9   GLN A HE21 1 
ATOM   171 H  HE22 . GLN A 1 9  ? 3.530   5.823   -3.383  1.000 5.215  ? 9   GLN A HE22 1 
ATOM   172 N  N    . GLU A 1 10 ? -1.591  4.728   -6.305  1.000 6.011  ? 10  GLU A N    1 
ATOM   173 C  CA   . GLU A 1 10 ? -2.196  3.831   -7.285  1.000 7.084  ? 10  GLU A CA   1 
ATOM   174 C  C    . GLU A 1 10 ? -1.378  2.548   -7.454  1.000 5.613  ? 10  GLU A C    1 
ATOM   175 O  O    . GLU A 1 10 ? -1.940  1.464   -7.628  1.000 5.968  ? 10  GLU A O    1 
ATOM   176 C  CB   . GLU A 1 10 ? -2.374  4.549   -8.618  1.000 10.750 ? 10  GLU A CB   1 
ATOM   177 C  CG   . GLU A 1 10 ? -3.570  5.471   -8.622  1.000 17.747 ? 10  GLU A CG   1 
ATOM   178 C  CD   . GLU A 1 10 ? -4.927  4.779   -8.563  1.000 25.074 ? 10  GLU A CD   1 
ATOM   179 O  OE1  . GLU A 1 10 ? -5.062  3.666   -9.116  1.000 29.449 ? 10  GLU A OE1  1 
ATOM   180 O  OE2  . GLU A 1 10 ? -5.849  5.354   -7.953  1.000 38.066 ? 10  GLU A OE2  1 
ATOM   181 H  H    . GLU A 1 10 ? -1.360  5.672   -6.579  1.000 5.988  ? 10  GLU A H    1 
ATOM   182 H  HA   . GLU A 1 10 ? -3.087  3.579   -6.948  1.000 7.333  ? 10  GLU A HA   1 
ATOM   183 H  HB2  . GLU A 1 10 ? -1.566  5.070   -8.808  1.000 10.506 ? 10  GLU A HB2  1 
ATOM   184 H  HB3  . GLU A 1 10 ? -2.479  3.880   -9.328  1.000 10.542 ? 10  GLU A HB3  1 
ATOM   185 H  HG2  . GLU A 1 10 ? -3.502  6.078   -7.854  1.000 16.619 ? 10  GLU A HG2  1 
ATOM   186 H  HG3  . GLU A 1 10 ? -3.542  6.021   -9.434  1.000 16.684 ? 10  GLU A HG3  1 
HETATM 187 N  N    . AIB A 1 11 ? -0.048  2.688   -7.397  1.000 5.197  ? 11  AIB A N    1 
HETATM 188 C  CA   . AIB A 1 11 ? 0.891   1.575   -7.580  1.000 5.113  ? 11  AIB A CA   1 
HETATM 189 C  C    . AIB A 1 11 ? 0.568   0.435   -6.600  1.000 4.560  ? 11  AIB A C    1 
HETATM 190 O  O    . AIB A 1 11 ? 0.900   -0.725  -6.853  1.000 4.939  ? 11  AIB A O    1 
HETATM 191 C  CB1  . AIB A 1 11 ? 0.852   1.051   -9.020  1.000 6.307  ? 11  AIB A CB1  1 
HETATM 192 C  CB2  . AIB A 1 11 ? 2.293   2.073   -7.226  1.000 5.872  ? 11  AIB A CB2  1 
HETATM 193 H  H    . AIB A 1 11 ? 0.335   3.609   -7.235  1.000 5.240  ? 11  AIB A H    1 
HETATM 194 H  HB11 . AIB A 1 11 ? 0.837   1.804   -9.638  1.000 6.032  ? 11  AIB A HB11 1 
HETATM 195 H  HB12 . AIB A 1 11 ? 1.641   0.507   -9.189  1.000 6.172  ? 11  AIB A HB12 1 
HETATM 196 H  HB13 . AIB A 1 11 ? 0.051   0.511   -9.147  1.000 6.131  ? 11  AIB A HB13 1 
HETATM 197 H  HB21 . AIB A 1 11 ? 2.929   1.343   -7.320  1.000 5.718  ? 11  AIB A HB21 1 
HETATM 198 H  HB22 . AIB A 1 11 ? 2.539   2.799   -7.826  1.000 5.742  ? 11  AIB A HB22 1 
HETATM 199 H  HB23 . AIB A 1 11 ? 2.298   2.395   -6.306  1.000 5.839  ? 11  AIB A HB23 1 
HETATM 200 N  N    . DHI A 1 12 ? -0.036  0.770   -5.450  1.000 4.417  ? 12  DHI A N    1 
HETATM 201 C  CA   . DHI A 1 12 ? -0.382  -0.227  -4.445  1.000 4.463  ? 12  DHI A CA   1 
HETATM 202 C  C    . DHI A 1 12 ? -1.250  -1.345  -5.003  1.000 4.507  ? 12  DHI A C    1 
HETATM 203 O  O    . DHI A 1 12 ? -1.214  -2.474  -4.515  1.000 4.792  ? 12  DHI A O    1 
HETATM 204 C  CB   . DHI A 1 12 ? 0.841   -0.853  -3.762  1.000 4.565  ? 12  DHI A CB   1 
HETATM 205 C  CG   . DHI A 1 12 ? 1.737   0.145   -3.128  1.000 4.388  ? 12  DHI A CG   1 
HETATM 206 N  ND1  . DHI A 1 12 ? 1.505   0.668   -1.864  1.000 4.178  ? 12  DHI A ND1  1 
HETATM 207 C  CD2  . DHI A 1 12 ? 2.886   0.696   -3.606  1.000 5.030  ? 12  DHI A CD2  1 
HETATM 208 C  CE1  . DHI A 1 12 ? 2.508   1.503   -1.619  1.000 4.621  ? 12  DHI A CE1  1 
HETATM 209 N  NE2  . DHI A 1 12 ? 3.356   1.549   -2.650  1.000 5.048  ? 12  DHI A NE2  1 
HETATM 210 H  H    . DHI A 1 12 ? -0.232  1.739   -5.252  1.000 4.451  ? 12  DHI A H    1 
HETATM 211 H  HA   . DHI A 1 12 ? -0.906  0.235   -3.752  1.000 4.472  ? 12  DHI A HA   1 
HETATM 212 H  HB2  . DHI A 1 12 ? 1.353   -1.363  -4.429  1.000 4.554  ? 12  DHI A HB2  1 
HETATM 213 H  HB3  . DHI A 1 12 ? 0.535   -1.485  -3.073  1.000 4.570  ? 12  DHI A HB3  1 
HETATM 214 H  HD2  . DHI A 1 12 ? 3.285   0.525   -4.440  1.000 4.832  ? 12  DHI A HD2  1 
HETATM 215 H  HE1  . DHI A 1 12 ? 2.619   1.981   -0.816  1.000 4.580  ? 12  DHI A HE1  1 
HETATM 216 H  HE2  . DHI A 1 12 ? 4.070   2.045   -2.702  1.000 5.023  ? 12  DHI A HE2  1 
ATOM   217 N  N    . LYS A 1 13 ? -2.060  -1.054  -6.037  1.000 4.892  ? 13  LYS A N    1 
ATOM   218 C  CA   . LYS A 1 13 ? -2.872  -2.117  -6.603  1.000 5.216  ? 13  LYS A CA   1 
ATOM   219 C  C    . LYS A 1 13 ? -2.025  -3.257  -7.180  1.000 5.200  ? 13  LYS A C    1 
ATOM   220 O  O    . LYS A 1 13 ? -2.539  -4.360  -7.371  1.000 6.352  ? 13  LYS A O    1 
ATOM   221 C  CB   . LYS A 1 13 ? -3.832  -1.538  -7.649  1.000 6.474  ? 13  LYS A CB   1 
ATOM   222 C  CG   . LYS A 1 13 ? -4.866  -0.612  -7.028  1.000 8.814  ? 13  LYS A CG   1 
ATOM   223 C  CD   . LYS A 1 13 ? -5.750  0.034   -8.063  1.000 13.298 ? 13  LYS A CD   1 
ATOM   224 C  CE   . LYS A 1 13 ? -6.797  0.953   -7.470  1.000 18.510 ? 13  LYS A CE   1 
ATOM   225 N  NZ   . LYS A 1 13 ? -7.433  1.798   -8.503  1.000 24.063 ? 13  LYS A NZ   1 
ATOM   226 H  H    . LYS A 1 13 ? -2.119  -0.118  -6.412  1.000 4.917  ? 13  LYS A H    1 
ATOM   227 H  HA   . LYS A 1 13 ? -3.418  -2.491  -5.873  1.000 5.263  ? 13  LYS A HA   1 
ATOM   228 H  HB2  . LYS A 1 13 ? -3.315  -1.041  -8.316  1.000 6.461  ? 13  LYS A HB2  1 
ATOM   229 H  HB3  . LYS A 1 13 ? -4.292  -2.275  -8.102  1.000 6.395  ? 13  LYS A HB3  1 
ATOM   230 H  HG2  . LYS A 1 13 ? -5.421  -1.127  -6.406  1.000 8.840  ? 13  LYS A HG2  1 
ATOM   231 H  HG3  . LYS A 1 13 ? -4.405  0.087   -6.518  1.000 8.630  ? 13  LYS A HG3  1 
ATOM   232 H  HD2  . LYS A 1 13 ? -5.191  0.551   -8.683  1.000 12.891 ? 13  LYS A HD2  1 
ATOM   233 H  HD3  . LYS A 1 13 ? -6.201  -0.667  -8.580  1.000 13.139 ? 13  LYS A HD3  1 
ATOM   234 H  HE2  . LYS A 1 13 ? -7.486  0.421   -7.029  1.000 18.074 ? 13  LYS A HE2  1 
ATOM   235 H  HE3  . LYS A 1 13 ? -6.384  1.528   -6.799  1.000 18.370 ? 13  LYS A HE3  1 
ATOM   236 H  HZ1  . LYS A 1 13 ? -6.804  2.307   -8.914  1.000 22.745 ? 13  LYS A HZ1  1 
ATOM   237 H  HZ2  . LYS A 1 13 ? -8.049  2.343   -8.118  1.000 23.029 ? 13  LYS A HZ2  1 
ATOM   238 H  HZ3  . LYS A 1 13 ? -7.842  1.275   -9.120  1.000 22.788 ? 13  LYS A HZ3  1 
ATOM   239 N  N    . LEU A 1 14 ? -0.742  -2.997  -7.448  1.000 4.957  ? 14  LEU A N    1 
ATOM   240 C  CA   . LEU A 1 14 ? 0.166   -4.009  -7.968  1.000 5.297  ? 14  LEU A CA   1 
ATOM   241 C  C    . LEU A 1 14 ? 1.079   -4.622  -6.899  1.000 5.166  ? 14  LEU A C    1 
ATOM   242 O  O    . LEU A 1 14 ? 1.898   -5.485  -7.217  1.000 6.693  ? 14  LEU A O    1 
ATOM   243 C  CB   . LEU A 1 14 ? 1.004   -3.407  -9.103  1.000 6.632  ? 14  LEU A CB   1 
ATOM   244 C  CG   . LEU A 1 14 ? 0.175   -2.801  -10.238 1.000 7.896  ? 14  LEU A CG   1 
ATOM   245 C  CD1  . LEU A 1 14 ? 1.117   -2.233  -11.284 1.000 10.367 ? 14  LEU A CD1  1 
ATOM   246 C  CD2  . LEU A 1 14 ? -0.790  -3.799  -10.859 1.000 9.052  ? 14  LEU A CD2  1 
ATOM   247 H  H    . LEU A 1 14 ? -0.389  -2.064  -7.317  1.000 5.031  ? 14  LEU A H    1 
ATOM   248 H  HA   . LEU A 1 14 ? -0.382  -4.736  -8.341  1.000 5.415  ? 14  LEU A HA   1 
ATOM   249 H  HB2  . LEU A 1 14 ? 1.582   -2.712  -8.730  1.000 6.608  ? 14  LEU A HB2  1 
ATOM   250 H  HB3  . LEU A 1 14 ? 1.578   -4.107  -9.472  1.000 6.457  ? 14  LEU A HB3  1 
ATOM   251 H  HG   . LEU A 1 14 ? -0.356  -2.054  -9.866  1.000 7.936  ? 14  LEU A HG   1 
ATOM   252 H  HD11 . LEU A 1 14 ? 1.718   -1.592  -10.866 1.000 9.947  ? 14  LEU A HD11 1 
ATOM   253 H  HD12 . LEU A 1 14 ? 0.600   -1.787  -11.977 1.000 10.097 ? 14  LEU A HD12 1 
ATOM   254 H  HD13 . LEU A 1 14 ? 1.636   -2.954  -11.680 1.000 9.847  ? 14  LEU A HD13 1 
ATOM   255 H  HD21 . LEU A 1 14 ? -0.333  -4.647  -10.997 1.000 8.880  ? 14  LEU A HD21 1 
ATOM   256 H  HD22 . LEU A 1 14 ? -1.106  -3.458  -11.712 1.000 8.643  ? 14  LEU A HD22 1 
ATOM   257 H  HD23 . LEU A 1 14 ? -1.547  -3.934  -10.262 1.000 8.798  ? 14  LEU A HD23 1 
HETATM 258 N  N    . DGN A 1 15 ? 0.952   -4.200  -5.635  1.000 4.682  ? 15  DGN A N    1 
HETATM 259 C  CA   . DGN A 1 15 ? 1.718   -4.836  -4.560  1.000 4.744  ? 15  DGN A CA   1 
HETATM 260 C  C    . DGN A 1 15 ? 3.073   -4.139  -4.364  1.000 5.196  ? 15  DGN A C    1 
HETATM 261 O  O    . DGN A 1 15 ? 3.174   -3.069  -3.769  1.000 6.309  ? 15  DGN A O    1 
HETATM 262 C  CB   . DGN A 1 15 ? 0.944   -4.803  -3.245  1.000 4.624  ? 15  DGN A CB   1 
HETATM 263 C  CG   . DGN A 1 15 ? -0.420  -5.474  -3.376  1.000 4.842  ? 15  DGN A CG   1 
HETATM 264 C  CD   . DGN A 1 15 ? -1.093  -5.572  -2.027  1.000 4.695  ? 15  DGN A CD   1 
HETATM 265 O  OE1  . DGN A 1 15 ? -1.737  -4.627  -1.557  1.000 5.207  ? 15  DGN A OE1  1 
HETATM 266 N  NE2  . DGN A 1 15 ? -0.930  -6.708  -1.373  1.000 5.731  ? 15  DGN A NE2  1 
HETATM 267 H  H    . DGN A 1 15 ? 0.331   -3.441  -5.411  1.000 4.792  ? 15  DGN A H    1 
HETATM 268 H  HA   . DGN A 1 15 ? 1.878   -5.777  -4.804  1.000 4.796  ? 15  DGN A HA   1 
HETATM 269 H  HB2  . DGN A 1 15 ? 0.823   -3.869  -2.970  1.000 4.652  ? 15  DGN A HB2  1 
HETATM 270 H  HB3  . DGN A 1 15 ? 1.469   -5.261  -2.554  1.000 4.624  ? 15  DGN A HB3  1 
HETATM 271 H  HG2  . DGN A 1 15 ? -0.310  -6.375  -3.754  1.000 4.876  ? 15  DGN A HG2  1 
HETATM 272 H  HG3  . DGN A 1 15 ? -0.987  -4.955  -3.986  1.000 4.857  ? 15  DGN A HG3  1 
HETATM 273 H  HE21 . DGN A 1 15 ? -1.287  -6.811  -0.571  1.000 5.357  ? 15  DGN A HE21 1 
HETATM 274 H  HE22 . DGN A 1 15 ? -0.462  -7.367  -1.734  1.000 5.387  ? 15  DGN A HE22 1 
HETATM 275 N  N    . DGL A 1 16 ? 4.134   -4.788  -4.832  1.000 5.726  ? 16  DGL A N    1 
HETATM 276 C  CA   . DGL A 1 16 ? 5.492   -4.281  -4.625  1.000 6.724  ? 16  DGL A CA   1 
HETATM 277 C  C    . DGL A 1 16 ? 5.798   -4.056  -3.136  1.000 5.310  ? 16  DGL A C    1 
HETATM 278 O  O    . DGL A 1 16 ? 6.561   -3.152  -2.789  1.000 5.584  ? 16  DGL A O    1 
HETATM 279 C  CB   . DGL A 1 16 ? 6.505   -5.275  -5.229  1.000 9.336  ? 16  DGL A CB   1 
HETATM 280 C  CG   . DGL A 1 16 ? 6.523   -5.243  -6.738  1.000 12.041 ? 16  DGL A CG   1 
HETATM 281 C  CD   . DGL A 1 16 ? 7.255   -4.041  -7.310  1.000 12.485 ? 16  DGL A CD   1 
HETATM 282 O  OE1  . DGL A 1 16 ? 8.315   -3.677  -6.796  1.000 13.337 ? 16  DGL A OE1  1 
HETATM 283 O  OE2  . DGL A 1 16 ? 6.753   -3.478  -8.303  1.000 19.917 ? 16  DGL A OE2  1 
HETATM 284 H  H    . DGL A 1 16 ? 4.008   -5.649  -5.345  1.000 5.856  ? 16  DGL A H    1 
HETATM 285 H  HA   . DGL A 1 16 ? 5.574   -3.420  -5.095  1.000 6.555  ? 16  DGL A HA   1 
HETATM 286 H  HB2  . DGL A 1 16 ? 6.276   -6.180  -4.929  1.000 9.058  ? 16  DGL A HB2  1 
HETATM 287 H  HB3  . DGL A 1 16 ? 7.401   -5.061  -4.889  1.000 8.884  ? 16  DGL A HB3  1 
HETATM 288 H  HG2  . DGL A 1 16 ? 5.599   -5.236  -7.071  1.000 11.384 ? 16  DGL A HG2  1 
HETATM 289 H  HG3  . DGL A 1 16 ? 6.954   -6.060  -7.072  1.000 11.527 ? 16  DGL A HG3  1 
HETATM 290 N  N    . AIB A 1 17 ? 5.195   -4.894  -2.279  1.000 5.215  ? 17  AIB A N    1 
HETATM 291 C  CA   . AIB A 1 17 ? 5.377   -4.825  -0.823  1.000 5.364  ? 17  AIB A CA   1 
HETATM 292 C  C    . AIB A 1 17 ? 5.125   -3.404  -0.305  1.000 4.614  ? 17  AIB A C    1 
HETATM 293 O  O    . AIB A 1 17 ? 5.643   -3.023  0.750   1.000 5.059  ? 17  AIB A O    1 
HETATM 294 C  CB1  . AIB A 1 17 ? 6.785   -5.281  -0.433  1.000 6.745  ? 17  AIB A CB1  1 
HETATM 295 C  CB2  . AIB A 1 17 ? 4.322   -5.734  -0.179  1.000 6.276  ? 17  AIB A CB2  1 
HETATM 296 H  H    . AIB A 1 17 ? 4.603   -5.624  -2.649  1.000 5.274  ? 17  AIB A H    1 
HETATM 297 H  HB11 . AIB A 1 17 ? 7.427   -4.589  -0.667  1.000 6.596  ? 17  AIB A HB11 1 
HETATM 298 H  HB12 . AIB A 1 17 ? 6.818   -5.446  0.526   1.000 6.481  ? 17  AIB A HB12 1 
HETATM 299 H  HB13 . AIB A 1 17 ? 7.003   -6.102  -0.911  1.000 6.464  ? 17  AIB A HB13 1 
HETATM 300 H  HB21 . AIB A 1 17 ? 4.373   -5.654  0.790   1.000 6.053  ? 17  AIB A HB21 1 
HETATM 301 H  HB22 . AIB A 1 17 ? 3.436   -5.468  -0.482  1.000 6.274  ? 17  AIB A HB22 1 
HETATM 302 H  HB23 . AIB A 1 17 ? 4.490   -6.658  -0.437  1.000 6.103  ? 17  AIB A HB23 1 
ATOM   303 N  N    . HIS A 1 18 ? 4.290   -2.626  -1.006  1.000 4.240  ? 18  HIS A N    1 
ATOM   304 C  CA   . HIS A 1 18 ? 3.963   -1.265  -0.593  1.000 4.099  ? 18  HIS A CA   1 
ATOM   305 C  C    . HIS A 1 18 ? 5.204   -0.378  -0.443  1.000 4.161  ? 18  HIS A C    1 
ATOM   306 O  O    . HIS A 1 18 ? 5.186   0.580   0.339   1.000 4.469  ? 18  HIS A O    1 
ATOM   307 C  CB   . HIS A 1 18 ? 3.147   -1.201  0.714   1.000 4.189  ? 18  HIS A CB   1 
ATOM   308 C  CG   . HIS A 1 18 ? 1.998   -2.142  0.739   1.000 4.052  ? 18  HIS A CG   1 
ATOM   309 N  ND1  . HIS A 1 18 ? 0.780   -1.879  0.125   1.000 3.964  ? 18  HIS A ND1  1 
ATOM   310 C  CD2  . HIS A 1 18 ? 1.930   -3.375  1.313   1.000 4.533  ? 18  HIS A CD2  1 
ATOM   311 C  CE1  . HIS A 1 18 ? 0.023   -2.948  0.348   1.000 4.436  ? 18  HIS A CE1  1 
ATOM   312 N  NE2  . HIS A 1 18 ? 0.680   -3.872  1.058   1.000 4.678  ? 18  HIS A NE2  1 
ATOM   313 H  H    . HIS A 1 18 ? 3.844   -2.993  -1.833  1.000 4.325  ? 18  HIS A H    1 
ATOM   314 H  HA   . HIS A 1 18 ? 3.413   -0.879  -1.304  1.000 4.133  ? 18  HIS A HA   1 
ATOM   315 H  HB2  . HIS A 1 18 ? 3.740   -1.404  1.470   1.000 4.212  ? 18  HIS A HB2  1 
ATOM   316 H  HB3  . HIS A 1 18 ? 2.809   -0.286  0.834   1.000 4.191  ? 18  HIS A HB3  1 
ATOM   317 H  HD2  . HIS A 1 18 ? 2.612   -3.810  1.789   1.000 4.467  ? 18  HIS A HD2  1 
ATOM   318 H  HE1  . HIS A 1 18 ? -0.865  -3.039  0.054   1.000 4.337  ? 18  HIS A HE1  1 
ATOM   319 H  HE2  . HIS A 1 18 ? 0.363   -4.639  1.315   1.000 4.705  ? 18  HIS A HE2  1 
HETATM 320 N  N    . DLY A 1 19 ? 6.281   -0.687  -1.168  1.000 4.583  ? 19  DLY A N    1 
HETATM 321 C  CA   . DLY A 1 19 ? 7.504   0.092   -1.006  1.000 5.166  ? 19  DLY A CA   1 
HETATM 322 C  C    . DLY A 1 19 ? 8.070   -0.007  0.419   1.000 5.483  ? 19  DLY A C    1 
HETATM 323 O  O    . DLY A 1 19 ? 8.810   0.875   0.839   1.000 7.219  ? 19  DLY A O    1 
HETATM 324 C  CB   . DLY A 1 19 ? 8.537   -0.374  -2.033  1.000 5.611  ? 19  DLY A CB   1 
HETATM 325 C  CG   . DLY A 1 19 ? 8.143   -0.026  -3.464  1.000 6.193  ? 19  DLY A CG   1 
HETATM 326 C  CD   . DLY A 1 19 ? 9.021   -0.724  -4.486  1.000 6.839  ? 19  DLY A CD   1 
HETATM 327 C  CE   . DLY A 1 19 ? 8.696   -0.291  -5.898  1.000 8.385  ? 19  DLY A CE   1 
HETATM 328 N  NZ   . DLY A 1 19 ? 9.416   -1.107  -6.898  1.000 9.278  ? 19  DLY A NZ   1 
HETATM 329 H  H    . DLY A 1 19 ? 6.256   -1.442  -1.837  1.000 4.622  ? 19  DLY A H    1 
HETATM 330 H  HA   . DLY A 1 19 ? 7.288   1.037   -1.188  1.000 5.161  ? 19  DLY A HA   1 
HETATM 331 H  HB2  . DLY A 1 19 ? 8.643   -1.347  -1.959  1.000 5.621  ? 19  DLY A HB2  1 
HETATM 332 H  HB3  . DLY A 1 19 ? 9.400   0.045   -1.829  1.000 5.585  ? 19  DLY A HB3  1 
HETATM 333 H  HG2  . DLY A 1 19 ? 8.213   0.946   -3.588  1.000 6.137  ? 19  DLY A HG2  1 
HETATM 334 H  HG3  . DLY A 1 19 ? 7.207   -0.284  -3.613  1.000 6.150  ? 19  DLY A HG3  1 
HETATM 335 H  HD2  . DLY A 1 19 ? 8.896   -1.695  -4.410  1.000 6.930  ? 19  DLY A HD2  1 
HETATM 336 H  HD3  . DLY A 1 19 ? 9.963   -0.520  -4.296  1.000 6.873  ? 19  DLY A HD3  1 
HETATM 337 H  HE2  . DLY A 1 19 ? 8.942   0.648   -6.016  1.000 8.179  ? 19  DLY A HE2  1 
HETATM 338 H  HE3  . DLY A 1 19 ? 7.735   -0.374  -6.052  1.000 8.251  ? 19  DLY A HE3  1 
HETATM 339 H  HZ1  . DLY A 1 19 ? 8.821   -1.576  -7.399  1.000 9.027  ? 19  DLY A HZ1  1 
HETATM 340 H  HZ2  . DLY A 1 19 ? 9.901   -0.566  -7.445  1.000 9.218  ? 19  DLY A HZ2  1 
HETATM 341 H  HZ3  . DLY A 1 19 ? 9.978   -1.687  -6.482  1.000 9.131  ? 19  DLY A HZ3  1 
HETATM 342 N  N    . DLE A 1 20 ? 7.741   -1.096  1.123   1.000 5.205  ? 20  DLE A N    1 
HETATM 343 C  CA   . DLE A 1 20 ? 8.245   -1.350  2.464   1.000 5.726  ? 20  DLE A CA   1 
HETATM 344 C  CB   . DLE A 1 20 ? 8.551   -2.838  2.637   1.000 6.896  ? 20  DLE A CB   1 
HETATM 345 C  CG   . DLE A 1 20 ? 9.572   -3.394  1.646   1.000 8.371  ? 20  DLE A CG   1 
HETATM 346 C  CD1  . DLE A 1 20 ? 10.900  -2.667  1.739   1.000 9.966  ? 20  DLE A CD1  1 
HETATM 347 C  CD2  . DLE A 1 20 ? 9.771   -4.878  1.885   1.000 10.690 ? 20  DLE A CD2  1 
HETATM 348 C  C    . DLE A 1 20 ? 7.293   -0.872  3.562   1.000 5.627  ? 20  DLE A C    1 
HETATM 349 O  O    . DLE A 1 20 ? 7.609   -1.015  4.744   1.000 7.524  ? 20  DLE A O    1 
HETATM 350 H  H    . DLE A 1 20 ? 7.141   -1.787  0.704   1.000 5.281  ? 20  DLE A H    1 
HETATM 351 H  HA   . DLE A 1 20 ? 9.087   -0.848  2.564   1.000 5.817  ? 20  DLE A HA   1 
HETATM 352 H  HB2  . DLE A 1 20 ? 7.716   -3.340  2.541   1.000 6.860  ? 20  DLE A HB2  1 
HETATM 353 H  HB3  . DLE A 1 20 ? 8.884   -2.984  3.546   1.000 6.721  ? 20  DLE A HB3  1 
HETATM 354 H  HG   . DLE A 1 20 ? 9.217   -3.273  0.731   1.000 8.357  ? 20  DLE A HG   1 
HETATM 355 H  HD11 . DLE A 1 20 ? 11.598  -3.208  1.326   1.000 9.557  ? 20  DLE A HD11 1 
HETATM 356 H  HD12 . DLE A 1 20 ? 10.837  -1.813  1.276   1.000 9.668  ? 20  DLE A HD12 1 
HETATM 357 H  HD13 . DLE A 1 20 ? 11.122  -2.513  2.674   1.000 9.759  ? 20  DLE A HD13 1 
HETATM 358 H  HD21 . DLE A 1 20 ? 10.125  -5.020  2.781   1.000 10.246 ? 20  DLE A HD21 1 
HETATM 359 H  HD22 . DLE A 1 20 ? 8.916   -5.335  1.798   1.000 10.136 ? 20  DLE A HD22 1 
HETATM 360 H  HD23 . DLE A 1 20 ? 10.396  -5.233  1.229   1.000 10.373 ? 20  DLE A HD23 1 
ATOM   361 N  N    . GLN A 1 21 ? 6.149   -0.288  3.192   1.000 4.767  ? 21  GLN A N    1 
ATOM   362 C  CA   . GLN A 1 21 ? 5.238   0.300   4.169   1.000 4.836  ? 21  GLN A CA   1 
ATOM   363 C  C    . GLN A 1 21 ? 4.250   -0.756  4.681   1.000 5.290  ? 21  GLN A C    1 
ATOM   364 O  O    . GLN A 1 21 ? 3.312   -1.141  3.992   1.000 6.556  ? 21  GLN A O    1 
ATOM   365 C  CB   . GLN A 1 21 ? 4.451   1.451   3.540   1.000 4.731  ? 21  GLN A CB   1 
ATOM   366 C  CG   . GLN A 1 21 ? 5.349   2.591   3.053   1.000 4.873  ? 21  GLN A CG   1 
ATOM   367 C  CD   . GLN A 1 21 ? 4.513   3.596   2.298   1.000 5.074  ? 21  GLN A CD   1 
ATOM   368 O  OE1  . GLN A 1 21 ? 3.911   4.502   2.887   1.000 6.140  ? 21  GLN A OE1  1 
ATOM   369 N  NE2  . GLN A 1 21 ? 4.436   3.418   0.986   1.000 5.430  ? 21  GLN A NE2  1 
ATOM   370 H  H    . GLN A 1 21 ? 5.896   -0.256  2.218   1.000 4.921  ? 21  GLN A H    1 
ATOM   371 H  HA   . GLN A 1 21 ? 5.764   0.648   4.926   1.000 4.872  ? 21  GLN A HA   1 
ATOM   372 H  HB2  . GLN A 1 21 ? 3.935   1.103   2.783   1.000 4.798  ? 21  GLN A HB2  1 
ATOM   373 H  HB3  . GLN A 1 21 ? 3.818   1.800   4.203   1.000 4.714  ? 21  GLN A HB3  1 
ATOM   374 H  HG2  . GLN A 1 21 ? 5.779   3.028   3.820   1.000 4.889  ? 21  GLN A HG2  1 
ATOM   375 H  HG3  . GLN A 1 21 ? 6.051   2.236   2.466   1.000 4.918  ? 21  GLN A HG3  1 
ATOM   376 H  HE21 . GLN A 1 21 ? 4.396   4.117   0.447   1.000 5.314  ? 21  GLN A HE21 1 
ATOM   377 H  HE22 . GLN A 1 21 ? 4.424   2.599   0.651   1.000 5.295  ? 21  GLN A HE22 1 
ATOM   378 N  N    . GLU A 1 22 ? 4.450   -1.196  5.929   1.000 6.349  ? 22  GLU A N    1 
ATOM   379 C  CA   A GLU A 1 22 ? 3.572   -2.171  6.562   0.500 7.456  ? 22  GLU A CA   1 
ATOM   380 C  CA   B GLU A 1 22 ? 3.574   -2.169  6.580   0.500 7.376  ? 22  GLU A CA   1 
ATOM   381 C  C    . GLU A 1 22 ? 2.111   -1.727  6.551   1.000 5.576  ? 22  GLU A C    1 
ATOM   382 O  O    . GLU A 1 22 ? 1.199   -2.561  6.521   1.000 5.728  ? 22  GLU A O    1 
ATOM   383 C  CB   A GLU A 1 22 ? 3.997   -2.372  8.034   0.500 10.009 ? 22  GLU A CB   1 
ATOM   384 C  CB   B GLU A 1 22 ? 4.022   -2.420  8.047   0.500 10.407 ? 22  GLU A CB   1 
ATOM   385 C  CG   A GLU A 1 22 ? 5.313   -3.112  8.201   0.500 11.606 ? 22  GLU A CG   1 
ATOM   386 C  CG   B GLU A 1 22 ? 3.789   -1.261  9.021   0.500 12.908 ? 22  GLU A CG   1 
ATOM   387 C  CD   A GLU A 1 22 ? 5.229   -4.566  7.780   0.500 12.956 ? 22  GLU A CD   1 
ATOM   388 C  CD   B GLU A 1 22 ? 4.055   -1.540  10.495  0.500 15.934 ? 22  GLU A CD   1 
ATOM   389 O  OE1  A GLU A 1 22 ? 4.351   -5.275  8.300   0.500 12.011 ? 22  GLU A OE1  1 
ATOM   390 O  OE1  B GLU A 1 22 ? 4.054   -2.725  10.883  0.500 22.404 ? 22  GLU A OE1  1 
ATOM   391 O  OE2  A GLU A 1 22 ? 6.048   -4.990  6.946   0.500 20.148 ? 22  GLU A OE2  1 
ATOM   392 O  OE2  B GLU A 1 22 ? 4.249   -0.566  11.268  0.500 15.638 ? 22  GLU A OE2  1 
ATOM   393 H  H    . GLU A 1 22 ? 5.239   -0.839  6.449   1.000 6.440  ? 22  GLU A H    1 
ATOM   394 H  HA   A GLU A 1 22 ? 3.651   -3.028  6.082   0.500 7.389  ? 22  GLU A HA   1 
ATOM   395 H  HA   B GLU A 1 22 ? 3.648   -3.017  6.085   0.500 7.387  ? 22  GLU A HA   1 
ATOM   396 H  HB2  A GLU A 1 22 ? 4.072   -1.491  8.458   0.500 9.647  ? 22  GLU A HB2  1 
ATOM   397 H  HB2  B GLU A 1 22 ? 3.546   -3.208  8.381   0.500 10.040 ? 22  GLU A HB2  1 
ATOM   398 H  HB3  A GLU A 1 22 ? 3.292   -2.871  8.497   0.500 9.636  ? 22  GLU A HB3  1 
ATOM   399 H  HB3  B GLU A 1 22 ? 4.979   -2.634  8.041   0.500 10.040 ? 22  GLU A HB3  1 
ATOM   400 H  HG2  A GLU A 1 22 ? 6.004   -2.668  7.667   0.500 11.287 ? 22  GLU A HG2  1 
ATOM   401 H  HG2  B GLU A 1 22 ? 4.354   -0.508  8.750   0.500 12.790 ? 22  GLU A HG2  1 
ATOM   402 H  HG3  A GLU A 1 22 ? 5.588   -3.072  9.142   0.500 11.113 ? 22  GLU A HG3  1 
ATOM   403 H  HG3  B GLU A 1 22 ? 2.859   -0.966  8.939   0.500 12.835 ? 22  GLU A HG3  1 
HETATM 404 N  N    . AIB A 1 23 ? 1.898   -0.406  6.604   1.000 5.488  ? 23  AIB A N    1 
HETATM 405 C  CA   . AIB A 1 23 ? 0.560   0.185   6.636   1.000 5.571  ? 23  AIB A CA   1 
HETATM 406 C  C    . AIB A 1 23 ? -0.315  -0.382  5.506   1.000 4.666  ? 23  AIB A C    1 
HETATM 407 O  O    . AIB A 1 23 ? -1.541  -0.435  5.622   1.000 5.179  ? 23  AIB A O    1 
HETATM 408 C  CB1  . AIB A 1 23 ? -0.117  -0.057  7.989   1.000 6.821  ? 23  AIB A CB1  1 
HETATM 409 C  CB2  . AIB A 1 23 ? 0.702   1.691   6.389   1.000 6.576  ? 23  AIB A CB2  1 
HETATM 410 H  H    . AIB A 1 23 ? 2.692   0.216   6.648   1.000 5.541  ? 23  AIB A H    1 
HETATM 411 H  HB11 . AIB A 1 23 ? 0.511   0.141   8.706   1.000 6.571  ? 23  AIB A HB11 1 
HETATM 412 H  HB12 . AIB A 1 23 ? -0.896  0.523   8.069   1.000 6.621  ? 23  AIB A HB12 1 
HETATM 413 H  HB13 . AIB A 1 23 ? -0.398  -0.988  8.049   1.000 6.670  ? 23  AIB A HB13 1 
HETATM 414 H  HB21 . AIB A 1 23 ? -0.182  2.102   6.376   1.000 6.356  ? 23  AIB A HB21 1 
HETATM 415 H  HB22 . AIB A 1 23 ? 1.234   2.088   7.101   1.000 6.394  ? 23  AIB A HB22 1 
HETATM 416 H  HB23 . AIB A 1 23 ? 1.142   1.839   5.532   1.000 6.510  ? 23  AIB A HB23 1 
HETATM 417 N  N    . DHI A 1 24 ? 0.309   -0.761  4.383   1.000 4.301  ? 24  DHI A N    1 
HETATM 418 C  CA   . DHI A 1 24 ? -0.422  -1.279  3.233   1.000 4.108  ? 24  DHI A CA   1 
HETATM 419 C  C    . DHI A 1 24 ? -1.286  -2.499  3.575   1.000 4.235  ? 24  DHI A C    1 
HETATM 420 O  O    . DHI A 1 24 ? -2.299  -2.746  2.919   1.000 4.668  ? 24  DHI A O    1 
HETATM 421 C  CB   . DHI A 1 24 ? -1.301  -0.219  2.537   1.000 4.328  ? 24  DHI A CB   1 
HETATM 422 C  CG   . DHI A 1 24 ? -0.582  1.039   2.201   1.000 4.225  ? 24  DHI A CG   1 
HETATM 423 N  ND1  . DHI A 1 24 ? 0.127   1.222   1.017   1.000 4.056  ? 24  DHI A ND1  1 
HETATM 424 C  CD2  . DHI A 1 24 ? -0.523  2.202   2.904   1.000 4.784  ? 24  DHI A CD2  1 
HETATM 425 C  CE1  . DHI A 1 24 ? 0.574   2.479   1.040   1.000 4.417  ? 24  DHI A CE1  1 
HETATM 426 N  NE2  . DHI A 1 24 ? 0.210   3.098   2.172   1.000 4.765  ? 24  DHI A NE2  1 
HETATM 427 H  H    . DHI A 1 24 ? 1.310   -0.664  4.310   1.000 4.351  ? 24  DHI A H    1 
HETATM 428 H  HA   . DHI A 1 24 ? 0.250   -1.573  2.584   1.000 4.170  ? 24  DHI A HA   1 
HETATM 429 H  HB2  . DHI A 1 24 ? -2.061  -0.003  3.123   1.000 4.315  ? 24  DHI A HB2  1 
HETATM 430 H  HB3  . DHI A 1 24 ? -1.664  -0.604  1.708   1.000 4.336  ? 24  DHI A HB3  1 
HETATM 431 H  HD2  . DHI A 1 24 ? -0.915  2.367   3.743   1.000 4.670  ? 24  DHI A HD2  1 
HETATM 432 H  HE1  . DHI A 1 24 ? 1.068   2.881   0.348   1.000 4.420  ? 24  DHI A HE1  1 
HETATM 433 H  HE2  . DHI A 1 24 ? 0.398   3.921   2.391   1.000 4.708  ? 24  DHI A HE2  1 
HETATM 434 ZN ZN   . ZN  B 2 .  ? 0.174   -0.067  -0.533  1.000 3.970  ? 101 ZN  A ZN   1 
HETATM 435 O  O    . HOH C 3 .  ? -6.400  7.221   -6.370  1.000 24.611 ? 201 HOH A O    1 
HETATM 436 O  O    . HOH C 3 .  ? 4.305   -5.291  10.935  1.000 27.401 ? 202 HOH A O    1 
HETATM 437 O  O    . HOH C 3 .  ? 3.434   -6.274  -9.268  1.000 11.054 ? 203 HOH A O    1 
HETATM 438 O  O    . HOH C 3 .  ? -4.040  8.699   -6.227  1.000 11.659 ? 204 HOH A O    1 
HETATM 439 O  O    . HOH C 3 .  ? 0.043   -6.257  2.138   1.000 11.202 ? 205 HOH A O    1 
HETATM 440 O  O    . HOH C 3 .  ? 5.819   2.548   -3.119  1.000 9.657  ? 206 HOH A O    1 
HETATM 441 O  O    . HOH C 3 .  ? -5.104  -3.071  -3.260  1.000 7.808  ? 207 HOH A O    1 
HETATM 442 O  O    . HOH C 3 .  ? 1.256   5.553   2.793   1.000 6.823  ? 208 HOH A O    1 
HETATM 443 O  O    . HOH C 3 .  ? 2.996   1.492   9.894   1.000 18.702 ? 209 HOH A O    1 
HETATM 444 O  O    . HOH C 3 .  ? 8.213   -3.178  6.412   1.000 24.750 ? 210 HOH A O    1 
HETATM 445 O  O    . HOH C 3 .  ? 4.751   -3.793  3.310   1.000 14.295 ? 211 HOH A O    1 
HETATM 446 O  O    . HOH C 3 .  ? 1.680   -8.747  9.496   1.000 8.012  ? 212 HOH A O    1 
HETATM 447 O  O    . HOH C 3 .  ? 12.150  -1.248  -6.150  1.000 8.026  ? 213 HOH A O    1 
HETATM 448 O  O    . HOH C 3 .  ? -3.181  1.842   5.155   1.000 11.471 ? 214 HOH A O    1 
HETATM 449 O  O    . HOH C 3 .  ? -4.510  3.310   -4.203  1.000 12.726 ? 215 HOH A O    1 
HETATM 450 O  O    . HOH C 3 .  ? 1.302   5.221   -7.845  1.000 8.036  ? 216 HOH A O    1 
HETATM 451 O  O    . HOH C 3 .  ? 4.098   -7.492  -2.978  1.000 9.825  ? 217 HOH A O    1 
HETATM 452 O  O    . HOH C 3 .  ? -9.133  0.069   4.132   1.000 18.911 ? 218 HOH A O    1 
HETATM 453 O  O    . HOH C 3 .  ? -8.682  0.524   1.086   1.000 30.971 ? 219 HOH A O    1 
HETATM 454 O  O    . HOH C 3 .  ? 3.915   1.660   7.237   1.000 11.151 ? 220 HOH A O    1 
HETATM 455 O  O    . HOH C 3 .  ? 6.543   0.078   7.596   1.000 15.764 ? 221 HOH A O    1 
HETATM 456 O  O    . HOH C 3 .  ? 10.995  1.159   -8.113  1.000 20.825 ? 222 HOH A O    1 
HETATM 457 O  O    . HOH C 3 .  ? -0.298  7.332   -7.202  1.000 8.310  ? 223 HOH A O    1 
HETATM 458 O  O    . HOH C 3 .  ? -8.961  -2.620  4.653   1.000 26.223 ? 224 HOH A O    1 
HETATM 459 O  O    . HOH C 3 .  ? 2.904   -10.769 7.029   1.000 23.446 ? 225 HOH A O    1 
HETATM 460 O  O    . HOH C 3 .  ? 3.632   -7.812  -5.613  1.000 11.926 ? 226 HOH A O    1 
HETATM 461 O  O    . HOH C 3 .  ? -10.488 3.152   0.950   1.000 24.044 ? 227 HOH A O    1 
HETATM 462 O  O    . HOH C 3 .  ? 1.364   4.566   -10.533 1.000 15.854 ? 228 HOH A O    1 
HETATM 463 O  O    . HOH C 3 .  ? 6.194   -8.713  -2.811  1.000 40.341 ? 229 HOH A O    1 
HETATM 464 O  O    . HOH C 3 .  ? -2.382  8.696   -8.385  1.000 23.578 ? 230 HOH A O    1 
HETATM 465 O  O    . HOH C 3 .  ? 4.029   -6.223  3.465   1.000 23.058 ? 231 HOH A O    1 
HETATM 466 O  O    . HOH C 3 .  ? -0.788  9.460   3.849   1.000 20.087 ? 232 HOH A O    1 
HETATM 467 O  O    . HOH C 3 .  ? -1.266  3.744   8.904   1.000 22.964 ? 233 HOH A O    1 
HETATM 468 O  O    . HOH C 3 .  ? 0.785   7.042   4.984   1.000 14.911 ? 234 HOH A O    1 
HETATM 469 O  O    . HOH C 3 .  ? -9.462  -3.516  1.833   1.000 28.698 ? 235 HOH A O    1 
# 
loop_
_atom_site_anisotrop.id 
_atom_site_anisotrop.type_symbol 
_atom_site_anisotrop.pdbx_label_atom_id 
_atom_site_anisotrop.pdbx_label_alt_id 
_atom_site_anisotrop.pdbx_label_comp_id 
_atom_site_anisotrop.pdbx_label_asym_id 
_atom_site_anisotrop.pdbx_label_seq_id 
_atom_site_anisotrop.pdbx_PDB_ins_code 
_atom_site_anisotrop.U[1][1] 
_atom_site_anisotrop.U[2][2] 
_atom_site_anisotrop.U[3][3] 
_atom_site_anisotrop.U[1][2] 
_atom_site_anisotrop.U[1][3] 
_atom_site_anisotrop.U[2][3] 
_atom_site_anisotrop.pdbx_auth_seq_id 
_atom_site_anisotrop.pdbx_auth_comp_id 
_atom_site_anisotrop.pdbx_auth_asym_id 
_atom_site_anisotrop.pdbx_auth_atom_id 
1   N  N    . LYS A 1  ? 0.0648 0.0589 0.0563 -0.0012 0.0017  0.0091  1   LYS A N    
2   C  CA   . LYS A 1  ? 0.0732 0.0592 0.0666 -0.0036 0.0011  0.0111  1   LYS A CA   
3   C  C    . LYS A 1  ? 0.0721 0.0646 0.0732 -0.0066 0.0045  0.0145  1   LYS A C    
4   O  O    . LYS A 1  ? 0.0755 0.0724 0.1271 -0.0113 0.0119  0.0097  1   LYS A O    
5   C  CB   . LYS A 1  ? 0.0831 0.0651 0.0718 0.0011  0.0047  0.0190  1   LYS A CB   
6   C  CG   . LYS A 1  ? 0.0944 0.0756 0.0829 0.0124  0.0121  0.0180  1   LYS A CG   
7   C  CD   . LYS A 1  ? 0.0939 0.0966 0.0885 0.0118  0.0069  0.0241  1   LYS A CD   
8   C  CE   . LYS A 1  ? 0.1135 0.1230 0.1085 0.0324  0.0185  0.0287  1   LYS A CE   
9   N  NZ   . LYS A 1  ? 0.1029 0.1533 0.1287 0.0276  0.0172  0.0458  1   LYS A NZ   
10  H  H1   . LYS A 1  ? 0.0654 0.0593 0.0583 -0.0016 0.0016  0.0089  1   LYS A H1   
11  H  HA   . LYS A 1  ? 0.0719 0.0604 0.0647 -0.0031 0.0025  0.0116  1   LYS A HA   
12  H  HB2  . LYS A 1  ? 0.0812 0.0663 0.0736 0.0023  0.0057  0.0170  1   LYS A HB2  
13  H  HB3  . LYS A 1  ? 0.0811 0.0652 0.0727 0.0008  0.0062  0.0177  1   LYS A HB3  
14  H  HG2  . LYS A 1  ? 0.0906 0.0783 0.0821 0.0099  0.0094  0.0200  1   LYS A HG2  
15  H  HG3  . LYS A 1  ? 0.0913 0.0770 0.0807 0.0099  0.0077  0.0176  1   LYS A HG3  
16  H  HD2  . LYS A 1  ? 0.0973 0.0944 0.0903 0.0152  0.0103  0.0215  1   LYS A HD2  
17  H  HD3  . LYS A 1  ? 0.0964 0.0950 0.0906 0.0148  0.0107  0.0237  1   LYS A HD3  
18  H  HE2  . LYS A 1  ? 0.1061 0.1261 0.1088 0.0267  0.0153  0.0319  1   LYS A HE2  
19  H  HE3  . LYS A 1  ? 0.1081 0.1256 0.1103 0.0258  0.0128  0.0285  1   LYS A HE3  
20  H  HZ1  . LYS A 1  ? 0.1085 0.1511 0.1234 0.0315  0.0181  0.0433  1   LYS A HZ1  
21  H  HZ2  . LYS A 1  ? 0.1093 0.1475 0.1232 0.0276  0.0159  0.0419  1   LYS A HZ2  
22  H  HZ3  . LYS A 1  ? 0.1063 0.1455 0.1221 0.0290  0.0167  0.0413  1   LYS A HZ3  
23  N  N    . LEU A 2  ? 0.0668 0.0740 0.0572 -0.0049 0.0069  0.0072  2   LEU A N    
24  C  CA   . LEU A 2  ? 0.0706 0.0874 0.0560 -0.0039 0.0111  0.0052  2   LEU A CA   
25  C  C    . LEU A 2  ? 0.0702 0.0841 0.0626 0.0008  0.0117  0.0018  2   LEU A C    
26  O  O    . LEU A 2  ? 0.0785 0.1292 0.0763 0.0197  0.0190  0.0060  2   LEU A O    
27  C  CB   . LEU A 2  ? 0.0847 0.1065 0.0618 -0.0056 0.0164  -0.0054 2   LEU A CB   
28  C  CG   . LEU A 2  ? 0.0989 0.1371 0.0609 -0.0176 0.0061  0.0000  2   LEU A CG   
29  C  CD1  . LEU A 2  ? 0.1207 0.1640 0.0643 -0.0407 0.0136  -0.0141 2   LEU A CD1  
30  C  CD2  . LEU A 2  ? 0.1374 0.1454 0.0702 -0.0273 -0.0041 0.0199  2   LEU A CD2  
31  H  H    . LEU A 2  ? 0.0684 0.0732 0.0604 -0.0051 0.0066  0.0083  2   LEU A H    
32  H  HA   . LEU A 2  ? 0.0735 0.0875 0.0600 -0.0051 0.0110  0.0049  2   LEU A HA   
33  H  HB2  . LEU A 2  ? 0.0836 0.1084 0.0600 -0.0065 0.0123  -0.0022 2   LEU A HB2  
34  H  HB3  . LEU A 2  ? 0.0819 0.1070 0.0601 -0.0061 0.0137  -0.0021 2   LEU A HB3  
35  H  HG   . LEU A 2  ? 0.1006 0.1343 0.0631 -0.0187 0.0096  -0.0005 2   LEU A HG   
36  H  HD11 . LEU A 2  ? 0.1154 0.1570 0.0657 -0.0321 0.0106  -0.0107 2   LEU A HD11 
37  H  HD12 . LEU A 2  ? 0.1186 0.1567 0.0707 -0.0354 0.0156  -0.0125 2   LEU A HD12 
38  H  HD13 . LEU A 2  ? 0.1202 0.1559 0.0659 -0.0343 0.0095  -0.0088 2   LEU A HD13 
39  H  HD21 . LEU A 2  ? 0.1375 0.1430 0.0675 -0.0264 -0.0001 0.0133  2   LEU A HD21 
40  H  HD22 . LEU A 2  ? 0.1252 0.1443 0.0675 -0.0248 -0.0003 0.0134  2   LEU A HD22 
41  H  HD23 . LEU A 2  ? 0.1231 0.1477 0.0712 -0.0248 -0.0012 0.0190  2   LEU A HD23 
42  N  N    . DGN A 3  ? 0.0635 0.0681 0.0584 -0.0001 0.0065  0.0009  3   DGN A N    
43  C  CA   . DGN A 3  ? 0.0604 0.0700 0.0636 0.0018  0.0055  0.0027  3   DGN A CA   
44  C  C    . DGN A 3  ? 0.0687 0.0692 0.0691 0.0040  0.0017  0.0003  3   DGN A C    
45  O  O    . DGN A 3  ? 0.0611 0.0700 0.1019 0.0038  -0.0007 0.0131  3   DGN A O    
46  C  CB   . DGN A 3  ? 0.0616 0.0681 0.0592 -0.0033 0.0026  0.0010  3   DGN A CB   
47  C  CG   . DGN A 3  ? 0.0638 0.0714 0.0638 -0.0091 0.0034  -0.0027 3   DGN A CG   
48  C  CD   . DGN A 3  ? 0.0686 0.0663 0.0630 -0.0118 -0.0019 -0.0067 3   DGN A CD   
49  O  OE1  . DGN A 3  ? 0.0822 0.0902 0.0715 -0.0020 -0.0113 -0.0142 3   DGN A OE1  
50  N  NE2  . DGN A 3  ? 0.0684 0.0851 0.0646 -0.0095 0.0019  -0.0107 3   DGN A NE2  
51  H  H    . DGN A 3  ? 0.0642 0.0713 0.0605 0.0005  0.0071  0.0018  3   DGN A H    
52  H  HA   . DGN A 3  ? 0.0607 0.0698 0.0635 0.0008  0.0062  0.0021  3   DGN A HA   
53  H  HB2  . DGN A 3  ? 0.0626 0.0692 0.0612 -0.0033 0.0026  0.0009  3   DGN A HB2  
54  H  HB3  . DGN A 3  ? 0.0620 0.0687 0.0603 -0.0028 0.0019  0.0015  3   DGN A HB3  
55  H  HG2  . DGN A 3  ? 0.0638 0.0695 0.0627 -0.0087 0.0021  -0.0029 3   DGN A HG2  
56  H  HG3  . DGN A 3  ? 0.0648 0.0706 0.0636 -0.0088 0.0029  -0.0035 3   DGN A HG3  
57  H  HE21 . DGN A 3  ? 0.0682 0.0780 0.0638 -0.0100 0.0009  -0.0091 3   DGN A HE21 
58  H  HE22 . DGN A 3  ? 0.0682 0.0779 0.0649 -0.0101 0.0014  -0.0084 3   DGN A HE22 
59  N  N    . DGL A 4  ? 0.1014 0.0798 0.0908 0.0152  0.0346  0.0025  4   DGL A N    
60  C  CA   A DGL A 4  ? 0.1455 0.0807 0.1037 0.0209  0.0391  -0.0071 4   DGL A CA   
61  C  CA   B DGL A 4  ? 0.1423 0.0799 0.1049 0.0215  0.0396  -0.0064 4   DGL A CA   
62  C  C    . DGL A 4  ? 0.0690 0.0698 0.1082 0.0194  0.0215  0.0010  4   DGL A C    
63  O  O    . DGL A 4  ? 0.0685 0.0737 0.1088 0.0152  0.0160  -0.0076 4   DGL A O    
64  C  CB   A DGL A 4  ? 0.1609 0.1256 0.1875 0.0384  0.0697  -0.0047 4   DGL A CB   
65  C  CB   B DGL A 4  ? 0.1480 0.1270 0.1820 0.0239  0.0725  -0.0024 4   DGL A CB   
66  C  CG   A DGL A 4  ? 0.2321 0.1972 0.1897 0.0155  0.0595  0.0096  4   DGL A CG   
67  C  CG   B DGL A 4  ? 0.1789 0.1267 0.2634 0.0388  0.0817  -0.0121 4   DGL A CG   
68  C  CD   A DGL A 4  ? 0.3341 0.2926 0.1594 0.0044  0.0191  -0.0498 4   DGL A CD   
69  C  CD   B DGL A 4  ? 0.1554 0.1863 0.3512 0.0580  0.0555  0.0014  4   DGL A CD   
70  O  OE1  A DGL A 4  ? 0.2455 0.3055 0.2910 0.0016  -0.0298 0.0616  4   DGL A OE1  
71  O  OE1  B DGL A 4  ? 0.1723 0.2496 0.4201 0.0753  0.0098  -0.0150 4   DGL A OE1  
72  O  OE2  A DGL A 4  ? 0.4666 0.3944 0.2230 -0.0331 -0.1112 0.0117  4   DGL A OE2  
73  O  OE2  B DGL A 4  ? 0.3632 0.3544 0.3854 0.0435  0.0660  -0.0774 4   DGL A OE2  
74  H  H    . DGL A 4  ? 0.1021 0.0766 0.0903 0.0126  0.0290  0.0000  4   DGL A H    
75  H  HA   . DGL A 4  ? 0.1271 0.0855 0.1164 0.0217  0.0414  -0.0035 4   DGL A HA   
76  H  HB2  A DGL A 4  ? 0.1741 0.1240 0.1589 0.0367  0.0634  0.0011  4   DGL A HB2  
77  H  HB2  B DGL A 4  ? 0.1513 0.1127 0.1779 0.0263  0.0634  -0.0074 4   DGL A HB2  
78  H  HB3  A DGL A 4  ? 0.1624 0.1268 0.1568 0.0288  0.0579  -0.0052 4   DGL A HB3  
79  H  HB3  B DGL A 4  ? 0.1556 0.1126 0.1689 0.0302  0.0668  -0.0012 4   DGL A HB3  
80  H  HG2  A DGL A 4  ? 0.2224 0.1883 0.1843 0.0211  0.0542  -0.0065 4   DGL A HG2  
81  H  HG2  B DGL A 4  ? 0.1568 0.1313 0.2599 0.0367  0.0675  -0.0115 4   DGL A HG2  
82  H  HG3  A DGL A 4  ? 0.2334 0.1891 0.1855 0.0154  0.0517  -0.0049 4   DGL A HG3  
83  H  HG3  B DGL A 4  ? 0.1698 0.1389 0.2553 0.0418  0.0772  -0.0034 4   DGL A HG3  
84  N  N    . AIB A 5  ? 0.0548 0.0659 0.1112 0.0091  0.0102  0.0117  5   AIB A N    
85  C  CA   . AIB A 5  ? 0.0535 0.0679 0.1076 0.0034  -0.0082 0.0129  5   AIB A CA   
86  C  C    . AIB A 5  ? 0.0580 0.0564 0.0796 0.0030  -0.0063 0.0055  5   AIB A C    
87  O  O    . AIB A 5  ? 0.0647 0.0633 0.0790 -0.0022 -0.0099 0.0097  5   AIB A O    
88  C  CB1  . AIB A 5  ? 0.0588 0.0749 0.1452 0.0090  -0.0098 0.0244  5   AIB A CB1  
89  C  CB2  . AIB A 5  ? 0.0719 0.0822 0.1199 -0.0118 -0.0220 0.0121  5   AIB A CB2  
90  H  H    . AIB A 5  ? 0.0603 0.0647 0.1100 0.0081  0.0105  0.0103  5   AIB A H    
91  H  HB11 . AIB A 5  ? 0.0598 0.0773 0.1339 0.0103  -0.0060 0.0216  5   AIB A HB11 
92  H  HB12 . AIB A 5  ? 0.0577 0.0738 0.1424 0.0076  -0.0082 0.0182  5   AIB A HB12 
93  H  HB13 . AIB A 5  ? 0.0597 0.0737 0.1336 0.0080  -0.0096 0.0200  5   AIB A HB13 
94  H  HB21 . AIB A 5  ? 0.0676 0.0804 0.1250 -0.0022 -0.0077 0.0154  5   AIB A HB21 
95  H  HB22 . AIB A 5  ? 0.0712 0.0859 0.1209 -0.0062 -0.0062 0.0148  5   AIB A HB22 
96  H  HB23 . AIB A 5  ? 0.0797 0.0907 0.1426 0.0142  0.0254  0.0317  5   AIB A HB23 
97  N  N    . HIS A 6  ? 0.0535 0.0569 0.0675 0.0060  0.0017  0.0033  6   HIS A N    
98  C  CA   . HIS A 6  ? 0.0542 0.0574 0.0624 0.0087  0.0030  0.0017  6   HIS A CA   
99  C  C    . HIS A 6  ? 0.0492 0.0589 0.0659 0.0091  -0.0011 -0.0005 6   HIS A C    
100 O  O    . HIS A 6  ? 0.0509 0.0597 0.0754 0.0072  0.0040  0.0011  6   HIS A O    
101 C  CB   . HIS A 6  ? 0.0645 0.0582 0.0613 0.0064  0.0039  0.0012  6   HIS A CB   
102 C  CG   . HIS A 6  ? 0.0550 0.0629 0.0551 0.0061  0.0004  0.0007  6   HIS A CG   
103 N  ND1  . HIS A 6  ? 0.0501 0.0539 0.0520 -0.0006 -0.0001 0.0001  6   HIS A ND1  
104 C  CD2  . HIS A 6  ? 0.0593 0.0725 0.0702 0.0086  -0.0085 -0.0032 6   HIS A CD2  
105 C  CE1  . HIS A 6  ? 0.0532 0.0599 0.0559 -0.0025 -0.0016 0.0000  6   HIS A CE1  
106 N  NE2  . HIS A 6  ? 0.0556 0.0675 0.0699 -0.0011 -0.0082 -0.0057 6   HIS A NE2  
107 H  H    . HIS A 6  ? 0.0551 0.0561 0.0697 0.0058  0.0015  0.0045  6   HIS A H    
108 H  HA   . HIS A 6  ? 0.0546 0.0572 0.0633 0.0078  0.0015  0.0014  6   HIS A HA   
109 H  HB2  . HIS A 6  ? 0.0604 0.0603 0.0612 0.0066  0.0024  0.0011  6   HIS A HB2  
110 H  HB3  . HIS A 6  ? 0.0633 0.0594 0.0602 0.0072  0.0026  0.0011  6   HIS A HB3  
111 H  HD2  . HIS A 6  ? 0.0567 0.0680 0.0654 0.0050  -0.0059 -0.0028 6   HIS A HD2  
112 H  HE1  . HIS A 6  ? 0.0539 0.0595 0.0586 -0.0011 -0.0028 -0.0018 6   HIS A HE1  
113 H  HE2  . HIS A 6  ? 0.0555 0.0654 0.0670 -0.0009 -0.0075 -0.0048 6   HIS A HE2  
114 N  N    . DLY A 7  ? 0.0501 0.0639 0.0730 0.0070  0.0018  -0.0081 7   DLY A N    
115 C  CA   . DLY A 7  ? 0.0519 0.0672 0.0849 0.0051  -0.0011 -0.0156 7   DLY A CA   
116 C  C    . DLY A 7  ? 0.0496 0.0577 0.0967 0.0075  0.0015  -0.0116 7   DLY A C    
117 O  O    . DLY A 7  ? 0.0612 0.0627 0.1231 -0.0013 -0.0060 -0.0070 7   DLY A O    
118 C  CB   . DLY A 7  ? 0.0670 0.0915 0.1015 0.0047  0.0061  -0.0357 7   DLY A CB   
119 C  CG   . DLY A 7  ? 0.0984 0.1700 0.0896 -0.0003 -0.0001 -0.0371 7   DLY A CG   
120 C  CD   . DLY A 7  ? 0.1518 0.3013 0.1160 -0.0071 0.0232  -0.0901 7   DLY A CD   
121 C  CE   . DLY A 7  ? 0.1928 0.4550 0.1542 -0.0204 -0.0202 -0.0269 7   DLY A CE   
122 N  NZ   . DLY A 7  ? 0.2951 0.5740 0.2289 -0.0231 0.0912  -0.0475 7   DLY A NZ   
123 H  H    . DLY A 7  ? 0.0502 0.0658 0.0740 0.0067  0.0018  -0.0081 7   DLY A H    
124 H  HA   . DLY A 7  ? 0.0509 0.0671 0.0860 0.0065  0.0003  -0.0155 7   DLY A HA   
125 H  HB2  . DLY A 7  ? 0.0679 0.0951 0.0940 0.0037  0.0034  -0.0303 7   DLY A HB2  
126 H  HB3  . DLY A 7  ? 0.0656 0.0924 0.0941 0.0033  0.0025  -0.0299 7   DLY A HB3  
127 H  HG2  . DLY A 7  ? 0.0957 0.1613 0.0960 0.0015  0.0065  -0.0443 7   DLY A HG2  
128 H  HG3  . DLY A 7  ? 0.0882 0.1693 0.0944 0.0038  0.0053  -0.0402 7   DLY A HG3  
129 H  HD2  . DLY A 7  ? 0.1554 0.2732 0.1134 -0.0032 0.0098  -0.0614 7   DLY A HD2  
130 H  HD3  . DLY A 7  ? 0.1398 0.2917 0.1135 -0.0014 0.0066  -0.0591 7   DLY A HD3  
131 H  HE2  . DLY A 7  ? 0.1826 0.4215 0.1689 -0.0183 0.0019  -0.0520 7   DLY A HE2  
132 H  HE3  . DLY A 7  ? 0.1948 0.4575 0.1707 -0.0135 0.0071  -0.0467 7   DLY A HE3  
133 H  HZ1  . DLY A 7  ? 0.2740 0.5553 0.2547 -0.0272 0.0652  -0.0724 7   DLY A HZ1  
134 H  HZ2  . DLY A 7  ? 0.2707 0.5701 0.2202 -0.0175 0.0546  -0.0411 7   DLY A HZ2  
135 H  HZ3  . DLY A 7  ? 0.3099 0.5387 0.2244 -0.0114 0.0643  -0.0435 7   DLY A HZ3  
136 N  N    . DLE A 8  ? 0.0508 0.0542 0.0880 0.0082  0.0034  -0.0023 8   DLE A N    
137 C  CA   . DLE A 8  ? 0.0509 0.0559 0.0961 0.0092  0.0034  0.0060  8   DLE A CA   
138 C  CB   . DLE A 8  ? 0.0522 0.0783 0.1295 0.0089  -0.0034 0.0324  8   DLE A CB   
139 C  CG   . DLE A 8  ? 0.0612 0.1009 0.1649 0.0250  0.0259  0.0557  8   DLE A CG   
140 C  CD1  . DLE A 8  ? 0.0971 0.1011 0.1767 0.0402  0.0533  0.0311  8   DLE A CD1  
141 C  CD2  . DLE A 8  ? 0.0555 0.1375 0.2300 0.0203  0.0147  0.0884  8   DLE A CD2  
142 C  C    . DLE A 8  ? 0.0522 0.0595 0.0833 0.0063  -0.0045 0.0029  8   DLE A C    
143 O  O    . DLE A 8  ? 0.0673 0.0787 0.0920 0.0157  -0.0047 0.0159  8   DLE A O    
144 H  H    . DLE A 8  ? 0.0505 0.0556 0.0898 0.0075  0.0027  -0.0032 8   DLE A H    
145 H  HA   . DLE A 8  ? 0.0520 0.0560 0.0981 0.0079  0.0011  0.0062  8   DLE A HA   
146 H  HB2  . DLE A 8  ? 0.0539 0.0768 0.1253 0.0122  0.0040  0.0287  8   DLE A HB2  
147 H  HB3  . DLE A 8  ? 0.0535 0.0762 0.1243 0.0117  0.0040  0.0287  8   DLE A HB3  
148 H  HG   . DLE A 8  ? 0.0635 0.0975 0.1600 0.0222  0.0209  0.0507  8   DLE A HG   
149 H  HD11 . DLE A 8  ? 0.0839 0.1007 0.1744 0.0358  0.0475  0.0375  8   DLE A HD11 
150 H  HD12 . DLE A 8  ? 0.0937 0.0990 0.1794 0.0331  0.0526  0.0356  8   DLE A HD12 
151 H  HD13 . DLE A 8  ? 0.0870 0.1021 0.1779 0.0363  0.0443  0.0347  8   DLE A HD13 
152 H  HD21 . DLE A 8  ? 0.0588 0.1311 0.2101 0.0218  0.0168  0.0744  8   DLE A HD21 
153 H  HD22 . DLE A 8  ? 0.0597 0.1411 0.2091 0.0242  0.0182  0.0818  8   DLE A HD22 
154 H  HD23 . DLE A 8  ? 0.0661 0.1292 0.2137 0.0192  0.0100  0.0802  8   DLE A HD23 
155 N  N    . GLN A 9  ? 0.0535 0.0580 0.0685 0.0075  -0.0038 -0.0026 9   GLN A N    
156 C  CA   . GLN A 9  ? 0.0569 0.0564 0.0638 0.0060  -0.0017 -0.0014 9   GLN A CA   
157 C  C    . GLN A 9  ? 0.0608 0.0658 0.0674 0.0049  -0.0044 -0.0029 9   GLN A C    
158 O  O    . GLN A 9  ? 0.0733 0.0673 0.0664 -0.0073 0.0003  -0.0043 9   GLN A O    
159 C  CB   . GLN A 9  ? 0.0537 0.0504 0.0659 0.0047  0.0001  -0.0010 9   GLN A CB   
160 C  CG   . GLN A 9  ? 0.0522 0.0511 0.0737 0.0051  -0.0029 -0.0019 9   GLN A CG   
161 C  CD   . GLN A 9  ? 0.0534 0.0469 0.0717 0.0003  -0.0062 -0.0011 9   GLN A CD   
162 O  OE1  . GLN A 9  ? 0.0648 0.0553 0.0789 -0.0021 -0.0091 0.0086  9   GLN A OE1  
163 N  NE2  . GLN A 9  ? 0.0525 0.0638 0.0898 0.0028  -0.0016 0.0053  9   GLN A NE2  
164 H  H    . GLN A 9  ? 0.0538 0.0574 0.0708 0.0065  -0.0035 -0.0006 9   GLN A H    
165 H  HA   . GLN A 9  ? 0.0575 0.0565 0.0659 0.0055  -0.0020 -0.0001 9   GLN A HA   
166 H  HB2  . GLN A 9  ? 0.0544 0.0506 0.0670 0.0043  -0.0008 -0.0004 9   GLN A HB2  
167 H  HB3  . GLN A 9  ? 0.0525 0.0517 0.0658 0.0054  -0.0005 -0.0017 9   GLN A HB3  
168 H  HG2  . GLN A 9  ? 0.0535 0.0518 0.0727 0.0041  -0.0029 -0.0018 9   GLN A HG2  
169 H  HG3  . GLN A 9  ? 0.0532 0.0510 0.0718 0.0037  -0.0038 -0.0012 9   GLN A HG3  
170 H  HE21 . GLN A 9  ? 0.0536 0.0580 0.0844 0.0015  -0.0034 0.0029  9   GLN A HE21 
171 H  HE22 . GLN A 9  ? 0.0536 0.0582 0.0862 0.0015  -0.0032 0.0013  9   GLN A HE22 
172 N  N    . GLU A 10 ? 0.0848 0.0703 0.0730 0.0129  -0.0187 -0.0015 10  GLU A N    
173 C  CA   . GLU A 10 ? 0.0953 0.0875 0.0862 0.0142  -0.0347 -0.0094 10  GLU A CA   
174 C  C    . GLU A 10 ? 0.0879 0.0717 0.0544 -0.0033 -0.0176 0.0020  10  GLU A C    
175 O  O    . GLU A 10 ? 0.0888 0.0776 0.0616 -0.0089 -0.0153 0.0022  10  GLU A O    
176 C  CB   . GLU A 10 ? 0.1865 0.1234 0.0991 0.0226  -0.0596 0.0063  10  GLU A CB   
177 C  CG   . GLU A 10 ? 0.2487 0.2157 0.2096 0.0847  -0.0686 -0.0236 10  GLU A CG   
178 C  CD   . GLU A 10 ? 0.2847 0.2642 0.4041 0.0413  -0.0626 -0.0500 10  GLU A CD   
179 O  OE1  . GLU A 10 ? 0.4779 0.2347 0.4064 0.0729  -0.0645 -0.0252 10  GLU A OE1  
180 O  OE2  . GLU A 10 ? 0.3433 0.5010 0.6027 0.0599  0.0323  -0.1340 10  GLU A OE2  
181 H  H    . GLU A 10 ? 0.0824 0.0707 0.0749 0.0103  -0.0182 -0.0022 10  GLU A H    
182 H  HA   . GLU A 10 ? 0.1038 0.0918 0.0833 0.0110  -0.0277 -0.0029 10  GLU A HA   
183 H  HB2  . GLU A 10 ? 0.1664 0.1218 0.1108 0.0360  -0.0527 -0.0056 10  GLU A HB2  
184 H  HB3  . GLU A 10 ? 0.1626 0.1232 0.1141 0.0308  -0.0506 -0.0040 10  GLU A HB3  
185 H  HG2  . GLU A 10 ? 0.2283 0.1940 0.2086 0.0493  -0.0604 -0.0126 10  GLU A HG2  
186 H  HG3  . GLU A 10 ? 0.2280 0.1936 0.2123 0.0496  -0.0624 -0.0290 10  GLU A HG3  
187 N  N    . AIB A 11 ? 0.0872 0.0566 0.0531 -0.0046 -0.0042 0.0023  11  AIB A N    
188 C  CA   . AIB A 11 ? 0.0822 0.0565 0.0553 -0.0085 0.0056  0.0007  11  AIB A CA   
189 C  C    . AIB A 11 ? 0.0655 0.0557 0.0529 -0.0064 0.0022  -0.0017 11  AIB A C    
190 O  O    . AIB A 11 ? 0.0717 0.0564 0.0600 -0.0064 0.0089  -0.0033 11  AIB A O    
191 C  CB1  . AIB A 11 ? 0.1153 0.0694 0.0553 -0.0119 0.0115  -0.0012 11  AIB A CB1  
192 C  CB2  . AIB A 11 ? 0.0798 0.0640 0.0792 -0.0127 0.0112  0.0048  11  AIB A CB2  
193 H  H    . AIB A 11 ? 0.0850 0.0580 0.0550 -0.0056 -0.0050 0.0015  11  AIB A H    
194 H  HB11 . AIB A 11 ? 0.1057 0.0673 0.0561 -0.0097 0.0086  -0.0018 11  AIB A HB11 
195 H  HB12 . AIB A 11 ? 0.1099 0.0687 0.0564 -0.0136 0.0081  0.0010  11  AIB A HB12 
196 H  HB13 . AIB A 11 ? 0.1093 0.0683 0.0554 -0.0068 0.0093  0.0006  11  AIB A HB13 
197 H  HB21 . AIB A 11 ? 0.0824 0.0627 0.0719 -0.0123 0.0088  0.0034  11  AIB A HB21 
198 H  HB22 . AIB A 11 ? 0.0821 0.0630 0.0739 -0.0114 0.0088  0.0033  11  AIB A HB22 
199 H  HB23 . AIB A 11 ? 0.0815 0.0623 0.0782 -0.0110 0.0091  0.0052  11  AIB A HB23 
200 N  N    . DHI A 12 ? 0.0643 0.0536 0.0501 -0.0006 0.0017  0.0004  12  DHI A N    
201 C  CA   . DHI A 12 ? 0.0631 0.0567 0.0502 -0.0002 0.0009  0.0013  12  DHI A CA   
202 C  C    . DHI A 12 ? 0.0612 0.0635 0.0463 -0.0031 0.0021  0.0021  12  DHI A C    
203 O  O    . DHI A 12 ? 0.0677 0.0627 0.0516 -0.0072 -0.0008 0.0048  12  DHI A O    
204 C  CB   . DHI A 12 ? 0.0632 0.0570 0.0528 0.0001  -0.0018 -0.0007 12  DHI A CB   
205 C  CG   . DHI A 12 ? 0.0583 0.0542 0.0535 0.0010  0.0004  0.0037  12  DHI A CG   
206 N  ND1  . DHI A 12 ? 0.0551 0.0495 0.0544 -0.0019 0.0009  0.0027  12  DHI A ND1  
207 C  CD2  . DHI A 12 ? 0.0660 0.0672 0.0578 -0.0049 0.0064  0.0044  12  DHI A CD2  
208 C  CE1  . DHI A 12 ? 0.0577 0.0524 0.0659 -0.0024 0.0027  -0.0020 12  DHI A CE1  
209 N  NE2  . DHI A 12 ? 0.0608 0.0594 0.0708 -0.0062 0.0074  0.0032  12  DHI A NE2  
210 H  H    . DHI A 12 ? 0.0656 0.0525 0.0510 -0.0012 0.0010  -0.0005 12  DHI A H    
211 H  HA   . DHI A 12 ? 0.0618 0.0570 0.0502 -0.0009 0.0008  0.0013  12  DHI A HA   
212 H  HB2  . DHI A 12 ? 0.0628 0.0561 0.0541 -0.0005 -0.0007 0.0007  12  DHI A HB2  
213 H  HB3  . DHI A 12 ? 0.0632 0.0569 0.0539 0.0000  -0.0012 0.0000  12  DHI A HB3  
214 H  HD2  . DHI A 12 ? 0.0627 0.0627 0.0587 -0.0036 0.0058  0.0033  12  DHI A HD2  
215 H  HE1  . DHI A 12 ? 0.0584 0.0525 0.0632 -0.0029 0.0017  0.0002  12  DHI A HE1  
216 H  HE2  . DHI A 12 ? 0.0608 0.0597 0.0705 -0.0061 0.0070  0.0010  12  DHI A HE2  
217 N  N    . LYS A 13 ? 0.0647 0.0674 0.0539 -0.0073 -0.0035 0.0082  13  LYS A N    
218 C  CA   . LYS A 13 ? 0.0664 0.0746 0.0570 -0.0149 -0.0057 0.0095  13  LYS A CA   
219 C  C    . LYS A 13 ? 0.0785 0.0679 0.0507 -0.0187 -0.0059 0.0072  13  LYS A C    
220 O  O    . LYS A 13 ? 0.0925 0.0764 0.0731 -0.0294 -0.0018 0.0010  13  LYS A O    
221 C  CB   . LYS A 13 ? 0.0746 0.0979 0.0735 -0.0147 -0.0169 0.0170  13  LYS A CB   
222 C  CG   . LYS A 13 ? 0.0798 0.1363 0.1179 0.0079  -0.0084 0.0175  13  LYS A CG   
223 C  CD   . LYS A 13 ? 0.1328 0.2112 0.1620 0.0488  -0.0180 0.0525  13  LYS A CD   
224 C  CE   . LYS A 13 ? 0.1511 0.2783 0.2736 0.0872  -0.0013 0.0434  13  LYS A CE   
225 N  NZ   . LYS A 13 ? 0.2476 0.3348 0.3316 0.1028  -0.0475 0.0731  13  LYS A NZ   
226 H  H    . LYS A 13 ? 0.0647 0.0674 0.0549 -0.0073 -0.0035 0.0081  13  LYS A H    
227 H  HA   . LYS A 13 ? 0.0687 0.0751 0.0562 -0.0141 -0.0057 0.0110  13  LYS A HA   
228 H  HB2  . LYS A 13 ? 0.0729 0.0967 0.0764 -0.0113 -0.0121 0.0146  13  LYS A HB2  
229 H  HB3  . LYS A 13 ? 0.0722 0.0955 0.0753 -0.0122 -0.0128 0.0137  13  LYS A HB3  
230 H  HG2  . LYS A 13 ? 0.0872 0.1365 0.1113 0.0081  -0.0137 0.0222  13  LYS A HG2  
231 H  HG3  . LYS A 13 ? 0.0867 0.1338 0.1075 0.0078  -0.0116 0.0233  13  LYS A HG3  
232 H  HD2  . LYS A 13 ? 0.1201 0.1995 0.1704 0.0437  -0.0141 0.0387  13  LYS A HD2  
233 H  HD3  . LYS A 13 ? 0.1208 0.2063 0.1719 0.0477  -0.0072 0.0481  13  LYS A HD3  
234 H  HE2  . LYS A 13 ? 0.1666 0.2704 0.2500 0.0799  -0.0156 0.0514  13  LYS A HE2  
235 H  HE3  . LYS A 13 ? 0.1675 0.2742 0.2573 0.0819  -0.0096 0.0593  13  LYS A HE3  
236 H  HZ1  . LYS A 13 ? 0.2311 0.3210 0.3129 0.1100  -0.0468 0.0534  13  LYS A HZ1  
237 H  HZ2  . LYS A 13 ? 0.2299 0.3275 0.3176 0.0848  -0.0443 0.0724  13  LYS A HZ2  
238 H  HZ3  . LYS A 13 ? 0.2212 0.3234 0.3224 0.1040  -0.0277 0.0731  13  LYS A HZ3  
239 N  N    . LEU A 14 ? 0.0776 0.0611 0.0503 -0.0126 -0.0021 0.0031  14  LEU A N    
240 C  CA   . LEU A 14 ? 0.0930 0.0588 0.0502 -0.0117 0.0029  0.0008  14  LEU A CA   
241 C  C    . LEU A 14 ? 0.0726 0.0661 0.0574 -0.0084 0.0084  0.0003  14  LEU A C    
242 O  O    . LEU A 14 ? 0.1005 0.0855 0.0681 0.0098  0.0172  -0.0041 14  LEU A O    
243 C  CB   . LEU A 14 ? 0.1273 0.0635 0.0613 -0.0086 0.0265  0.0010  14  LEU A CB   
244 C  CG   . LEU A 14 ? 0.1772 0.0651 0.0577 -0.0031 0.0186  0.0072  14  LEU A CG   
245 C  CD1  . LEU A 14 ? 0.2438 0.0801 0.0701 -0.0165 0.0503  0.0076  14  LEU A CD1  
246 C  CD2  . LEU A 14 ? 0.1948 0.0882 0.0610 -0.0047 -0.0093 0.0043  14  LEU A CD2  
247 H  H    . LEU A 14 ? 0.0789 0.0618 0.0503 -0.0136 -0.0021 0.0031  14  LEU A H    
248 H  HA   . LEU A 14 ? 0.0929 0.0600 0.0531 -0.0135 0.0044  -0.0006 14  LEU A HA   
249 H  HB2  . LEU A 14 ? 0.1287 0.0651 0.0572 -0.0068 0.0193  0.0032  14  LEU A HB2  
250 H  HB3  . LEU A 14 ? 0.1257 0.0623 0.0571 -0.0067 0.0187  0.0022  14  LEU A HB3  
251 H  HG   . LEU A 14 ? 0.1726 0.0680 0.0604 -0.0053 0.0201  0.0046  14  LEU A HG   
252 H  HD11 . LEU A 14 ? 0.2246 0.0823 0.0712 -0.0075 0.0437  0.0104  14  LEU A HD11 
253 H  HD12 . LEU A 14 ? 0.2251 0.0807 0.0772 -0.0164 0.0470  0.0017  14  LEU A HD12 
254 H  HD13 . LEU A 14 ? 0.2226 0.0815 0.0699 -0.0152 0.0389  0.0097  14  LEU A HD13 
255 H  HD21 . LEU A 14 ? 0.1902 0.0862 0.0606 -0.0077 -0.0028 0.0066  14  LEU A HD21 
256 H  HD22 . LEU A 14 ? 0.1888 0.0806 0.0586 -0.0044 -0.0025 0.0064  14  LEU A HD22 
257 H  HD23 . LEU A 14 ? 0.1910 0.0789 0.0651 -0.0034 -0.0088 0.0042  14  LEU A HD23 
258 N  N    . DGN A 15 ? 0.0586 0.0654 0.0540 -0.0063 0.0005  0.0000  15  DGN A N    
259 C  CA   . DGN A 15 ? 0.0559 0.0634 0.0607 -0.0015 -0.0014 -0.0015 15  DGN A CA   
260 C  C    . DGN A 15 ? 0.0580 0.0669 0.0731 -0.0018 -0.0029 0.0013  15  DGN A C    
261 O  O    . DGN A 15 ? 0.0620 0.0637 0.1143 0.0000  -0.0168 -0.0094 15  DGN A O    
262 C  CB   . DGN A 15 ? 0.0598 0.0594 0.0558 -0.0033 -0.0052 0.0001  15  DGN A CB   
263 C  CG   . DGN A 15 ? 0.0645 0.0666 0.0529 -0.0102 -0.0010 -0.0001 15  DGN A CG   
264 C  CD   . DGN A 15 ? 0.0646 0.0588 0.0546 -0.0100 -0.0001 -0.0028 15  DGN A CD   
265 O  OE1  . DGN A 15 ? 0.0699 0.0595 0.0686 -0.0085 0.0051  -0.0050 15  DGN A OE1  
266 N  NE2  . DGN A 15 ? 0.0922 0.0640 0.0618 -0.0052 0.0069  0.0039  15  DGN A NE2  
267 H  H    . DGN A 15 ? 0.0619 0.0651 0.0561 -0.0053 0.0020  0.0001  15  DGN A H    
268 H  HA   . DGN A 15 ? 0.0581 0.0630 0.0609 -0.0022 -0.0008 -0.0007 15  DGN A HA   
269 H  HB2  . DGN A 15 ? 0.0594 0.0609 0.0567 -0.0041 -0.0036 -0.0010 15  DGN A HB2  
270 H  HB3  . DGN A 15 ? 0.0594 0.0607 0.0549 -0.0042 -0.0038 0.0005  15  DGN A HB3  
271 H  HG2  . DGN A 15 ? 0.0642 0.0668 0.0549 -0.0092 -0.0018 0.0004  15  DGN A HG2  
272 H  HG3  . DGN A 15 ? 0.0642 0.0651 0.0548 -0.0089 -0.0016 -0.0011 15  DGN A HG3  
273 H  HE21 . DGN A 15 ? 0.0808 0.0619 0.0603 -0.0073 0.0034  0.0012  15  DGN A HE21 
274 H  HE22 . DGN A 15 ? 0.0812 0.0633 0.0595 -0.0086 0.0031  0.0027  15  DGN A HE22 
275 N  N    . DGL A 16 ? 0.0559 0.0921 0.0699 -0.0049 0.0044  -0.0086 16  DGL A N    
276 C  CA   . DGL A 16 ? 0.0600 0.1212 0.0748 -0.0168 0.0106  -0.0112 16  DGL A CA   
277 C  C    . DGL A 16 ? 0.0458 0.0806 0.0766 0.0058  0.0066  -0.0123 16  DGL A C    
278 O  O    . DGL A 16 ? 0.0473 0.0810 0.0837 0.0038  0.0069  -0.0120 16  DGL A O    
279 C  CB   . DGL A 16 ? 0.0732 0.1606 0.1212 -0.0036 0.0133  -0.0385 16  DGL A CB   
280 C  CG   . DGL A 16 ? 0.1065 0.2263 0.1241 -0.0130 0.0254  -0.0484 16  DGL A CG   
281 C  CD   . DGL A 16 ? 0.1026 0.2481 0.1233 -0.0232 0.0118  -0.0274 16  DGL A CD   
282 O  OE1  . DGL A 16 ? 0.1225 0.2168 0.1667 -0.0337 -0.0223 0.0056  16  DGL A OE1  
283 O  OE2  . DGL A 16 ? 0.2089 0.3517 0.1955 -0.0808 -0.0499 0.0598  16  DGL A OE2  
284 H  H    . DGL A 16 ? 0.0592 0.0919 0.0720 -0.0069 0.0035  -0.0082 16  DGL A H    
285 H  HA   . DGL A 16 ? 0.0575 0.1123 0.0802 -0.0072 0.0087  -0.0152 16  DGL A HA   
286 H  HB2  . DGL A 16 ? 0.0739 0.1654 0.1047 -0.0065 0.0131  -0.0342 16  DGL A HB2  
287 H  HB3  . DGL A 16 ? 0.0755 0.1572 0.1052 -0.0083 0.0146  -0.0310 16  DGL A HB3  
288 H  HG2  . DGL A 16 ? 0.1087 0.2017 0.1216 -0.0129 0.0223  -0.0374 16  DGL A HG2  
289 H  HG3  . DGL A 16 ? 0.0997 0.2140 0.1243 -0.0153 0.0185  -0.0381 16  DGL A HG3  
290 N  N    . AIB A 17 ? 0.0603 0.0640 0.0747 0.0078  -0.0014 -0.0095 17  AIB A N    
291 C  CA   . AIB A 17 ? 0.0683 0.0595 0.0762 0.0098  -0.0069 -0.0042 17  AIB A CA   
292 C  C    . AIB A 17 ? 0.0519 0.0570 0.0670 0.0019  -0.0018 0.0006  17  AIB A C    
293 O  O    . AIB A 17 ? 0.0614 0.0619 0.0687 0.0019  -0.0073 -0.0001 17  AIB A O    
294 C  CB1  . AIB A 17 ? 0.0811 0.0780 0.0969 0.0266  -0.0188 -0.0096 17  AIB A CB1  
295 C  CB2  . AIB A 17 ? 0.0999 0.0577 0.0814 0.0000  0.0006  0.0020  17  AIB A CB2  
296 H  H    . AIB A 17 ? 0.0587 0.0674 0.0748 0.0059  -0.0009 -0.0085 17  AIB A H    
297 H  HB11 . AIB A 17 ? 0.0817 0.0785 0.0899 0.0260  -0.0170 -0.0103 17  AIB A HB11 
298 H  HB12 . AIB A 17 ? 0.0770 0.0727 0.0963 0.0207  -0.0144 -0.0086 17  AIB A HB12 
299 H  HB13 . AIB A 17 ? 0.0782 0.0754 0.0924 0.0205  -0.0159 -0.0069 17  AIB A HB13 
300 H  HB21 . AIB A 17 ? 0.0890 0.0590 0.0820 0.0025  -0.0013 -0.0003 17  AIB A HB21 
301 H  HB22 . AIB A 17 ? 0.0986 0.0594 0.0810 0.0007  0.0010  -0.0007 17  AIB A HB22 
302 H  HB23 . AIB A 17 ? 0.0907 0.0603 0.0811 0.0021  -0.0021 0.0004  17  AIB A HB23 
303 N  N    . HIS A 18 ? 0.0458 0.0553 0.0598 0.0011  0.0022  -0.0021 18  HIS A N    
304 C  CA   . HIS A 18 ? 0.0452 0.0549 0.0559 0.0016  0.0015  -0.0012 18  HIS A CA   
305 C  C    . HIS A 18 ? 0.0444 0.0555 0.0582 0.0014  -0.0004 0.0013  18  HIS A C    
306 O  O    . HIS A 18 ? 0.0485 0.0549 0.0656 -0.0003 -0.0008 -0.0030 18  HIS A O    
307 C  CB   . HIS A 18 ? 0.0471 0.0572 0.0547 -0.0016 0.0024  -0.0031 18  HIS A CB   
308 C  CG   . HIS A 18 ? 0.0474 0.0547 0.0519 0.0009  0.0024  -0.0016 18  HIS A CG   
309 N  ND1  . HIS A 18 ? 0.0481 0.0511 0.0519 -0.0020 -0.0008 -0.0009 18  HIS A ND1  
310 C  CD2  . HIS A 18 ? 0.0538 0.0568 0.0613 0.0021  -0.0004 0.0026  18  HIS A CD2  
311 C  CE1  . HIS A 18 ? 0.0538 0.0573 0.0579 -0.0071 -0.0050 0.0006  18  HIS A CE1  
312 N  NE2  . HIS A 18 ? 0.0604 0.0521 0.0645 -0.0056 -0.0019 0.0039  18  HIS A NE2  
313 H  H    . HIS A 18 ? 0.0482 0.0560 0.0607 0.0020  0.0009  -0.0023 18  HIS A H    
314 H  HA   . HIS A 18 ? 0.0459 0.0551 0.0559 0.0012  0.0007  -0.0006 18  HIS A HA   
315 H  HB2  . HIS A 18 ? 0.0485 0.0568 0.0557 -0.0007 0.0016  -0.0026 18  HIS A HB2  
316 H  HB3  . HIS A 18 ? 0.0469 0.0574 0.0547 -0.0006 0.0016  -0.0024 18  HIS A HB3  
317 H  HD2  . HIS A 18 ? 0.0538 0.0560 0.0592 0.0007  -0.0011 0.0018  18  HIS A HD2  
318 H  HE1  . HIS A 18 ? 0.0521 0.0549 0.0580 -0.0050 -0.0035 0.0007  18  HIS A HE1  
319 H  HE2  . HIS A 18 ? 0.0611 0.0535 0.0634 -0.0077 -0.0034 0.0038  18  HIS A HE2  
320 N  N    . DLY A 19 ? 0.0443 0.0648 0.0649 -0.0017 0.0041  -0.0022 19  DLY A N    
321 C  CA   . DLY A 19 ? 0.0467 0.0764 0.0739 -0.0073 0.0035  -0.0022 19  DLY A CA   
322 C  C    . DLY A 19 ? 0.0477 0.0849 0.0754 -0.0087 0.0002  -0.0044 19  DLY A C    
323 O  O    . DLY A 19 ? 0.0749 0.1114 0.0877 -0.0355 -0.0069 0.0002  19  DLY A O    
324 C  CB   . DLY A 19 ? 0.0467 0.0869 0.0794 -0.0035 0.0069  0.0009  19  DLY A CB   
325 C  CG   . DLY A 19 ? 0.0590 0.0968 0.0792 0.0002  0.0096  0.0063  19  DLY A CG   
326 C  CD   . DLY A 19 ? 0.0648 0.1139 0.0814 0.0040  0.0080  0.0014  19  DLY A CD   
327 C  CE   . DLY A 19 ? 0.0857 0.1447 0.0876 0.0091  0.0044  0.0126  19  DLY A CE   
328 N  NZ   . DLY A 19 ? 0.0894 0.1759 0.0877 0.0060  0.0009  -0.0068 19  DLY A NZ   
329 H  H    . DLY A 19 ? 0.0459 0.0641 0.0649 -0.0019 0.0033  -0.0017 19  DLY A H    
330 H  HA   . DLY A 19 ? 0.0462 0.0769 0.0729 -0.0054 0.0037  -0.0020 19  DLY A HA   
331 H  HB2  . DLY A 19 ? 0.0493 0.0873 0.0774 -0.0037 0.0070  0.0011  19  DLY A HB2  
332 H  HB3  . DLY A 19 ? 0.0483 0.0862 0.0775 -0.0036 0.0061  0.0016  19  DLY A HB3  
333 H  HG2  . DLY A 19 ? 0.0580 0.0961 0.0799 0.0003  0.0084  0.0046  19  DLY A HG2  
334 H  HG3  . DLY A 19 ? 0.0593 0.0959 0.0787 0.0011  0.0087  0.0033  19  DLY A HG3  
335 H  HD2  . DLY A 19 ? 0.0674 0.1139 0.0817 0.0038  0.0076  0.0042  19  DLY A HD2  
336 H  HD3  . DLY A 19 ? 0.0655 0.1138 0.0818 0.0036  0.0067  0.0047  19  DLY A HD3  
337 H  HE2  . DLY A 19 ? 0.0811 0.1444 0.0856 0.0077  0.0046  0.0048  19  DLY A HE2  
338 H  HE3  . DLY A 19 ? 0.0862 0.1412 0.0857 0.0079  0.0054  0.0054  19  DLY A HE3  
339 H  HZ1  . DLY A 19 ? 0.0872 0.1664 0.0884 0.0053  0.0022  -0.0022 19  DLY A HZ1  
340 H  HZ2  . DLY A 19 ? 0.0910 0.1680 0.0911 0.0084  -0.0002 -0.0041 19  DLY A HZ2  
341 H  HZ3  . DLY A 19 ? 0.0903 0.1665 0.0903 0.0030  0.0045  -0.0042 19  DLY A HZ3  
342 N  N    . DLE A 20 ? 0.0484 0.0745 0.0751 0.0049  -0.0052 -0.0050 20  DLE A N    
343 C  CA   . DLE A 20 ? 0.0554 0.0824 0.0792 0.0107  -0.0094 -0.0025 20  DLE A CA   
344 C  CB   . DLE A 20 ? 0.0723 0.0887 0.1009 0.0230  -0.0219 -0.0009 20  DLE A CB   
345 C  CG   . DLE A 20 ? 0.0753 0.1090 0.1337 0.0328  -0.0220 -0.0254 20  DLE A CG   
346 C  CD1  . DLE A 20 ? 0.0740 0.1342 0.1708 0.0279  -0.0095 -0.0365 20  DLE A CD1  
347 C  CD2  . DLE A 20 ? 0.1026 0.1088 0.1946 0.0459  -0.0529 -0.0326 20  DLE A CD2  
348 C  C    . DLE A 20 ? 0.0627 0.0788 0.0735 0.0082  -0.0077 0.0065  20  DLE A C    
349 O  O    . DLE A 20 ? 0.0887 0.1228 0.0744 0.0289  -0.0144 0.0101  20  DLE A O    
350 H  H    . DLE A 20 ? 0.0496 0.0761 0.0753 0.0021  -0.0034 -0.0040 20  DLE A H    
351 H  HA   . DLE A 20 ? 0.0573 0.0814 0.0813 0.0096  -0.0103 -0.0021 20  DLE A HA   
352 H  HB2  . DLE A 20 ? 0.0716 0.0910 0.0984 0.0230  -0.0183 -0.0058 20  DLE A HB2  
353 H  HB3  . DLE A 20 ? 0.0683 0.0903 0.0974 0.0205  -0.0185 -0.0058 20  DLE A HB3  
354 H  HG   . DLE A 20 ? 0.0768 0.1061 0.1351 0.0298  -0.0234 -0.0223 20  DLE A HG   
355 H  HD11 . DLE A 20 ? 0.0750 0.1270 0.1610 0.0294  -0.0146 -0.0335 20  DLE A HD11 
356 H  HD12 . DLE A 20 ? 0.0738 0.1358 0.1584 0.0274  -0.0125 -0.0382 20  DLE A HD12 
357 H  HD13 . DLE A 20 ? 0.0752 0.1272 0.1686 0.0295  -0.0109 -0.0305 20  DLE A HD13 
358 H  HD21 . DLE A 20 ? 0.0979 0.1096 0.1825 0.0394  -0.0376 -0.0309 20  DLE A HD21 
359 H  HD22 . DLE A 20 ? 0.1021 0.1114 0.1725 0.0431  -0.0422 -0.0286 20  DLE A HD22 
360 H  HD23 . DLE A 20 ? 0.1022 0.1119 0.1798 0.0354  -0.0494 -0.0245 20  DLE A HD23 
361 N  N    . GLN A 21 ? 0.0547 0.0617 0.0646 0.0025  -0.0023 0.0053  21  GLN A N    
362 C  CA   . GLN A 21 ? 0.0591 0.0642 0.0607 -0.0010 -0.0001 0.0053  21  GLN A CA   
363 C  C    . GLN A 21 ? 0.0663 0.0666 0.0681 -0.0028 0.0068  0.0059  21  GLN A C    
364 O  O    . GLN A 21 ? 0.0877 0.1000 0.0623 -0.0309 0.0091  -0.0073 21  GLN A O    
365 C  CB   . GLN A 21 ? 0.0545 0.0613 0.0642 0.0009  0.0019  0.0008  21  GLN A CB   
366 C  CG   . GLN A 21 ? 0.0594 0.0554 0.0703 0.0012  -0.0028 0.0022  21  GLN A CG   
367 C  CD   . GLN A 21 ? 0.0655 0.0516 0.0759 0.0018  -0.0039 0.0000  21  GLN A CD   
368 O  OE1  . GLN A 21 ? 0.0887 0.0597 0.0846 0.0140  -0.0016 -0.0032 21  GLN A OE1  
369 N  NE2  . GLN A 21 ? 0.0767 0.0527 0.0766 0.0069  -0.0112 -0.0004 21  GLN A NE2  
370 H  H    . GLN A 21 ? 0.0561 0.0654 0.0655 0.0028  -0.0028 0.0047  21  GLN A H    
371 H  HA   . GLN A 21 ? 0.0576 0.0649 0.0626 -0.0007 -0.0008 0.0044  21  GLN A HA   
372 H  HB2  . GLN A 21 ? 0.0568 0.0609 0.0643 0.0003  0.0003  0.0020  21  GLN A HB2  
373 H  HB3  . GLN A 21 ? 0.0554 0.0604 0.0632 0.0012  0.0019  0.0009  21  GLN A HB3  
374 H  HG2  . GLN A 21 ? 0.0597 0.0561 0.0702 0.0016  -0.0019 0.0017  21  GLN A HG2  
375 H  HG3  . GLN A 21 ? 0.0604 0.0565 0.0701 0.0012  -0.0033 0.0015  21  GLN A HG3  
376 H  HE21 . GLN A 21 ? 0.0730 0.0524 0.0766 0.0053  -0.0092 -0.0008 21  GLN A HE21 
377 H  HE22 . GLN A 21 ? 0.0720 0.0533 0.0767 0.0049  -0.0086 0.0000  21  GLN A HE22 
378 N  N    . GLU A 22 ? 0.0667 0.0881 0.0862 -0.0029 -0.0023 0.0316  22  GLU A N    
379 C  CA   A GLU A 22 ? 0.0737 0.0905 0.1188 0.0000  -0.0006 0.0494  22  GLU A CA   
380 C  CA   B GLU A 22 ? 0.0720 0.0942 0.1139 -0.0032 0.0011  0.0422  22  GLU A CA   
381 C  C    . GLU A 22 ? 0.0705 0.0871 0.0544 -0.0062 -0.0042 0.0202  22  GLU A C    
382 O  O    . GLU A 22 ? 0.0758 0.0835 0.0577 -0.0072 -0.0008 0.0210  22  GLU A O    
383 C  CB   A GLU A 22 ? 0.1049 0.1497 0.1254 -0.0079 -0.0082 0.0509  22  GLU A CB   
384 C  CB   B GLU A 22 ? 0.1206 0.1492 0.1252 -0.0085 -0.0203 0.0526  22  GLU A CB   
385 C  CG   A GLU A 22 ? 0.1075 0.1786 0.1539 0.0001  -0.0057 0.0832  22  GLU A CG   
386 C  CG   B GLU A 22 ? 0.1666 0.1818 0.1417 -0.0226 -0.0245 0.0210  22  GLU A CG   
387 C  CD   A GLU A 22 ? 0.1048 0.1569 0.2303 0.0267  0.0273  0.1167  22  GLU A CD   
388 C  CD   B GLU A 22 ? 0.2212 0.2372 0.1466 -0.0115 -0.0396 0.0272  22  GLU A CD   
389 O  OE1  A GLU A 22 ? 0.1032 0.1828 0.1709 -0.0246 -0.0193 0.0866  22  GLU A OE1  
390 O  OE1  B GLU A 22 ? 0.3756 0.2540 0.2204 0.0010  -0.0751 0.0582  22  GLU A OE1  
391 O  OE2  A GLU A 22 ? 0.2397 0.2517 0.2747 0.0443  0.0917  0.0649  22  GLU A OE2  
392 O  OE2  B GLU A 22 ? 0.1974 0.2909 0.1056 0.0091  -0.0076 -0.0010 22  GLU A OE2  
393 H  H    . GLU A 22 ? 0.0670 0.0861 0.0910 -0.0035 -0.0023 0.0297  22  GLU A H    
394 H  HA   A GLU A 22 ? 0.0772 0.1034 0.1004 -0.0034 -0.0031 0.0409  22  GLU A HA   
395 H  HA   B GLU A 22 ? 0.0792 0.1029 0.0980 -0.0045 -0.0041 0.0380  22  GLU A HA   
396 H  HB2  A GLU A 22 ? 0.0956 0.1409 0.1295 -0.0027 -0.0063 0.0576  22  GLU A HB2  
397 H  HB2  B GLU A 22 ? 0.1153 0.1408 0.1258 -0.0062 -0.0158 0.0411  22  GLU A HB2  
398 H  HB3  A GLU A 22 ? 0.0993 0.1379 0.1288 -0.0003 -0.0091 0.0534  22  GLU A HB3  
399 H  HB3  B GLU A 22 ? 0.1200 0.1369 0.1241 -0.0097 -0.0148 0.0425  22  GLU A HB3  
400 H  HG2  A GLU A 22 ? 0.1074 0.1653 0.1563 0.0043  -0.0018 0.0770  22  GLU A HG2  
401 H  HG2  B GLU A 22 ? 0.1648 0.1844 0.1368 -0.0174 -0.0231 0.0297  22  GLU A HG2  
402 H  HG3  A GLU A 22 ? 0.1047 0.1655 0.1518 0.0026  -0.0009 0.0803  22  GLU A HG3  
403 H  HG3  B GLU A 22 ? 0.1693 0.1829 0.1358 -0.0171 -0.0222 0.0291  22  GLU A HG3  
404 N  N    . AIB A 23 ? 0.0703 0.0867 0.0520 -0.0102 -0.0039 0.0023  23  AIB A N    
405 C  CA   . AIB A 23 ? 0.0756 0.0841 0.0524 -0.0080 0.0016  -0.0043 23  AIB A CA   
406 C  C    . AIB A 23 ? 0.0650 0.0609 0.0512 -0.0038 0.0037  0.0004  23  AIB A C    
407 O  O    . AIB A 23 ? 0.0648 0.0715 0.0607 -0.0014 0.0086  -0.0045 23  AIB A O    
408 C  CB1  . AIB A 23 ? 0.0907 0.1145 0.0538 -0.0089 0.0079  -0.0093 23  AIB A CB1  
409 C  CB2  . AIB A 23 ? 0.0902 0.0801 0.0797 -0.0092 -0.0023 -0.0163 23  AIB A CB2  
410 H  H    . AIB A 23 ? 0.0699 0.0843 0.0558 -0.0091 -0.0025 0.0072  23  AIB A H    
411 H  HB11 . AIB A 23 ? 0.0866 0.1063 0.0561 -0.0083 0.0074  -0.0072 23  AIB A HB11 
412 H  HB12 . AIB A 23 ? 0.0896 0.1075 0.0549 -0.0110 0.0053  -0.0081 23  AIB A HB12 
413 H  HB13 . AIB A 23 ? 0.0860 0.1131 0.0539 -0.0062 0.0055  -0.0076 23  AIB A HB13 
414 H  HB21 . AIB A 23 ? 0.0889 0.0818 0.0703 -0.0103 -0.0021 -0.0120 23  AIB A HB21 
415 H  HB22 . AIB A 23 ? 0.0882 0.0824 0.0733 -0.0085 -0.0006 -0.0119 23  AIB A HB22 
416 H  HB23 . AIB A 23 ? 0.0874 0.0815 0.0781 -0.0082 -0.0049 -0.0129 23  AIB A HB23 
417 N  N    . DHI A 24 ? 0.0563 0.0590 0.0477 -0.0017 0.0009  0.0052  24  DHI A N    
418 C  CA   . DHI A 24 ? 0.0524 0.0560 0.0486 -0.0003 0.0017  0.0043  24  DHI A CA   
419 C  C    . DHI A 24 ? 0.0568 0.0547 0.0495 0.0000  0.0042  0.0024  24  DHI A C    
420 O  O    . DHI A 24 ? 0.0571 0.0646 0.0553 -0.0044 0.0001  0.0028  24  DHI A O    
421 C  CB   . DHI A 24 ? 0.0534 0.0557 0.0548 0.0015  0.0006  0.0060  24  DHI A CB   
422 C  CG   . DHI A 24 ? 0.0552 0.0545 0.0513 0.0032  -0.0015 0.0029  24  DHI A CG   
423 N  ND1  . DHI A 24 ? 0.0517 0.0502 0.0521 0.0013  -0.0015 0.0011  24  DHI A ND1  
424 C  CD2  . DHI A 24 ? 0.0707 0.0584 0.0529 0.0035  0.0008  -0.0010 24  DHI A CD2  
425 C  CE1  . DHI A 24 ? 0.0563 0.0518 0.0589 -0.0002 -0.0023 -0.0001 24  DHI A CE1  
426 N  NE2  . DHI A 24 ? 0.0693 0.0531 0.0586 0.0006  -0.0015 -0.0028 24  DHI A NE2  
427 H  H    . DHI A 24 ? 0.0570 0.0595 0.0485 -0.0022 0.0010  0.0037  24  DHI A H    
428 H  HA   . DHI A 24 ? 0.0536 0.0558 0.0496 0.0004  0.0025  0.0037  24  DHI A HA   
429 H  HB2  . DHI A 24 ? 0.0541 0.0562 0.0537 0.0010  0.0001  0.0052  24  DHI A HB2  
430 H  HB3  . DHI A 24 ? 0.0538 0.0565 0.0548 0.0019  0.0015  0.0054  24  DHI A HB3  
431 H  HD2  . DHI A 24 ? 0.0671 0.0570 0.0529 0.0037  0.0008  -0.0010 24  DHI A HD2  
432 H  HE1  . DHI A 24 ? 0.0582 0.0519 0.0579 0.0000  -0.0014 -0.0006 24  DHI A HE1  
433 H  HE2  . DHI A 24 ? 0.0673 0.0530 0.0577 0.0002  -0.0010 -0.0019 24  DHI A HE2  
434 ZN ZN   . ZN  B .  ? 0.0493 0.0497 0.0520 -0.0026 -0.0010 0.0004  101 ZN  A ZN   
435 O  O    . HOH C .  ? 0.1890 0.2813 0.4647 0.0324  -0.1468 -0.1180 201 HOH A O    
436 O  O    . HOH C .  ? 0.2882 0.4833 0.2696 -0.2077 -0.0752 0.0974  202 HOH A O    
437 O  O    . HOH C .  ? 0.0959 0.2280 0.0960 0.0116  0.0188  -0.0306 203 HOH A O    
438 O  O    . HOH C .  ? 0.1565 0.1547 0.1308 0.0676  -0.0552 -0.0111 204 HOH A O    
439 O  O    . HOH C .  ? 0.1924 0.0977 0.1349 -0.0730 -0.0834 0.0451  205 HOH A O    
440 O  O    . HOH C .  ? 0.0824 0.0882 0.1974 -0.0224 0.0445  -0.0453 206 HOH A O    
441 O  O    . HOH C .  ? 0.0763 0.0911 0.1296 -0.0015 -0.0164 -0.0216 207 HOH A O    
442 O  O    . HOH C .  ? 0.1053 0.0703 0.0844 -0.0077 0.0036  -0.0063 208 HOH A O    
443 O  O    . HOH C .  ? 0.2438 0.2898 0.1774 0.0318  0.0753  0.0431  209 HOH A O    
444 O  O    . HOH C .  ? 0.2774 0.3661 0.2965 0.0331  -0.0002 0.1769  210 HOH A O    
445 O  O    . HOH C .  ? 0.1797 0.2194 0.1449 -0.0243 -0.0042 0.0322  211 HOH A O    
446 O  O    . HOH C .  ? 0.0924 0.1136 0.0991 0.0008  0.0063  0.0063  212 HOH A O    
447 O  O    . HOH C .  ? 0.0907 0.1190 0.0953 0.0020  -0.0066 -0.0022 213 HOH A O    
448 O  O    . HOH C .  ? 0.1439 0.1436 0.1485 0.0309  -0.0098 -0.0224 214 HOH A O    
449 O  O    . HOH C .  ? 0.1145 0.2363 0.1332 -0.0141 -0.0007 -0.0026 215 HOH A O    
450 O  O    . HOH C .  ? 0.1222 0.0710 0.1117 -0.0109 0.0093  -0.0066 216 HOH A O    
451 O  O    . HOH C .  ? 0.1516 0.1015 0.1199 -0.0426 -0.0357 0.0014  217 HOH A O    
452 O  O    . HOH C .  ? 0.1196 0.2491 0.3502 0.0158  0.0625  0.1038  218 HOH A O    
453 O  O    . HOH C .  ? 0.4228 0.3518 0.4024 -0.1713 0.0439  0.1166  219 HOH A O    
454 O  O    . HOH C .  ? 0.1268 0.1474 0.1498 -0.0519 0.0178  -0.0377 220 HOH A O    
455 O  O    . HOH C .  ? 0.1536 0.3158 0.1296 -0.0558 -0.0295 -0.0105 221 HOH A O    
456 O  O    . HOH C .  ? 0.1587 0.3768 0.2565 -0.0277 -0.0499 0.0670  222 HOH A O    
457 O  O    . HOH C .  ? 0.1546 0.0772 0.0833 0.0107  0.0012  0.0018  223 HOH A O    
458 O  O    . HOH C .  ? 0.1734 0.2324 0.5902 -0.0174 -0.0521 0.0706  224 HOH A O    
459 O  O    . HOH C .  ? 0.2658 0.3224 0.3028 0.0410  0.1374  0.1267  225 HOH A O    
460 O  O    . HOH C .  ? 0.0938 0.2281 0.1312 0.0424  -0.0301 -0.0666 226 HOH A O    
461 O  O    . HOH C .  ? 0.1820 0.3556 0.3764 -0.0242 -0.0412 0.1766  227 HOH A O    
462 O  O    . HOH C .  ? 0.2645 0.2228 0.1147 0.0172  0.0198  -0.0188 228 HOH A O    
463 O  O    . HOH C .  ? 0.5209 0.4060 0.6060 -0.0682 0.1399  0.0584  229 HOH A O    
464 O  O    . HOH C .  ? 0.3566 0.2973 0.2410 0.1228  -0.0700 0.0050  230 HOH A O    
465 O  O    . HOH C .  ? 0.2520 0.4405 0.1835 -0.0865 0.0507  -0.0128 231 HOH A O    
466 O  O    . HOH C .  ? 0.1989 0.2907 0.2734 -0.0153 -0.0377 -0.0146 232 HOH A O    
467 O  O    . HOH C .  ? 0.2953 0.3239 0.2528 0.0599  -0.0536 -0.0396 233 HOH A O    
468 O  O    . HOH C .  ? 0.1297 0.2178 0.2195 -0.0143 0.0086  -0.1184 234 HOH A O    
469 O  O    . HOH C .  ? 0.2504 0.6153 0.2253 0.1361  0.0203  -0.0915 235 HOH A O    
# 
